data_4IBN
# 
_entry.id   4IBN 
# 
_audit_conform.dict_name       mmcif_pdbx.dic 
_audit_conform.dict_version    5.381 
_audit_conform.dict_location   http://mmcif.pdb.org/dictionaries/ascii/mmcif_pdbx.dic 
# 
loop_
_database_2.database_id 
_database_2.database_code 
_database_2.pdbx_database_accession 
_database_2.pdbx_DOI 
PDB   4IBN         pdb_00004ibn 10.2210/pdb4ibn/pdb 
RCSB  RCSB076550   ?            ?                   
WWPDB D_1000076550 ?            ?                   
# 
_pdbx_database_status.entry_id                        4IBN 
_pdbx_database_status.methods_development_category    ? 
_pdbx_database_status.deposit_site                    RCSB 
_pdbx_database_status.process_site                    PDBJ 
_pdbx_database_status.recvd_initial_deposition_date   2012-12-09 
_pdbx_database_status.status_code                     REL 
_pdbx_database_status.status_code_sf                  REL 
_pdbx_database_status.status_code_mr                  ? 
_pdbx_database_status.SG_entry                        ? 
_pdbx_database_status.status_code_cs                  ? 
_pdbx_database_status.pdb_format_compatible           Y 
_pdbx_database_status.status_code_nmr_data            ? 
# 
loop_
_audit_author.name 
_audit_author.pdbx_ordinal 
'Nguyen, T.-N.' 1 
'You, D.-J.'    2 
'Kanaya, E.'    3 
'Koga, Y.'      4 
'Kanaya, S.'    5 
# 
_citation.id                        primary 
_citation.title                     'Crystal structure of metagenome-derived LC9-RNase H1 with atypical DEDN active site motif' 
_citation.journal_abbrev            'Febs Lett.' 
_citation.journal_volume            587 
_citation.page_first                1418 
_citation.page_last                 1423 
_citation.year                      2013 
_citation.journal_id_ASTM           FEBLAL 
_citation.country                   NE 
_citation.journal_id_ISSN           0014-5793 
_citation.journal_id_CSD            0165 
_citation.book_publisher            ? 
_citation.pdbx_database_id_PubMed   23523920 
_citation.pdbx_database_id_DOI      10.1016/j.febslet.2013.03.020 
# 
loop_
_citation_author.citation_id 
_citation_author.name 
_citation_author.ordinal 
_citation_author.identifier_ORCID 
primary 'Nguyen, T.-N.' 1 ? 
primary 'You, D.-J.'    2 ? 
primary 'Kanaya, E.'    3 ? 
primary 'Koga, Y.'      4 ? 
primary 'Kanaya, S.'    5 ? 
# 
_cell.length_a           41.633 
_cell.length_b           39.913 
_cell.length_c           50.254 
_cell.angle_alpha        90.000 
_cell.angle_beta         102.640 
_cell.angle_gamma        90.000 
_cell.entry_id           4IBN 
_cell.pdbx_unique_axis   ? 
_cell.Z_PDB              2 
_cell.length_a_esd       ? 
_cell.length_b_esd       ? 
_cell.length_c_esd       ? 
_cell.angle_alpha_esd    ? 
_cell.angle_beta_esd     ? 
_cell.angle_gamma_esd    ? 
# 
_symmetry.space_group_name_H-M             'P 1 21 1' 
_symmetry.entry_id                         4IBN 
_symmetry.Int_Tables_number                4 
_symmetry.pdbx_full_space_group_name_H-M   ? 
_symmetry.cell_setting                     ? 
_symmetry.space_group_name_Hall            ? 
# 
loop_
_entity.id 
_entity.type 
_entity.src_method 
_entity.pdbx_description 
_entity.formula_weight 
_entity.pdbx_number_of_molecules 
_entity.pdbx_ec 
_entity.pdbx_mutation 
_entity.pdbx_fragment 
_entity.details 
1 polymer man 'Ribonuclease H' 23832.584 1   3.1.26.4 ? ? ? 
2 water   nat water            18.015    143 ?        ? ? ? 
# 
_entity_name_com.entity_id   1 
_entity_name_com.name        'LC9-RNase H1' 
# 
_entity_poly.entity_id                      1 
_entity_poly.type                           'polypeptide(L)' 
_entity_poly.nstd_linkage                   no 
_entity_poly.nstd_monomer                   no 
_entity_poly.pdbx_seq_one_letter_code       
;MPETRRSAGSDIPTPLVAVYADESCLGNGREGENPGGAGVLVEYARPGGAGDIVRRDVWVSEPATTNNRMALRSVIEAFR
AIGHKGTRFRVVFTTDSRYIVDGMTRWVHDWAQRGWKRKSGAIENLALWQEAVQAVNGHAVEWRWVRGHAGHAQNEYANH
LAVTAAGGQTQSGGLVDSGYEEWAARVSTAASRMRLEPFPDAAAFRPSPALPVVAAGRPS
;
_entity_poly.pdbx_seq_one_letter_code_can   
;MPETRRSAGSDIPTPLVAVYADESCLGNGREGENPGGAGVLVEYARPGGAGDIVRRDVWVSEPATTNNRMALRSVIEAFR
AIGHKGTRFRVVFTTDSRYIVDGMTRWVHDWAQRGWKRKSGAIENLALWQEAVQAVNGHAVEWRWVRGHAGHAQNEYANH
LAVTAAGGQTQSGGLVDSGYEEWAARVSTAASRMRLEPFPDAAAFRPSPALPVVAAGRPS
;
_entity_poly.pdbx_strand_id                 A 
_entity_poly.pdbx_target_identifier         ? 
# 
loop_
_entity_poly_seq.entity_id 
_entity_poly_seq.num 
_entity_poly_seq.mon_id 
_entity_poly_seq.hetero 
1 1   MET n 
1 2   PRO n 
1 3   GLU n 
1 4   THR n 
1 5   ARG n 
1 6   ARG n 
1 7   SER n 
1 8   ALA n 
1 9   GLY n 
1 10  SER n 
1 11  ASP n 
1 12  ILE n 
1 13  PRO n 
1 14  THR n 
1 15  PRO n 
1 16  LEU n 
1 17  VAL n 
1 18  ALA n 
1 19  VAL n 
1 20  TYR n 
1 21  ALA n 
1 22  ASP n 
1 23  GLU n 
1 24  SER n 
1 25  CYS n 
1 26  LEU n 
1 27  GLY n 
1 28  ASN n 
1 29  GLY n 
1 30  ARG n 
1 31  GLU n 
1 32  GLY n 
1 33  GLU n 
1 34  ASN n 
1 35  PRO n 
1 36  GLY n 
1 37  GLY n 
1 38  ALA n 
1 39  GLY n 
1 40  VAL n 
1 41  LEU n 
1 42  VAL n 
1 43  GLU n 
1 44  TYR n 
1 45  ALA n 
1 46  ARG n 
1 47  PRO n 
1 48  GLY n 
1 49  GLY n 
1 50  ALA n 
1 51  GLY n 
1 52  ASP n 
1 53  ILE n 
1 54  VAL n 
1 55  ARG n 
1 56  ARG n 
1 57  ASP n 
1 58  VAL n 
1 59  TRP n 
1 60  VAL n 
1 61  SER n 
1 62  GLU n 
1 63  PRO n 
1 64  ALA n 
1 65  THR n 
1 66  THR n 
1 67  ASN n 
1 68  ASN n 
1 69  ARG n 
1 70  MET n 
1 71  ALA n 
1 72  LEU n 
1 73  ARG n 
1 74  SER n 
1 75  VAL n 
1 76  ILE n 
1 77  GLU n 
1 78  ALA n 
1 79  PHE n 
1 80  ARG n 
1 81  ALA n 
1 82  ILE n 
1 83  GLY n 
1 84  HIS n 
1 85  LYS n 
1 86  GLY n 
1 87  THR n 
1 88  ARG n 
1 89  PHE n 
1 90  ARG n 
1 91  VAL n 
1 92  VAL n 
1 93  PHE n 
1 94  THR n 
1 95  THR n 
1 96  ASP n 
1 97  SER n 
1 98  ARG n 
1 99  TYR n 
1 100 ILE n 
1 101 VAL n 
1 102 ASP n 
1 103 GLY n 
1 104 MET n 
1 105 THR n 
1 106 ARG n 
1 107 TRP n 
1 108 VAL n 
1 109 HIS n 
1 110 ASP n 
1 111 TRP n 
1 112 ALA n 
1 113 GLN n 
1 114 ARG n 
1 115 GLY n 
1 116 TRP n 
1 117 LYS n 
1 118 ARG n 
1 119 LYS n 
1 120 SER n 
1 121 GLY n 
1 122 ALA n 
1 123 ILE n 
1 124 GLU n 
1 125 ASN n 
1 126 LEU n 
1 127 ALA n 
1 128 LEU n 
1 129 TRP n 
1 130 GLN n 
1 131 GLU n 
1 132 ALA n 
1 133 VAL n 
1 134 GLN n 
1 135 ALA n 
1 136 VAL n 
1 137 ASN n 
1 138 GLY n 
1 139 HIS n 
1 140 ALA n 
1 141 VAL n 
1 142 GLU n 
1 143 TRP n 
1 144 ARG n 
1 145 TRP n 
1 146 VAL n 
1 147 ARG n 
1 148 GLY n 
1 149 HIS n 
1 150 ALA n 
1 151 GLY n 
1 152 HIS n 
1 153 ALA n 
1 154 GLN n 
1 155 ASN n 
1 156 GLU n 
1 157 TYR n 
1 158 ALA n 
1 159 ASN n 
1 160 HIS n 
1 161 LEU n 
1 162 ALA n 
1 163 VAL n 
1 164 THR n 
1 165 ALA n 
1 166 ALA n 
1 167 GLY n 
1 168 GLY n 
1 169 GLN n 
1 170 THR n 
1 171 GLN n 
1 172 SER n 
1 173 GLY n 
1 174 GLY n 
1 175 LEU n 
1 176 VAL n 
1 177 ASP n 
1 178 SER n 
1 179 GLY n 
1 180 TYR n 
1 181 GLU n 
1 182 GLU n 
1 183 TRP n 
1 184 ALA n 
1 185 ALA n 
1 186 ARG n 
1 187 VAL n 
1 188 SER n 
1 189 THR n 
1 190 ALA n 
1 191 ALA n 
1 192 SER n 
1 193 ARG n 
1 194 MET n 
1 195 ARG n 
1 196 LEU n 
1 197 GLU n 
1 198 PRO n 
1 199 PHE n 
1 200 PRO n 
1 201 ASP n 
1 202 ALA n 
1 203 ALA n 
1 204 ALA n 
1 205 PHE n 
1 206 ARG n 
1 207 PRO n 
1 208 SER n 
1 209 PRO n 
1 210 ALA n 
1 211 LEU n 
1 212 PRO n 
1 213 VAL n 
1 214 VAL n 
1 215 ALA n 
1 216 ALA n 
1 217 GLY n 
1 218 ARG n 
1 219 PRO n 
1 220 SER n 
# 
_entity_src_gen.entity_id                          1 
_entity_src_gen.pdbx_src_id                        1 
_entity_src_gen.pdbx_alt_source_flag               sample 
_entity_src_gen.pdbx_seq_type                      ? 
_entity_src_gen.pdbx_beg_seq_num                   ? 
_entity_src_gen.pdbx_end_seq_num                   ? 
_entity_src_gen.gene_src_common_name               ? 
_entity_src_gen.gene_src_genus                     ? 
_entity_src_gen.pdbx_gene_src_gene                 ? 
_entity_src_gen.gene_src_species                   ? 
_entity_src_gen.gene_src_strain                    ? 
_entity_src_gen.gene_src_tissue                    ? 
_entity_src_gen.gene_src_tissue_fraction           ? 
_entity_src_gen.gene_src_details                   ? 
_entity_src_gen.pdbx_gene_src_fragment             ? 
_entity_src_gen.pdbx_gene_src_scientific_name      'uncultured organism' 
_entity_src_gen.pdbx_gene_src_ncbi_taxonomy_id     155900 
_entity_src_gen.pdbx_gene_src_variant              ? 
_entity_src_gen.pdbx_gene_src_cell_line            ? 
_entity_src_gen.pdbx_gene_src_atcc                 ? 
_entity_src_gen.pdbx_gene_src_organ                ? 
_entity_src_gen.pdbx_gene_src_organelle            ? 
_entity_src_gen.pdbx_gene_src_cell                 ? 
_entity_src_gen.pdbx_gene_src_cellular_location    ? 
_entity_src_gen.host_org_common_name               ? 
_entity_src_gen.pdbx_host_org_scientific_name      'Escherichia coli' 
_entity_src_gen.pdbx_host_org_ncbi_taxonomy_id     562 
_entity_src_gen.host_org_genus                     ? 
_entity_src_gen.pdbx_host_org_gene                 ? 
_entity_src_gen.pdbx_host_org_organ                ? 
_entity_src_gen.host_org_species                   ? 
_entity_src_gen.pdbx_host_org_tissue               ? 
_entity_src_gen.pdbx_host_org_tissue_fraction      ? 
_entity_src_gen.pdbx_host_org_strain               'MIC2067(DE3)' 
_entity_src_gen.pdbx_host_org_variant              ? 
_entity_src_gen.pdbx_host_org_cell_line            ? 
_entity_src_gen.pdbx_host_org_atcc                 ? 
_entity_src_gen.pdbx_host_org_culture_collection   ? 
_entity_src_gen.pdbx_host_org_cell                 ? 
_entity_src_gen.pdbx_host_org_organelle            ? 
_entity_src_gen.pdbx_host_org_cellular_location    ? 
_entity_src_gen.pdbx_host_org_vector_type          Plasmid 
_entity_src_gen.pdbx_host_org_vector               ? 
_entity_src_gen.host_org_details                   ? 
_entity_src_gen.expression_system_id               ? 
_entity_src_gen.plasmid_name                       pET25b 
_entity_src_gen.plasmid_details                    ? 
_entity_src_gen.pdbx_description                   ? 
# 
_struct_ref.id                         1 
_struct_ref.db_name                    UNP 
_struct_ref.db_code                    E0X765_9ZZZZ 
_struct_ref.pdbx_db_accession          E0X765 
_struct_ref.entity_id                  1 
_struct_ref.pdbx_seq_one_letter_code   
;MPETRRSAGSDIPTPLVAVYADESCLGNGREGENPGGAGVLVEYARPGGAGDIVRRDVWVSEPATTNNRMALRSVIEAFR
AIGHKGTRFRVVFTTDSRYIVDGMTRWVHDWAQRGWKRKSGAIENLALWQEAVQAVNGHAVEWRWVRGHAGHAQNEYANH
LAVTAAGGQTQSGGLVDSGYEEWAARVSTAASRMRLEPFPDAAAFRPSPALPVVAAGRPS
;
_struct_ref.pdbx_align_begin           1 
_struct_ref.pdbx_db_isoform            ? 
# 
_struct_ref_seq.align_id                      1 
_struct_ref_seq.ref_id                        1 
_struct_ref_seq.pdbx_PDB_id_code              4IBN 
_struct_ref_seq.pdbx_strand_id                A 
_struct_ref_seq.seq_align_beg                 1 
_struct_ref_seq.pdbx_seq_align_beg_ins_code   ? 
_struct_ref_seq.seq_align_end                 220 
_struct_ref_seq.pdbx_seq_align_end_ins_code   ? 
_struct_ref_seq.pdbx_db_accession             E0X765 
_struct_ref_seq.db_align_beg                  1 
_struct_ref_seq.pdbx_db_align_beg_ins_code    ? 
_struct_ref_seq.db_align_end                  220 
_struct_ref_seq.pdbx_db_align_end_ins_code    ? 
_struct_ref_seq.pdbx_auth_seq_align_beg       1 
_struct_ref_seq.pdbx_auth_seq_align_end       220 
# 
loop_
_chem_comp.id 
_chem_comp.type 
_chem_comp.mon_nstd_flag 
_chem_comp.name 
_chem_comp.pdbx_synonyms 
_chem_comp.formula 
_chem_comp.formula_weight 
ALA 'L-peptide linking' y ALANINE         ? 'C3 H7 N O2'     89.093  
ARG 'L-peptide linking' y ARGININE        ? 'C6 H15 N4 O2 1' 175.209 
ASN 'L-peptide linking' y ASPARAGINE      ? 'C4 H8 N2 O3'    132.118 
ASP 'L-peptide linking' y 'ASPARTIC ACID' ? 'C4 H7 N O4'     133.103 
CYS 'L-peptide linking' y CYSTEINE        ? 'C3 H7 N O2 S'   121.158 
GLN 'L-peptide linking' y GLUTAMINE       ? 'C5 H10 N2 O3'   146.144 
GLU 'L-peptide linking' y 'GLUTAMIC ACID' ? 'C5 H9 N O4'     147.129 
GLY 'peptide linking'   y GLYCINE         ? 'C2 H5 N O2'     75.067  
HIS 'L-peptide linking' y HISTIDINE       ? 'C6 H10 N3 O2 1' 156.162 
HOH non-polymer         . WATER           ? 'H2 O'           18.015  
ILE 'L-peptide linking' y ISOLEUCINE      ? 'C6 H13 N O2'    131.173 
LEU 'L-peptide linking' y LEUCINE         ? 'C6 H13 N O2'    131.173 
LYS 'L-peptide linking' y LYSINE          ? 'C6 H15 N2 O2 1' 147.195 
MET 'L-peptide linking' y METHIONINE      ? 'C5 H11 N O2 S'  149.211 
PHE 'L-peptide linking' y PHENYLALANINE   ? 'C9 H11 N O2'    165.189 
PRO 'L-peptide linking' y PROLINE         ? 'C5 H9 N O2'     115.130 
SER 'L-peptide linking' y SERINE          ? 'C3 H7 N O3'     105.093 
THR 'L-peptide linking' y THREONINE       ? 'C4 H9 N O3'     119.119 
TRP 'L-peptide linking' y TRYPTOPHAN      ? 'C11 H12 N2 O2'  204.225 
TYR 'L-peptide linking' y TYROSINE        ? 'C9 H11 N O3'    181.189 
VAL 'L-peptide linking' y VALINE          ? 'C5 H11 N O2'    117.146 
# 
_exptl.crystals_number   1 
_exptl.entry_id          4IBN 
_exptl.method            'X-RAY DIFFRACTION' 
# 
_exptl_crystal.id                    1 
_exptl_crystal.pdbx_mosaicity        0.962 
_exptl_crystal.pdbx_mosaicity_esd    ? 
_exptl_crystal.density_Matthews      1.71 
_exptl_crystal.density_diffrn        ? 
_exptl_crystal.density_meas          ? 
_exptl_crystal.density_meas_temp     ? 
_exptl_crystal.density_percent_sol   28.05 
_exptl_crystal.size_max              ? 
_exptl_crystal.size_mid              ? 
_exptl_crystal.size_min              ? 
_exptl_crystal.size_rad              ? 
_exptl_crystal.description           ? 
_exptl_crystal.F_000                 ? 
_exptl_crystal.preparation           ? 
# 
_exptl_crystal_grow.crystal_id      1 
_exptl_crystal_grow.method          'VAPOR DIFFUSION, SITTING DROP' 
_exptl_crystal_grow.pH              8.5 
_exptl_crystal_grow.temp            277 
_exptl_crystal_grow.temp_details    ? 
_exptl_crystal_grow.pdbx_details    
'100mM Tris-HCl, 200mM MgCl2.6H2O, 30% PEG 4000, pH 8.5, VAPOR DIFFUSION, SITTING DROP, temperature 277K' 
_exptl_crystal_grow.pdbx_pH_range   . 
# 
_diffrn.id                     1 
_diffrn.ambient_temp           100 
_diffrn.ambient_temp_details   ? 
_diffrn.crystal_id             1 
# 
_diffrn_detector.diffrn_id              1 
_diffrn_detector.detector               CCD 
_diffrn_detector.type                   'BRUKER SMART 6500' 
_diffrn_detector.pdbx_collection_date   2012-06-09 
_diffrn_detector.details                ? 
# 
_diffrn_radiation.diffrn_id                        1 
_diffrn_radiation.wavelength_id                    1 
_diffrn_radiation.pdbx_diffrn_protocol             'SINGLE WAVELENGTH' 
_diffrn_radiation.monochromator                    'horizontal focusing mirror' 
_diffrn_radiation.pdbx_monochromatic_or_laue_m_l   M 
_diffrn_radiation.pdbx_scattering_type             x-ray 
# 
_diffrn_radiation_wavelength.id           1 
_diffrn_radiation_wavelength.wavelength   0.9 
_diffrn_radiation_wavelength.wt           1.0 
# 
_diffrn_source.diffrn_id                   1 
_diffrn_source.source                      SYNCHROTRON 
_diffrn_source.type                        'SPRING-8 BEAMLINE BL44XU' 
_diffrn_source.pdbx_wavelength             ? 
_diffrn_source.pdbx_wavelength_list        0.9 
_diffrn_source.pdbx_synchrotron_site       SPring-8 
_diffrn_source.pdbx_synchrotron_beamline   BL44XU 
# 
_reflns.entry_id                     4IBN 
_reflns.d_resolution_high            1.620 
_reflns.d_resolution_low             50.000 
_reflns.number_obs                   20537 
_reflns.pdbx_Rmerge_I_obs            0.077 
_reflns.pdbx_netI_over_sigmaI        43.648 
_reflns.pdbx_chi_squared             0.993 
_reflns.pdbx_redundancy              13.7 
_reflns.percent_possible_obs         99.200 
_reflns.observed_criterion_sigma_F   0 
_reflns.observed_criterion_sigma_I   -3 
_reflns.number_all                   ? 
_reflns.pdbx_Rsym_value              0.077 
_reflns.B_iso_Wilson_estimate        ? 
_reflns.R_free_details               ? 
_reflns.limit_h_max                  ? 
_reflns.limit_h_min                  ? 
_reflns.limit_k_max                  ? 
_reflns.limit_k_min                  ? 
_reflns.limit_l_max                  ? 
_reflns.limit_l_min                  ? 
_reflns.observed_criterion_F_max     ? 
_reflns.observed_criterion_F_min     ? 
_reflns.pdbx_scaling_rejects         ? 
_reflns.pdbx_ordinal                 1 
_reflns.pdbx_diffrn_id               1 
# 
loop_
_reflns_shell.d_res_high 
_reflns_shell.d_res_low 
_reflns_shell.number_measured_obs 
_reflns_shell.number_measured_all 
_reflns_shell.number_unique_obs 
_reflns_shell.pdbx_rejects 
_reflns_shell.Rmerge_I_obs 
_reflns_shell.meanI_over_sigI_obs 
_reflns_shell.pdbx_Rsym_value 
_reflns_shell.pdbx_chi_squared 
_reflns_shell.pdbx_redundancy 
_reflns_shell.percent_possible_obs 
_reflns_shell.pdbx_netI_over_sigmaI_obs 
_reflns_shell.number_possible 
_reflns_shell.number_unique_all 
_reflns_shell.Rmerge_F_all 
_reflns_shell.Rmerge_F_obs 
_reflns_shell.Rmerge_I_all 
_reflns_shell.meanI_over_sigI_all 
_reflns_shell.percent_possible_all 
_reflns_shell.pdbx_Rrim_I_all 
_reflns_shell.pdbx_Rpim_I_all 
_reflns_shell.pdbx_ordinal 
_reflns_shell.pdbx_diffrn_id 
1.620 1.650  ? ? ? ? 0.349 ? ? 0.367 13.700 ? ? ? 1000 ? ? ? ? 96.200  ? ? 1  1 
1.650 1.680  ? ? ? ? 0.317 ? ? 0.374 15.000 ? ? ? 1020 ? ? ? ? 100.000 ? ? 2  1 
1.680 1.710  ? ? ? ? 0.286 ? ? 0.399 15.100 ? ? ? 1009 ? ? ? ? 100.000 ? ? 3  1 
1.710 1.750  ? ? ? ? 0.257 ? ? 0.415 15.000 ? ? ? 1053 ? ? ? ? 100.000 ? ? 4  1 
1.750 1.780  ? ? ? ? 0.225 ? ? 0.434 15.100 ? ? ? 995  ? ? ? ? 100.000 ? ? 5  1 
1.780 1.820  ? ? ? ? 0.181 ? ? 0.490 15.000 ? ? ? 1033 ? ? ? ? 100.000 ? ? 6  1 
1.820 1.870  ? ? ? ? 0.170 ? ? 0.557 15.200 ? ? ? 1020 ? ? ? ? 100.000 ? ? 7  1 
1.870 1.920  ? ? ? ? 0.150 ? ? 0.614 15.100 ? ? ? 1040 ? ? ? ? 100.000 ? ? 8  1 
1.920 1.980  ? ? ? ? 0.134 ? ? 0.677 15.100 ? ? ? 1010 ? ? ? ? 100.000 ? ? 9  1 
1.980 2.040  ? ? ? ? 0.121 ? ? 0.773 15.100 ? ? ? 1039 ? ? ? ? 100.000 ? ? 10 1 
2.040 2.110  ? ? ? ? 0.104 ? ? 0.855 15.100 ? ? ? 1034 ? ? ? ? 100.000 ? ? 11 1 
2.110 2.200  ? ? ? ? 0.100 ? ? 0.960 15.100 ? ? ? 1045 ? ? ? ? 100.000 ? ? 12 1 
2.200 2.300  ? ? ? ? 0.094 ? ? 1.016 15.200 ? ? ? 1039 ? ? ? ? 100.000 ? ? 13 1 
2.300 2.420  ? ? ? ? 0.085 ? ? 1.073 15.100 ? ? ? 1019 ? ? ? ? 100.000 ? ? 14 1 
2.420 2.570  ? ? ? ? 0.082 ? ? 1.196 15.100 ? ? ? 1025 ? ? ? ? 100.000 ? ? 15 1 
2.570 2.770  ? ? ? ? 0.088 ? ? 1.517 15.100 ? ? ? 1047 ? ? ? ? 100.000 ? ? 16 1 
2.770 3.050  ? ? ? ? 0.092 ? ? 2.273 14.800 ? ? ? 1041 ? ? ? ? 100.000 ? ? 17 1 
3.050 3.490  ? ? ? ? 0.083 ? ? 2.565 14.400 ? ? ? 1029 ? ? ? ? 99.100  ? ? 18 1 
3.490 4.400  ? ? ? ? 0.059 ? ? 1.886 14.200 ? ? ? 1001 ? ? ? ? 95.100  ? ? 19 1 
4.400 50.000 ? ? ? ? 0.050 ? ? 1.527 13.700 ? ? ? 1038 ? ? ? ? 94.900  ? ? 20 1 
# 
_refine.entry_id                                 4IBN 
_refine.ls_d_res_high                            1.6200 
_refine.ls_d_res_low                             49.0400 
_refine.pdbx_ls_sigma_F                          0.000 
_refine.pdbx_data_cutoff_high_absF               ? 
_refine.pdbx_data_cutoff_low_absF                ? 
_refine.ls_percent_reflns_obs                    99.1900 
_refine.ls_number_reflns_obs                     20485 
_refine.ls_number_reflns_all                     20537 
_refine.pdbx_ls_cross_valid_method               THROUGHOUT 
_refine.pdbx_R_Free_selection_details            RANDOM 
_refine.details                                  'HYDROGENS HAVE BEEN ADDED IN THE RIDING POSITIONS U VALUES: REFINED INDIVIDUALLY' 
_refine.ls_R_factor_all                          0.179 
_refine.ls_R_factor_obs                          0.1790 
_refine.ls_R_factor_R_work                       0.1771 
_refine.ls_wR_factor_R_work                      0.1814 
_refine.ls_R_factor_R_free                       0.2152 
_refine.ls_wR_factor_R_free                      0.2203 
_refine.ls_percent_reflns_R_free                 5.1000 
_refine.ls_number_reflns_R_free                  1039 
_refine.ls_R_factor_R_free_error                 ? 
_refine.B_iso_mean                               25.5324 
_refine.solvent_model_param_bsol                 ? 
_refine.solvent_model_param_ksol                 ? 
_refine.pdbx_isotropic_thermal_model             ? 
_refine.aniso_B[1][1]                            0.9300 
_refine.aniso_B[2][2]                            0.3900 
_refine.aniso_B[3][3]                            -0.9300 
_refine.aniso_B[1][2]                            -0.0000 
_refine.aniso_B[1][3]                            0.8900 
_refine.aniso_B[2][3]                            -0.0000 
_refine.correlation_coeff_Fo_to_Fc               0.9650 
_refine.correlation_coeff_Fo_to_Fc_free          0.9490 
_refine.overall_SU_R_Cruickshank_DPI             0.1101 
_refine.overall_SU_R_free                        0.1069 
_refine.pdbx_overall_ESU_R                       0.1100 
_refine.pdbx_overall_ESU_R_Free                  0.1070 
_refine.overall_SU_ML                            0.0670 
_refine.overall_SU_B                             1.8810 
_refine.solvent_model_details                    MASK 
_refine.pdbx_solvent_vdw_probe_radii             1.4000 
_refine.pdbx_solvent_ion_probe_radii             0.8000 
_refine.pdbx_solvent_shrinkage_radii             0.8000 
_refine.ls_number_parameters                     ? 
_refine.ls_number_restraints                     ? 
_refine.pdbx_starting_model                      2EHG 
_refine.pdbx_method_to_determine_struct          'MOLECULAR REPLACEMENT' 
_refine.pdbx_stereochemistry_target_values       'MAXIMUM LIKELIHOOD' 
_refine.pdbx_stereochem_target_val_spec_case     ? 
_refine.overall_FOM_work_R_set                   0.8556 
_refine.B_iso_max                                69.290 
_refine.B_iso_min                                13.110 
_refine.pdbx_overall_phase_error                 ? 
_refine.occupancy_max                            1.000 
_refine.occupancy_min                            1.000 
_refine.pdbx_ls_sigma_I                          ? 
_refine.ls_redundancy_reflns_obs                 ? 
_refine.ls_R_factor_R_free_error_details         ? 
_refine.pdbx_data_cutoff_high_rms_absF           ? 
_refine.overall_FOM_free_R_set                   ? 
_refine.pdbx_diffrn_id                           1 
_refine.pdbx_refine_id                           'X-RAY DIFFRACTION' 
_refine.pdbx_TLS_residual_ADP_flag               ? 
_refine.pdbx_overall_SU_R_free_Cruickshank_DPI   ? 
_refine.pdbx_overall_SU_R_Blow_DPI               ? 
_refine.pdbx_overall_SU_R_free_Blow_DPI          ? 
# 
_refine_hist.pdbx_refine_id                   'X-RAY DIFFRACTION' 
_refine_hist.cycle_id                         LAST 
_refine_hist.pdbx_number_atoms_protein        1613 
_refine_hist.pdbx_number_atoms_nucleic_acid   0 
_refine_hist.pdbx_number_atoms_ligand         0 
_refine_hist.number_atoms_solvent             143 
_refine_hist.number_atoms_total               1756 
_refine_hist.d_res_high                       1.6200 
_refine_hist.d_res_low                        49.0400 
# 
loop_
_refine_ls_restr.type 
_refine_ls_restr.number 
_refine_ls_restr.dev_ideal 
_refine_ls_restr.dev_ideal_target 
_refine_ls_restr.weight 
_refine_ls_restr.pdbx_restraint_function 
_refine_ls_restr.pdbx_refine_id 
r_bond_refined_d       1655 0.008  0.021  ? ? 'X-RAY DIFFRACTION' 
r_angle_refined_deg    2255 1.022  1.914  ? ? 'X-RAY DIFFRACTION' 
r_dihedral_angle_1_deg 210  7.372  5.000  ? ? 'X-RAY DIFFRACTION' 
r_dihedral_angle_2_deg 80   32.563 22.000 ? ? 'X-RAY DIFFRACTION' 
r_dihedral_angle_3_deg 236  14.593 15.000 ? ? 'X-RAY DIFFRACTION' 
r_dihedral_angle_4_deg 20   16.451 15.000 ? ? 'X-RAY DIFFRACTION' 
r_chiral_restr         235  0.088  0.200  ? ? 'X-RAY DIFFRACTION' 
r_gen_planes_refined   1323 0.017  0.021  ? ? 'X-RAY DIFFRACTION' 
r_mcbond_it            1043 1.852  1.500  ? ? 'X-RAY DIFFRACTION' 
r_mcangle_it           1657 2.991  2.000  ? ? 'X-RAY DIFFRACTION' 
r_scbond_it            612  4.343  3.000  ? ? 'X-RAY DIFFRACTION' 
r_scangle_it           598  6.862  4.500  ? ? 'X-RAY DIFFRACTION' 
# 
_refine_ls_shell.d_res_high                       1.6210 
_refine_ls_shell.d_res_low                        1.6630 
_refine_ls_shell.pdbx_total_number_of_bins_used   20 
_refine_ls_shell.percent_reflns_obs               99.1400 
_refine_ls_shell.number_reflns_R_work             1417 
_refine_ls_shell.R_factor_all                     ? 
_refine_ls_shell.R_factor_R_work                  0.1750 
_refine_ls_shell.R_factor_R_free                  0.2120 
_refine_ls_shell.percent_reflns_R_free            ? 
_refine_ls_shell.number_reflns_R_free             76 
_refine_ls_shell.R_factor_R_free_error            ? 
_refine_ls_shell.number_reflns_all                1493 
_refine_ls_shell.number_reflns_obs                ? 
_refine_ls_shell.pdbx_refine_id                   'X-RAY DIFFRACTION' 
_refine_ls_shell.redundancy_reflns_obs            ? 
# 
_struct.entry_id                  4IBN 
_struct.title                     'Crystal structure of LC9-RNase H1, a type 1 RNase H with the type 2 active-site motif' 
_struct.pdbx_model_details        ? 
_struct.pdbx_CASP_flag            ? 
_struct.pdbx_model_type_details   ? 
# 
_struct_keywords.entry_id        4IBN 
_struct_keywords.pdbx_keywords   HYDROLASE 
_struct_keywords.text            
;RNase H, Ribonuclease H, Hydrolase', HYDROLASE
;
# 
loop_
_struct_asym.id 
_struct_asym.pdbx_blank_PDB_chainid_flag 
_struct_asym.pdbx_modified 
_struct_asym.entity_id 
_struct_asym.details 
A N N 1 ? 
B N N 2 ? 
# 
_struct_biol.id        1 
_struct_biol.details   ? 
# 
loop_
_struct_conf.conf_type_id 
_struct_conf.id 
_struct_conf.pdbx_PDB_helix_id 
_struct_conf.beg_label_comp_id 
_struct_conf.beg_label_asym_id 
_struct_conf.beg_label_seq_id 
_struct_conf.pdbx_beg_PDB_ins_code 
_struct_conf.end_label_comp_id 
_struct_conf.end_label_asym_id 
_struct_conf.end_label_seq_id 
_struct_conf.pdbx_end_PDB_ins_code 
_struct_conf.beg_auth_comp_id 
_struct_conf.beg_auth_asym_id 
_struct_conf.beg_auth_seq_id 
_struct_conf.end_auth_comp_id 
_struct_conf.end_auth_asym_id 
_struct_conf.end_auth_seq_id 
_struct_conf.pdbx_PDB_helix_class 
_struct_conf.details 
_struct_conf.pdbx_PDB_helix_length 
HELX_P HELX_P1 1 THR A 66  ? GLY A 83  ? THR A 66  GLY A 83  1 ? 18 
HELX_P HELX_P2 2 HIS A 84  ? GLY A 86  ? HIS A 84  GLY A 86  5 ? 3  
HELX_P HELX_P3 3 SER A 97  ? ARG A 106 ? SER A 97  ARG A 106 1 ? 10 
HELX_P HELX_P4 4 ARG A 106 ? ARG A 114 ? ARG A 106 ARG A 114 1 ? 9  
HELX_P HELX_P5 5 ASN A 125 ? ASN A 137 ? ASN A 125 ASN A 137 1 ? 13 
HELX_P HELX_P6 6 HIS A 152 ? GLN A 169 ? HIS A 152 GLN A 169 1 ? 18 
HELX_P HELX_P7 7 GLY A 179 ? ALA A 185 ? GLY A 179 ALA A 185 1 ? 7  
HELX_P HELX_P8 8 ARG A 186 ? ARG A 193 ? ARG A 186 ARG A 193 1 ? 8  
# 
_struct_conf_type.id          HELX_P 
_struct_conf_type.criteria    ? 
_struct_conf_type.reference   ? 
# 
_struct_sheet.id               A 
_struct_sheet.type             ? 
_struct_sheet.number_strands   6 
_struct_sheet.details          ? 
# 
loop_
_struct_sheet_order.sheet_id 
_struct_sheet_order.range_id_1 
_struct_sheet_order.range_id_2 
_struct_sheet_order.offset 
_struct_sheet_order.sense 
A 1 2 ? parallel      
A 2 3 ? parallel      
A 3 4 ? anti-parallel 
A 4 5 ? anti-parallel 
A 5 6 ? anti-parallel 
# 
loop_
_struct_sheet_range.sheet_id 
_struct_sheet_range.id 
_struct_sheet_range.beg_label_comp_id 
_struct_sheet_range.beg_label_asym_id 
_struct_sheet_range.beg_label_seq_id 
_struct_sheet_range.pdbx_beg_PDB_ins_code 
_struct_sheet_range.end_label_comp_id 
_struct_sheet_range.end_label_asym_id 
_struct_sheet_range.end_label_seq_id 
_struct_sheet_range.pdbx_end_PDB_ins_code 
_struct_sheet_range.beg_auth_comp_id 
_struct_sheet_range.beg_auth_asym_id 
_struct_sheet_range.beg_auth_seq_id 
_struct_sheet_range.end_auth_comp_id 
_struct_sheet_range.end_auth_asym_id 
_struct_sheet_range.end_auth_seq_id 
A 1 ALA A 140 ? TRP A 145 ? ALA A 140 TRP A 145 
A 2 ARG A 90  ? THR A 95  ? ARG A 90  THR A 95  
A 3 LEU A 16  ? CYS A 25  ? LEU A 16  CYS A 25  
A 4 ASN A 34  ? ALA A 45  ? ASN A 34  ALA A 45  
A 5 ILE A 53  ? THR A 65  ? ILE A 53  THR A 65  
A 6 VAL A 176 ? ASP A 177 ? VAL A 176 ASP A 177 
# 
loop_
_pdbx_struct_sheet_hbond.sheet_id 
_pdbx_struct_sheet_hbond.range_id_1 
_pdbx_struct_sheet_hbond.range_id_2 
_pdbx_struct_sheet_hbond.range_1_label_atom_id 
_pdbx_struct_sheet_hbond.range_1_label_comp_id 
_pdbx_struct_sheet_hbond.range_1_label_asym_id 
_pdbx_struct_sheet_hbond.range_1_label_seq_id 
_pdbx_struct_sheet_hbond.range_1_PDB_ins_code 
_pdbx_struct_sheet_hbond.range_1_auth_atom_id 
_pdbx_struct_sheet_hbond.range_1_auth_comp_id 
_pdbx_struct_sheet_hbond.range_1_auth_asym_id 
_pdbx_struct_sheet_hbond.range_1_auth_seq_id 
_pdbx_struct_sheet_hbond.range_2_label_atom_id 
_pdbx_struct_sheet_hbond.range_2_label_comp_id 
_pdbx_struct_sheet_hbond.range_2_label_asym_id 
_pdbx_struct_sheet_hbond.range_2_label_seq_id 
_pdbx_struct_sheet_hbond.range_2_PDB_ins_code 
_pdbx_struct_sheet_hbond.range_2_auth_atom_id 
_pdbx_struct_sheet_hbond.range_2_auth_comp_id 
_pdbx_struct_sheet_hbond.range_2_auth_asym_id 
_pdbx_struct_sheet_hbond.range_2_auth_seq_id 
A 1 2 O ARG A 144 ? O ARG A 144 N PHE A 93  ? N PHE A 93  
A 2 3 O VAL A 92  ? O VAL A 92  N VAL A 19  ? N VAL A 19  
A 3 4 N ALA A 18  ? N ALA A 18  O GLU A 43  ? O GLU A 43  
A 4 5 N VAL A 42  ? N VAL A 42  O ARG A 56  ? O ARG A 56  
A 5 6 N ASP A 57  ? N ASP A 57  O VAL A 176 ? O VAL A 176 
# 
_atom_sites.entry_id                    4IBN 
_atom_sites.fract_transf_matrix[1][1]   0.00612051 
_atom_sites.fract_transf_matrix[1][2]   -0.01598053 
_atom_sites.fract_transf_matrix[1][3]   -0.01769355 
_atom_sites.fract_transf_matrix[2][1]   0.02389760 
_atom_sites.fract_transf_matrix[2][2]   0.00087954 
_atom_sites.fract_transf_matrix[2][3]   0.00747222 
_atom_sites.fract_transf_matrix[3][1]   -0.00224175 
_atom_sites.fract_transf_matrix[3][2]   -0.01801510 
_atom_sites.fract_transf_matrix[3][3]   0.00929006 
_atom_sites.fract_transf_vector[1]      0.499708 
_atom_sites.fract_transf_vector[2]      0.512200 
_atom_sites.fract_transf_vector[3]      0.691774 
# 
loop_
_atom_type.symbol 
C 
N 
O 
S 
# 
loop_
_atom_site.group_PDB 
_atom_site.id 
_atom_site.type_symbol 
_atom_site.label_atom_id 
_atom_site.label_alt_id 
_atom_site.label_comp_id 
_atom_site.label_asym_id 
_atom_site.label_entity_id 
_atom_site.label_seq_id 
_atom_site.pdbx_PDB_ins_code 
_atom_site.Cartn_x 
_atom_site.Cartn_y 
_atom_site.Cartn_z 
_atom_site.occupancy 
_atom_site.B_iso_or_equiv 
_atom_site.pdbx_formal_charge 
_atom_site.auth_seq_id 
_atom_site.auth_comp_id 
_atom_site.auth_asym_id 
_atom_site.auth_atom_id 
_atom_site.pdbx_PDB_model_num 
ATOM   1    N N   . SER A 1 10  ? 10.487  -26.054 -4.259  1.00 55.14 ? 10  SER A N   1 
ATOM   2    C CA  . SER A 1 10  ? 9.549   -25.061 -3.789  1.00 54.06 ? 10  SER A CA  1 
ATOM   3    C C   . SER A 1 10  ? 10.228  -24.163 -2.791  1.00 52.82 ? 10  SER A C   1 
ATOM   4    O O   . SER A 1 10  ? 11.415  -24.284 -2.559  1.00 53.96 ? 10  SER A O   1 
ATOM   5    C CB  . SER A 1 10  ? 8.357   -25.754 -3.156  1.00 55.09 ? 10  SER A CB  1 
ATOM   6    O OG  . SER A 1 10  ? 7.220   -24.949 -3.149  1.00 56.10 ? 10  SER A OG  1 
ATOM   7    N N   . ASP A 1 11  ? 9.435   -23.277 -2.209  1.00 49.59 ? 11  ASP A N   1 
ATOM   8    C CA  . ASP A 1 11  ? 9.864   -22.098 -1.511  1.00 45.22 ? 11  ASP A CA  1 
ATOM   9    C C   . ASP A 1 11  ? 10.155  -22.336 -0.038  1.00 38.93 ? 11  ASP A C   1 
ATOM   10   O O   . ASP A 1 11  ? 9.439   -23.005 0.625   1.00 40.91 ? 11  ASP A O   1 
ATOM   11   C CB  . ASP A 1 11  ? 8.746   -21.074 -1.664  1.00 46.36 ? 11  ASP A CB  1 
ATOM   12   C CG  . ASP A 1 11  ? 9.216   -19.608 -1.505  1.00 52.51 ? 11  ASP A CG  1 
ATOM   13   O OD1 . ASP A 1 11  ? 9.994   -19.293 -0.592  1.00 52.07 ? 11  ASP A OD1 1 
ATOM   14   O OD2 . ASP A 1 11  ? 8.776   -18.766 -2.307  1.00 55.47 ? 11  ASP A OD2 1 
ATOM   15   N N   . ILE A 1 12  ? 11.185  -21.726 0.480   1.00 33.84 ? 12  ILE A N   1 
ATOM   16   C CA  . ILE A 1 12  ? 11.431  -21.815 1.901   1.00 25.85 ? 12  ILE A CA  1 
ATOM   17   C C   . ILE A 1 12  ? 10.324  -21.057 2.658   1.00 23.49 ? 12  ILE A C   1 
ATOM   18   O O   . ILE A 1 12  ? 9.583   -20.336 2.073   1.00 22.76 ? 12  ILE A O   1 
ATOM   19   C CB  . ILE A 1 12  ? 12.784  -21.277 2.281   1.00 26.91 ? 12  ILE A CB  1 
ATOM   20   C CG1 . ILE A 1 12  ? 12.911  -19.828 1.910   1.00 27.36 ? 12  ILE A CG1 1 
ATOM   21   C CG2 . ILE A 1 12  ? 13.864  -22.054 1.564   1.00 28.05 ? 12  ILE A CG2 1 
ATOM   22   C CD1 . ILE A 1 12  ? 14.096  -19.230 2.386   1.00 29.07 ? 12  ILE A CD1 1 
ATOM   23   N N   . PRO A 1 13  ? 10.197  -21.298 3.943   1.00 19.47 ? 13  PRO A N   1 
ATOM   24   C CA  . PRO A 1 13  ? 9.146   -20.648 4.699   1.00 18.52 ? 13  PRO A CA  1 
ATOM   25   C C   . PRO A 1 13  ? 9.319   -19.144 4.722   1.00 16.93 ? 13  PRO A C   1 
ATOM   26   O O   . PRO A 1 13  ? 10.380  -18.685 4.849   1.00 17.94 ? 13  PRO A O   1 
ATOM   27   C CB  . PRO A 1 13  ? 9.334   -21.235 6.093   1.00 17.57 ? 13  PRO A CB  1 
ATOM   28   C CG  . PRO A 1 13  ? 9.948   -22.517 5.877   1.00 19.25 ? 13  PRO A CG  1 
ATOM   29   C CD  . PRO A 1 13  ? 10.875  -22.312 4.759   1.00 20.74 ? 13  PRO A CD  1 
ATOM   30   N N   . THR A 1 14  ? 8.219   -18.433 4.597   1.00 19.02 ? 14  THR A N   1 
ATOM   31   C CA  . THR A 1 14  ? 8.210   -16.990 4.645   1.00 17.87 ? 14  THR A CA  1 
ATOM   32   C C   . THR A 1 14  ? 7.068   -16.560 5.505   1.00 15.86 ? 14  THR A C   1 
ATOM   33   O O   . THR A 1 14  ? 6.168   -17.278 5.704   1.00 16.80 ? 14  THR A O   1 
ATOM   34   C CB  . THR A 1 14  ? 7.967   -16.425 3.253   1.00 16.26 ? 14  THR A CB  1 
ATOM   35   O OG1 . THR A 1 14  ? 6.763   -16.962 2.760   1.00 19.01 ? 14  THR A OG1 1 
ATOM   36   C CG2 . THR A 1 14  ? 9.102   -16.809 2.319   1.00 17.75 ? 14  THR A CG2 1 
ATOM   37   N N   . PRO A 1 15  ? 7.102   -15.351 6.007   1.00 15.48 ? 15  PRO A N   1 
ATOM   38   C CA  . PRO A 1 15  ? 5.976   -14.820 6.752   1.00 16.26 ? 15  PRO A CA  1 
ATOM   39   C C   . PRO A 1 15  ? 4.808   -14.441 5.860   1.00 17.24 ? 15  PRO A C   1 
ATOM   40   O O   . PRO A 1 15  ? 5.003   -14.204 4.744   1.00 20.09 ? 15  PRO A O   1 
ATOM   41   C CB  . PRO A 1 15  ? 6.556   -13.564 7.434   1.00 16.47 ? 15  PRO A CB  1 
ATOM   42   C CG  . PRO A 1 15  ? 7.960   -13.612 7.239   1.00 16.92 ? 15  PRO A CG  1 
ATOM   43   C CD  . PRO A 1 15  ? 8.206   -14.408 6.001   1.00 17.07 ? 15  PRO A CD  1 
ATOM   44   N N   . LEU A 1 16  ? 3.618   -14.383 6.417   1.00 16.68 ? 16  LEU A N   1 
ATOM   45   C CA  . LEU A 1 16  ? 2.436   -13.881 5.742   1.00 15.79 ? 16  LEU A CA  1 
ATOM   46   C C   . LEU A 1 16  ? 1.896   -12.678 6.499   1.00 17.08 ? 16  LEU A C   1 
ATOM   47   O O   . LEU A 1 16  ? 1.692   -12.753 7.657   1.00 17.70 ? 16  LEU A O   1 
ATOM   48   C CB  . LEU A 1 16  ? 1.357   -14.928 5.726   1.00 17.73 ? 16  LEU A CB  1 
ATOM   49   C CG  . LEU A 1 16  ? -0.032  -14.536 5.214   1.00 19.95 ? 16  LEU A CG  1 
ATOM   50   C CD1 . LEU A 1 16  ? -0.011  -14.208 3.773   1.00 22.76 ? 16  LEU A CD1 1 
ATOM   51   C CD2 . LEU A 1 16  ? -1.011  -15.681 5.419   1.00 23.76 ? 16  LEU A CD2 1 
ATOM   52   N N   . VAL A 1 17  ? 1.679   -11.580 5.796   1.00 16.05 ? 17  VAL A N   1 
ATOM   53   C CA  . VAL A 1 17  ? 1.058   -10.412 6.369   1.00 15.95 ? 17  VAL A CA  1 
ATOM   54   C C   . VAL A 1 17  ? -0.071  -9.897  5.513   1.00 15.98 ? 17  VAL A C   1 
ATOM   55   O O   . VAL A 1 17  ? -0.120  -10.181 4.367   1.00 16.31 ? 17  VAL A O   1 
ATOM   56   C CB  . VAL A 1 17  ? 2.042   -9.266  6.554   1.00 16.42 ? 17  VAL A CB  1 
ATOM   57   C CG1 . VAL A 1 17  ? 3.088   -9.575  7.595   1.00 19.71 ? 17  VAL A CG1 1 
ATOM   58   C CG2 . VAL A 1 17  ? 2.694   -8.881  5.301   1.00 16.70 ? 17  VAL A CG2 1 
ATOM   59   N N   . ALA A 1 18  ? -0.964  -9.138  6.132   1.00 17.65 ? 18  ALA A N   1 
ATOM   60   C CA  . ALA A 1 18  ? -2.002  -8.468  5.404   1.00 16.56 ? 18  ALA A CA  1 
ATOM   61   C C   . ALA A 1 18  ? -1.798  -6.996  5.561   1.00 18.94 ? 18  ALA A C   1 
ATOM   62   O O   . ALA A 1 18  ? -1.690  -6.529  6.624   1.00 19.71 ? 18  ALA A O   1 
ATOM   63   C CB  . ALA A 1 18  ? -3.368  -8.868  5.904   1.00 21.22 ? 18  ALA A CB  1 
ATOM   64   N N   . VAL A 1 19  ? -1.754  -6.305  4.432   1.00 17.20 ? 19  VAL A N   1 
ATOM   65   C CA  . VAL A 1 19  ? -1.448  -4.909  4.371   1.00 16.35 ? 19  VAL A CA  1 
ATOM   66   C C   . VAL A 1 19  ? -2.642  -4.140  3.826   1.00 15.76 ? 19  VAL A C   1 
ATOM   67   O O   . VAL A 1 19  ? -3.261  -4.601  2.955   1.00 15.55 ? 19  VAL A O   1 
ATOM   68   C CB  . VAL A 1 19  ? -0.271  -4.712  3.440   1.00 17.32 ? 19  VAL A CB  1 
ATOM   69   C CG1 . VAL A 1 19  ? -0.080  -3.287  3.138   1.00 19.12 ? 19  VAL A CG1 1 
ATOM   70   C CG2 . VAL A 1 19  ? 0.956   -5.316  4.060   1.00 17.37 ? 19  VAL A CG2 1 
ATOM   71   N N   . TYR A 1 20  ? -2.955  -3.017  4.456   1.00 14.76 ? 20  TYR A N   1 
ATOM   72   C CA  . TYR A 1 20  ? -4.074  -2.202  4.067   1.00 16.48 ? 20  TYR A CA  1 
ATOM   73   C C   . TYR A 1 20  ? -3.560  -0.802  3.865   1.00 15.63 ? 20  TYR A C   1 
ATOM   74   O O   . TYR A 1 20  ? -3.099  -0.225  4.768   1.00 16.75 ? 20  TYR A O   1 
ATOM   75   C CB  . TYR A 1 20  ? -5.178  -2.198  5.148   1.00 15.42 ? 20  TYR A CB  1 
ATOM   76   C CG  . TYR A 1 20  ? -5.723  -3.569  5.420   1.00 16.18 ? 20  TYR A CG  1 
ATOM   77   C CD1 . TYR A 1 20  ? -6.766  -4.041  4.720   1.00 17.88 ? 20  TYR A CD1 1 
ATOM   78   C CD2 . TYR A 1 20  ? -5.152  -4.383  6.365   1.00 16.50 ? 20  TYR A CD2 1 
ATOM   79   C CE1 . TYR A 1 20  ? -7.234  -5.280  4.933   1.00 16.70 ? 20  TYR A CE1 1 
ATOM   80   C CE2 . TYR A 1 20  ? -5.623  -5.604  6.585   1.00 16.81 ? 20  TYR A CE2 1 
ATOM   81   C CZ  . TYR A 1 20  ? -6.667  -6.062  5.851   1.00 17.94 ? 20  TYR A CZ  1 
ATOM   82   O OH  . TYR A 1 20  ? -7.194  -7.299  6.014   1.00 24.41 ? 20  TYR A OH  1 
ATOM   83   N N   . ALA A 1 21  ? -3.704  -0.293  2.656   1.00 16.05 ? 21  ALA A N   1 
ATOM   84   C CA  . ALA A 1 21  ? -3.093  0.961   2.274   1.00 15.67 ? 21  ALA A CA  1 
ATOM   85   C C   . ALA A 1 21  ? -4.108  1.954   1.743   1.00 17.81 ? 21  ALA A C   1 
ATOM   86   O O   . ALA A 1 21  ? -5.090  1.559   1.234   1.00 20.86 ? 21  ALA A O   1 
ATOM   87   C CB  . ALA A 1 21  ? -2.053  0.705   1.256   1.00 17.69 ? 21  ALA A CB  1 
ATOM   88   N N   . ASP A 1 22  ? -3.842  3.239   1.946   1.00 18.23 ? 22  ASP A N   1 
ATOM   89   C CA  . ASP A 1 22  ? -4.663  4.308   1.401   1.00 18.56 ? 22  ASP A CA  1 
ATOM   90   C C   . ASP A 1 22  ? -3.842  5.544   1.180   1.00 19.00 ? 22  ASP A C   1 
ATOM   91   O O   . ASP A 1 22  ? -2.772  5.622   1.607   1.00 17.11 ? 22  ASP A O   1 
ATOM   92   C CB  . ASP A 1 22  ? -5.874  4.660   2.253   1.00 20.52 ? 22  ASP A CB  1 
ATOM   93   C CG  . ASP A 1 22  ? -6.863  5.532   1.507   1.00 27.27 ? 22  ASP A CG  1 
ATOM   94   O OD1 . ASP A 1 22  ? -7.213  5.204   0.430   1.00 33.72 ? 22  ASP A OD1 1 
ATOM   95   O OD2 . ASP A 1 22  ? -7.213  6.594   1.952   1.00 40.88 ? 22  ASP A OD2 1 
ATOM   96   N N   . GLU A 1 23  ? -4.399  6.467   0.429   1.00 20.66 ? 23  GLU A N   1 
ATOM   97   C CA  . GLU A 1 23  ? -3.733  7.725   0.176   1.00 20.51 ? 23  GLU A CA  1 
ATOM   98   C C   . GLU A 1 23  ? -4.741  8.843   0.189   1.00 22.35 ? 23  GLU A C   1 
ATOM   99   O O   . GLU A 1 23  ? -5.879  8.601   -0.033  1.00 19.72 ? 23  GLU A O   1 
ATOM   100  C CB  . GLU A 1 23  ? -3.026  7.700   -1.156  1.00 20.67 ? 23  GLU A CB  1 
ATOM   101  C CG  . GLU A 1 23  ? -3.903  7.481   -2.371  1.00 21.25 ? 23  GLU A CG  1 
ATOM   102  C CD  . GLU A 1 23  ? -4.603  6.125   -2.332  1.00 30.20 ? 23  GLU A CD  1 
ATOM   103  O OE1 . GLU A 1 23  ? -3.909  5.139   -2.151  1.00 31.02 ? 23  GLU A OE1 1 
ATOM   104  O OE2 . GLU A 1 23  ? -5.822  6.044   -2.450  1.00 36.14 ? 23  GLU A OE2 1 
ATOM   105  N N   . SER A 1 24  ? -4.291  10.043  0.494   1.00 19.02 ? 24  SER A N   1 
ATOM   106  C CA  . SER A 1 24  ? -5.171  11.152  0.388   1.00 19.06 ? 24  SER A CA  1 
ATOM   107  C C   . SER A 1 24  ? -4.421  12.457  0.173   1.00 17.64 ? 24  SER A C   1 
ATOM   108  O O   . SER A 1 24  ? -3.362  12.648  0.691   1.00 20.35 ? 24  SER A O   1 
ATOM   109  C CB  . SER A 1 24  ? -5.974  11.266  1.647   1.00 23.50 ? 24  SER A CB  1 
ATOM   110  O OG  . SER A 1 24  ? -6.974  12.216  1.490   1.00 28.47 ? 24  SER A OG  1 
ATOM   111  N N   . CYS A 1 25  ? -5.049  13.357  -0.559  1.00 19.25 ? 25  CYS A N   1 
ATOM   112  C CA  . CYS A 1 25  ? -4.605  14.725  -0.649  1.00 20.95 ? 25  CYS A CA  1 
ATOM   113  C C   . CYS A 1 25  ? -5.608  15.597  0.088   1.00 20.03 ? 25  CYS A C   1 
ATOM   114  O O   . CYS A 1 25  ? -6.728  15.227  0.238   1.00 23.36 ? 25  CYS A O   1 
ATOM   115  C CB  . CYS A 1 25  ? -4.563  15.193  -2.076  1.00 22.98 ? 25  CYS A CB  1 
ATOM   116  S SG  . CYS A 1 25  ? -3.179  14.568  -3.004  1.00 26.94 ? 25  CYS A SG  1 
ATOM   117  N N   . LEU A 1 26  ? -5.167  16.746  0.544   1.00 20.30 ? 26  LEU A N   1 
ATOM   118  C CA  . LEU A 1 26  ? -6.029  17.666  1.219   1.00 23.15 ? 26  LEU A CA  1 
ATOM   119  C C   . LEU A 1 26  ? -6.088  18.986  0.512   1.00 25.48 ? 26  LEU A C   1 
ATOM   120  O O   . LEU A 1 26  ? -5.100  19.538  0.240   1.00 31.52 ? 26  LEU A O   1 
ATOM   121  C CB  . LEU A 1 26  ? -5.514  17.941  2.606   1.00 23.98 ? 26  LEU A CB  1 
ATOM   122  C CG  . LEU A 1 26  ? -5.290  16.828  3.582   1.00 26.97 ? 26  LEU A CG  1 
ATOM   123  C CD1 . LEU A 1 26  ? -4.469  17.387  4.691   1.00 32.88 ? 26  LEU A CD1 1 
ATOM   124  C CD2 . LEU A 1 26  ? -6.581  16.412  4.082   1.00 28.48 ? 26  LEU A CD2 1 
ATOM   125  N N   . GLY A 1 27  ? -7.267  19.497  0.297   1.00 24.52 ? 27  GLY A N   1 
ATOM   126  C CA  . GLY A 1 27  ? -7.402  20.808  -0.272  1.00 28.28 ? 27  GLY A CA  1 
ATOM   127  C C   . GLY A 1 27  ? -8.081  20.829  -1.607  1.00 27.67 ? 27  GLY A C   1 
ATOM   128  O O   . GLY A 1 27  ? -8.524  19.850  -2.062  1.00 28.96 ? 27  GLY A O   1 
ATOM   129  N N   . ASN A 1 28  ? -8.207  21.988  -2.194  1.00 27.36 ? 28  ASN A N   1 
ATOM   130  C CA  . ASN A 1 28  ? -8.854  22.110  -3.490  1.00 26.88 ? 28  ASN A CA  1 
ATOM   131  C C   . ASN A 1 28  ? -8.034  22.836  -4.537  1.00 25.83 ? 28  ASN A C   1 
ATOM   132  O O   . ASN A 1 28  ? -8.568  23.466  -5.381  1.00 27.42 ? 28  ASN A O   1 
ATOM   133  C CB  . ASN A 1 28  ? -10.232 22.737  -3.380  1.00 29.46 ? 28  ASN A CB  1 
ATOM   134  C CG  . ASN A 1 28  ? -10.172 24.150  -2.971  1.00 34.55 ? 28  ASN A CG  1 
ATOM   135  O OD1 . ASN A 1 28  ? -9.122  24.667  -2.651  1.00 39.65 ? 28  ASN A OD1 1 
ATOM   136  N ND2 . ASN A 1 28  ? -11.305 24.808  -3.010  1.00 43.21 ? 28  ASN A ND2 1 
ATOM   137  N N   . GLY A 1 29  ? -6.725  22.733  -4.442  1.00 24.78 ? 29  GLY A N   1 
ATOM   138  C CA  . GLY A 1 29  ? -5.851  23.291  -5.429  1.00 22.24 ? 29  GLY A CA  1 
ATOM   139  C C   . GLY A 1 29  ? -5.791  22.406  -6.648  1.00 21.99 ? 29  GLY A C   1 
ATOM   140  O O   . GLY A 1 29  ? -6.245  21.310  -6.601  1.00 23.66 ? 29  GLY A O   1 
ATOM   141  N N   . ARG A 1 30  ? -5.179  22.881  -7.704  1.00 23.33 ? 30  ARG A N   1 
ATOM   142  C CA  . ARG A 1 30  ? -5.123  22.110  -8.903  1.00 23.49 ? 30  ARG A CA  1 
ATOM   143  C C   . ARG A 1 30  ? -4.231  20.924  -8.743  1.00 22.69 ? 30  ARG A C   1 
ATOM   144  O O   . ARG A 1 30  ? -3.459  20.884  -7.877  1.00 23.23 ? 30  ARG A O   1 
ATOM   145  C CB  . ARG A 1 30  ? -4.752  22.974  -10.122 1.00 25.44 ? 30  ARG A CB  1 
ATOM   146  C CG  . ARG A 1 30  ? -3.376  23.354  -10.202 1.00 31.93 ? 30  ARG A CG  1 
ATOM   147  C CD  . ARG A 1 30  ? -3.107  24.230  -11.372 1.00 30.35 ? 30  ARG A CD  1 
ATOM   148  N NE  . ARG A 1 30  ? -1.714  24.563  -11.350 1.00 38.72 ? 30  ARG A NE  1 
ATOM   149  C CZ  . ARG A 1 30  ? -1.241  25.611  -10.721 1.00 41.79 ? 30  ARG A CZ  1 
ATOM   150  N NH1 . ARG A 1 30  ? -2.046  26.447  -10.112 1.00 46.43 ? 30  ARG A NH1 1 
ATOM   151  N NH2 . ARG A 1 30  ? 0.029   25.853  -10.735 1.00 51.92 ? 30  ARG A NH2 1 
ATOM   152  N N   . GLU A 1 31  ? -4.356  19.954  -9.618  1.00 23.83 ? 31  GLU A N   1 
ATOM   153  C CA  . GLU A 1 31  ? -3.620  18.721  -9.439  1.00 22.78 ? 31  GLU A CA  1 
ATOM   154  C C   . GLU A 1 31  ? -2.144  18.979  -9.315  1.00 23.28 ? 31  GLU A C   1 
ATOM   155  O O   . GLU A 1 31  ? -1.578  19.614  -10.109 1.00 25.03 ? 31  GLU A O   1 
ATOM   156  C CB  . GLU A 1 31  ? -3.888  17.822  -10.619 1.00 24.85 ? 31  GLU A CB  1 
ATOM   157  C CG  . GLU A 1 31  ? -3.085  16.560  -10.640 1.00 25.50 ? 31  GLU A CG  1 
ATOM   158  C CD  . GLU A 1 31  ? -3.678  15.406  -9.873  1.00 25.60 ? 31  GLU A CD  1 
ATOM   159  O OE1 . GLU A 1 31  ? -4.507  15.601  -9.018  1.00 29.32 ? 31  GLU A OE1 1 
ATOM   160  O OE2 . GLU A 1 31  ? -3.233  14.279  -10.107 1.00 29.23 ? 31  GLU A OE2 1 
ATOM   161  N N   . GLY A 1 32  ? -1.545  18.429  -8.274  1.00 22.01 ? 32  GLY A N   1 
ATOM   162  C CA  . GLY A 1 32  ? -0.154  18.598  -7.977  1.00 23.44 ? 32  GLY A CA  1 
ATOM   163  C C   . GLY A 1 32  ? 0.208   19.693  -7.009  1.00 21.79 ? 32  GLY A C   1 
ATOM   164  O O   . GLY A 1 32  ? 1.331   19.801  -6.664  1.00 23.68 ? 32  GLY A O   1 
ATOM   165  N N   . GLU A 1 33  ? -0.761  20.478  -6.590  1.00 20.38 ? 33  GLU A N   1 
ATOM   166  C CA  . GLU A 1 33  ? -0.525  21.534  -5.633  1.00 21.38 ? 33  GLU A CA  1 
ATOM   167  C C   . GLU A 1 33  ? -0.938  21.276  -4.204  1.00 24.36 ? 33  GLU A C   1 
ATOM   168  O O   . GLU A 1 33  ? -0.669  22.080  -3.360  1.00 27.60 ? 33  GLU A O   1 
ATOM   169  C CB  . GLU A 1 33  ? -1.239  22.782  -6.088  1.00 23.85 ? 33  GLU A CB  1 
ATOM   170  C CG  . GLU A 1 33  ? -0.938  23.178  -7.498  1.00 26.34 ? 33  GLU A CG  1 
ATOM   171  C CD  . GLU A 1 33  ? 0.488   23.497  -7.706  1.00 44.43 ? 33  GLU A CD  1 
ATOM   172  O OE1 . GLU A 1 33  ? 1.036   24.168  -6.844  1.00 50.65 ? 33  GLU A OE1 1 
ATOM   173  O OE2 . GLU A 1 33  ? 1.089   23.069  -8.699  1.00 48.48 ? 33  GLU A OE2 1 
ATOM   174  N N   . ASN A 1 34  ? -1.600  20.168  -3.938  1.00 21.76 ? 34  ASN A N   1 
ATOM   175  C CA  . ASN A 1 34  ? -2.108  19.877  -2.612  1.00 20.25 ? 34  ASN A CA  1 
ATOM   176  C C   . ASN A 1 34  ? -1.206  18.958  -1.805  1.00 18.93 ? 34  ASN A C   1 
ATOM   177  O O   . ASN A 1 34  ? -0.602  18.111  -2.334  1.00 20.36 ? 34  ASN A O   1 
ATOM   178  C CB  . ASN A 1 34  ? -3.463  19.213  -2.710  1.00 20.50 ? 34  ASN A CB  1 
ATOM   179  C CG  . ASN A 1 34  ? -4.459  20.031  -3.470  1.00 24.76 ? 34  ASN A CG  1 
ATOM   180  O OD1 . ASN A 1 34  ? -5.010  19.575  -4.439  1.00 32.90 ? 34  ASN A OD1 1 
ATOM   181  N ND2 . ASN A 1 34  ? -4.708  21.202  -3.020  1.00 22.74 ? 34  ASN A ND2 1 
ATOM   182  N N   . PRO A 1 35  ? -1.159  19.154  -0.513  1.00 16.59 ? 35  PRO A N   1 
ATOM   183  C CA  . PRO A 1 35  ? -0.428  18.259  0.362   1.00 17.69 ? 35  PRO A CA  1 
ATOM   184  C C   . PRO A 1 35  ? -1.069  16.881  0.384   1.00 17.85 ? 35  PRO A C   1 
ATOM   185  O O   . PRO A 1 35  ? -2.231  16.794  0.216   1.00 18.18 ? 35  PRO A O   1 
ATOM   186  C CB  . PRO A 1 35  ? -0.541  18.937  1.718   1.00 20.26 ? 35  PRO A CB  1 
ATOM   187  C CG  . PRO A 1 35  ? -1.631  19.848  1.599   1.00 22.77 ? 35  PRO A CG  1 
ATOM   188  C CD  . PRO A 1 35  ? -1.812  20.229  0.224   1.00 19.99 ? 35  PRO A CD  1 
ATOM   189  N N   . GLY A 1 36  ? -0.272  15.847  0.534   1.00 18.35 ? 36  GLY A N   1 
ATOM   190  C CA  . GLY A 1 36  ? -0.775  14.506  0.449   1.00 16.46 ? 36  GLY A CA  1 
ATOM   191  C C   . GLY A 1 36  ? -0.085  13.531  1.375   1.00 16.40 ? 36  GLY A C   1 
ATOM   192  O O   . GLY A 1 36  ? 0.965   13.810  1.872   1.00 16.80 ? 36  GLY A O   1 
ATOM   193  N N   . GLY A 1 37  ? -0.753  12.414  1.619   1.00 15.72 ? 37  GLY A N   1 
ATOM   194  C CA  . GLY A 1 37  ? -0.239  11.406  2.505   1.00 14.24 ? 37  GLY A CA  1 
ATOM   195  C C   . GLY A 1 37  ? -0.515  9.993   2.038   1.00 13.81 ? 37  GLY A C   1 
ATOM   196  O O   . GLY A 1 37  ? -1.400  9.778   1.316   1.00 16.07 ? 37  GLY A O   1 
ATOM   197  N N   . ALA A 1 38  ? 0.315   9.060   2.472   1.00 15.87 ? 38  ALA A N   1 
ATOM   198  C CA  . ALA A 1 38  ? 0.094   7.647   2.256   1.00 16.24 ? 38  ALA A CA  1 
ATOM   199  C C   . ALA A 1 38  ? 0.114   6.955   3.614   1.00 16.54 ? 38  ALA A C   1 
ATOM   200  O O   . ALA A 1 38  ? 0.986   7.191   4.397   1.00 18.18 ? 38  ALA A O   1 
ATOM   201  C CB  . ALA A 1 38  ? 1.166   7.059   1.375   1.00 18.02 ? 38  ALA A CB  1 
ATOM   202  N N   . GLY A 1 39  ? -0.889  6.134   3.863   1.00 14.86 ? 39  GLY A N   1 
ATOM   203  C CA  . GLY A 1 39  ? -1.018  5.404   5.095   1.00 16.18 ? 39  GLY A CA  1 
ATOM   204  C C   . GLY A 1 39  ? -1.116  3.903   4.882   1.00 17.15 ? 39  GLY A C   1 
ATOM   205  O O   . GLY A 1 39  ? -1.811  3.476   4.029   1.00 16.88 ? 39  GLY A O   1 
ATOM   206  N N   . VAL A 1 40  ? -0.360  3.152   5.678   1.00 15.40 ? 40  VAL A N   1 
ATOM   207  C CA  . VAL A 1 40  ? -0.353  1.711   5.595   1.00 16.57 ? 40  VAL A CA  1 
ATOM   208  C C   . VAL A 1 40  ? -0.478  1.039   6.966   1.00 16.62 ? 40  VAL A C   1 
ATOM   209  O O   . VAL A 1 40  ? 0.251   1.348   7.838   1.00 18.89 ? 40  VAL A O   1 
ATOM   210  C CB  . VAL A 1 40  ? 0.943   1.238   5.000   1.00 17.77 ? 40  VAL A CB  1 
ATOM   211  C CG1 . VAL A 1 40  ? 0.956   -0.220  4.833   1.00 23.01 ? 40  VAL A CG1 1 
ATOM   212  C CG2 . VAL A 1 40  ? 1.198   1.898   3.719   1.00 21.66 ? 40  VAL A CG2 1 
ATOM   213  N N   . LEU A 1 41  ? -1.409  0.106   7.100   1.00 15.32 ? 41  LEU A N   1 
ATOM   214  C CA  . LEU A 1 41  ? -1.497  -0.754  8.260   1.00 14.45 ? 41  LEU A CA  1 
ATOM   215  C C   . LEU A 1 41  ? -1.026  -2.146  7.871   1.00 16.45 ? 41  LEU A C   1 
ATOM   216  O O   . LEU A 1 41  ? -1.477  -2.668  6.917   1.00 16.71 ? 41  LEU A O   1 
ATOM   217  C CB  . LEU A 1 41  ? -2.943  -0.842  8.711   1.00 15.57 ? 41  LEU A CB  1 
ATOM   218  C CG  . LEU A 1 41  ? -3.300  -1.857  9.779   1.00 15.88 ? 41  LEU A CG  1 
ATOM   219  C CD1 . LEU A 1 41  ? -2.642  -1.555  11.078  1.00 18.84 ? 41  LEU A CD1 1 
ATOM   220  C CD2 . LEU A 1 41  ? -4.770  -2.003  9.955   1.00 17.90 ? 41  LEU A CD2 1 
ATOM   221  N N   . VAL A 1 42  ? -0.107  -2.715  8.656   1.00 16.16 ? 42  VAL A N   1 
ATOM   222  C CA  . VAL A 1 42  ? 0.339   -4.087  8.453   1.00 16.30 ? 42  VAL A CA  1 
ATOM   223  C C   . VAL A 1 42  ? -0.162  -4.961  9.594   1.00 17.21 ? 42  VAL A C   1 
ATOM   224  O O   . VAL A 1 42  ? 0.085   -4.654  10.704  1.00 19.46 ? 42  VAL A O   1 
ATOM   225  C CB  . VAL A 1 42  ? 1.884   -4.178  8.436   1.00 15.19 ? 42  VAL A CB  1 
ATOM   226  C CG1 . VAL A 1 42  ? 2.348   -5.568  8.092   1.00 16.52 ? 42  VAL A CG1 1 
ATOM   227  C CG2 . VAL A 1 42  ? 2.464   -3.210  7.429   1.00 17.08 ? 42  VAL A CG2 1 
ATOM   228  N N   . GLU A 1 43  ? -0.860  -6.024  9.275   1.00 16.08 ? 43  GLU A N   1 
ATOM   229  C CA  . GLU A 1 43  ? -1.328  -6.973  10.237  1.00 16.60 ? 43  GLU A CA  1 
ATOM   230  C C   . GLU A 1 43  ? -0.507  -8.230  10.193  1.00 16.09 ? 43  GLU A C   1 
ATOM   231  O O   . GLU A 1 43  ? -0.198  -8.674  9.150   1.00 17.36 ? 43  GLU A O   1 
ATOM   232  C CB  . GLU A 1 43  ? -2.789  -7.353  9.990   1.00 17.94 ? 43  GLU A CB  1 
ATOM   233  C CG  . GLU A 1 43  ? -3.725  -6.194  10.171  1.00 19.24 ? 43  GLU A CG  1 
ATOM   234  C CD  . GLU A 1 43  ? -5.172  -6.594  10.366  1.00 21.97 ? 43  GLU A CD  1 
ATOM   235  O OE1 . GLU A 1 43  ? -5.496  -7.738  10.083  1.00 22.20 ? 43  GLU A OE1 1 
ATOM   236  O OE2 . GLU A 1 43  ? -5.947  -5.754  10.789  1.00 19.37 ? 43  GLU A OE2 1 
ATOM   237  N N   . TYR A 1 44  ? -0.198  -8.796  11.357  1.00 17.23 ? 44  TYR A N   1 
ATOM   238  C CA  . TYR A 1 44  ? 0.557   -10.042 11.434  1.00 19.84 ? 44  TYR A CA  1 
ATOM   239  C C   . TYR A 1 44  ? 0.041   -10.950 12.551  1.00 19.04 ? 44  TYR A C   1 
ATOM   240  O O   . TYR A 1 44  ? -0.054  -10.535 13.707  1.00 19.72 ? 44  TYR A O   1 
ATOM   241  C CB  . TYR A 1 44  ? 2.046   -9.754  11.637  1.00 20.02 ? 44  TYR A CB  1 
ATOM   242  C CG  . TYR A 1 44  ? 2.881   -10.989 11.881  1.00 23.02 ? 44  TYR A CG  1 
ATOM   243  C CD1 . TYR A 1 44  ? 3.278   -11.803 10.828  1.00 25.86 ? 44  TYR A CD1 1 
ATOM   244  C CD2 . TYR A 1 44  ? 3.272   -11.345 13.166  1.00 27.67 ? 44  TYR A CD2 1 
ATOM   245  C CE1 . TYR A 1 44  ? 4.042   -12.934 11.047  1.00 27.58 ? 44  TYR A CE1 1 
ATOM   246  C CE2 . TYR A 1 44  ? 4.035   -12.474 13.395  1.00 25.49 ? 44  TYR A CE2 1 
ATOM   247  C CZ  . TYR A 1 44  ? 4.417   -13.265 12.331  1.00 20.82 ? 44  TYR A CZ  1 
ATOM   248  O OH  . TYR A 1 44  ? 5.177   -14.390 12.554  1.00 29.65 ? 44  TYR A OH  1 
ATOM   249  N N   . ALA A 1 45  ? -0.287  -12.189 12.197  1.00 18.41 ? 45  ALA A N   1 
ATOM   250  C CA  . ALA A 1 45  ? -0.755  -13.143 13.132  1.00 20.07 ? 45  ALA A CA  1 
ATOM   251  C C   . ALA A 1 45  ? 0.285   -14.209 13.296  1.00 22.59 ? 45  ALA A C   1 
ATOM   252  O O   . ALA A 1 45  ? 0.691   -14.782 12.350  1.00 24.18 ? 45  ALA A O   1 
ATOM   253  C CB  . ALA A 1 45  ? -2.004  -13.753 12.672  1.00 22.05 ? 45  ALA A CB  1 
ATOM   254  N N   . ARG A 1 46  ? 0.664   -14.473 14.530  1.00 24.17 ? 46  ARG A N   1 
ATOM   255  C CA  . ARG A 1 46  ? 1.719   -15.425 14.824  1.00 23.71 ? 46  ARG A CA  1 
ATOM   256  C C   . ARG A 1 46  ? 1.287   -16.819 14.405  1.00 23.56 ? 46  ARG A C   1 
ATOM   257  O O   . ARG A 1 46  ? 0.242   -17.262 14.743  1.00 24.88 ? 46  ARG A O   1 
ATOM   258  C CB  . ARG A 1 46  ? 1.962   -15.350 16.321  1.00 26.73 ? 46  ARG A CB  1 
ATOM   259  C CG  . ARG A 1 46  ? 3.073   -16.102 16.901  1.00 34.48 ? 46  ARG A CG  1 
ATOM   260  C CD  . ARG A 1 46  ? 3.470   -15.385 18.164  1.00 42.98 ? 46  ARG A CD  1 
ATOM   261  N NE  . ARG A 1 46  ? 4.206   -14.218 17.784  1.00 48.00 ? 46  ARG A NE  1 
ATOM   262  C CZ  . ARG A 1 46  ? 3.887   -12.983 18.084  1.00 49.73 ? 46  ARG A CZ  1 
ATOM   263  N NH1 . ARG A 1 46  ? 2.828   -12.719 18.816  1.00 50.65 ? 46  ARG A NH1 1 
ATOM   264  N NH2 . ARG A 1 46  ? 4.631   -12.014 17.620  1.00 52.80 ? 46  ARG A NH2 1 
ATOM   265  N N   . PRO A 1 47  ? 2.118   -17.503 13.664  1.00 23.64 ? 47  PRO A N   1 
ATOM   266  C CA  . PRO A 1 47  ? 1.764   -18.846 13.283  1.00 22.71 ? 47  PRO A CA  1 
ATOM   267  C C   . PRO A 1 47  ? 1.687   -19.715 14.529  1.00 22.89 ? 47  PRO A C   1 
ATOM   268  O O   . PRO A 1 47  ? 2.563   -19.659 15.311  1.00 23.46 ? 47  PRO A O   1 
ATOM   269  C CB  . PRO A 1 47  ? 2.962   -19.285 12.449  1.00 24.57 ? 47  PRO A CB  1 
ATOM   270  C CG  . PRO A 1 47  ? 3.698   -18.203 12.191  1.00 26.74 ? 47  PRO A CG  1 
ATOM   271  C CD  . PRO A 1 47  ? 3.376   -17.094 13.065  1.00 25.44 ? 47  PRO A CD  1 
ATOM   272  N N   . GLY A 1 48  ? 0.639   -20.503 14.676  1.00 23.29 ? 48  GLY A N   1 
ATOM   273  C CA  . GLY A 1 48  ? 0.487   -21.351 15.830  1.00 23.83 ? 48  GLY A CA  1 
ATOM   274  C C   . GLY A 1 48  ? -0.006  -20.625 17.043  1.00 24.83 ? 48  GLY A C   1 
ATOM   275  O O   . GLY A 1 48  ? -0.136  -21.162 18.087  1.00 27.25 ? 48  GLY A O   1 
ATOM   276  N N   . GLY A 1 49  ? -0.278  -19.375 16.849  1.00 24.48 ? 49  GLY A N   1 
ATOM   277  C CA  . GLY A 1 49  ? -0.627  -18.519 17.941  1.00 25.27 ? 49  GLY A CA  1 
ATOM   278  C C   . GLY A 1 49  ? -2.091  -18.521 18.301  1.00 28.91 ? 49  GLY A C   1 
ATOM   279  O O   . GLY A 1 49  ? -2.847  -19.302 17.829  1.00 28.73 ? 49  GLY A O   1 
ATOM   280  N N   . ALA A 1 50  ? -2.463  -17.619 19.170  1.00 29.41 ? 50  ALA A N   1 
ATOM   281  C CA  . ALA A 1 50  ? -3.806  -17.586 19.689  1.00 30.50 ? 50  ALA A CA  1 
ATOM   282  C C   . ALA A 1 50  ? -4.737  -16.847 18.736  1.00 32.63 ? 50  ALA A C   1 
ATOM   283  O O   . ALA A 1 50  ? -5.921  -16.887 18.914  1.00 34.40 ? 50  ALA A O   1 
ATOM   284  C CB  . ALA A 1 50  ? -3.802  -16.947 21.003  1.00 28.55 ? 50  ALA A CB  1 
ATOM   285  N N   . GLY A 1 51  ? -4.180  -16.241 17.698  1.00 31.71 ? 51  GLY A N   1 
ATOM   286  C CA  . GLY A 1 51  ? -4.935  -15.482 16.739  1.00 30.60 ? 51  GLY A CA  1 
ATOM   287  C C   . GLY A 1 51  ? -5.041  -13.990 16.958  1.00 29.24 ? 51  GLY A C   1 
ATOM   288  O O   . GLY A 1 51  ? -5.587  -13.292 16.148  1.00 29.53 ? 51  GLY A O   1 
ATOM   289  N N   . ASP A 1 52  ? -4.467  -13.511 18.033  1.00 28.99 ? 52  ASP A N   1 
ATOM   290  C CA  . ASP A 1 52  ? -4.400  -12.088 18.236  1.00 30.51 ? 52  ASP A CA  1 
ATOM   291  C C   . ASP A 1 52  ? -3.575  -11.419 17.136  1.00 28.28 ? 52  ASP A C   1 
ATOM   292  O O   . ASP A 1 52  ? -2.597  -11.949 16.713  1.00 28.65 ? 52  ASP A O   1 
ATOM   293  C CB  . ASP A 1 52  ? -3.746  -11.805 19.553  1.00 34.02 ? 52  ASP A CB  1 
ATOM   294  C CG  . ASP A 1 52  ? -4.421  -12.501 20.655  1.00 42.10 ? 52  ASP A CG  1 
ATOM   295  O OD1 . ASP A 1 52  ? -5.206  -11.841 21.329  1.00 50.22 ? 52  ASP A OD1 1 
ATOM   296  O OD2 . ASP A 1 52  ? -4.185  -13.694 20.852  1.00 46.45 ? 52  ASP A OD2 1 
ATOM   297  N N   . ILE A 1 53  ? -3.992  -10.258 16.701  1.00 22.77 ? 53  ILE A N   1 
ATOM   298  C CA  . ILE A 1 53  ? -3.361  -9.585  15.605  1.00 19.26 ? 53  ILE A CA  1 
ATOM   299  C C   . ILE A 1 53  ? -2.404  -8.538  16.130  1.00 20.91 ? 53  ILE A C   1 
ATOM   300  O O   . ILE A 1 53  ? -2.752  -7.762  16.947  1.00 22.21 ? 53  ILE A O   1 
ATOM   301  C CB  . ILE A 1 53  ? -4.408  -8.917  14.698  1.00 21.49 ? 53  ILE A CB  1 
ATOM   302  C CG1 . ILE A 1 53  ? -5.446  -9.906  14.223  1.00 24.55 ? 53  ILE A CG1 1 
ATOM   303  C CG2 . ILE A 1 53  ? -3.777  -8.343  13.481  1.00 21.18 ? 53  ILE A CG2 1 
ATOM   304  C CD1 . ILE A 1 53  ? -4.884  -11.070 13.499  1.00 24.49 ? 53  ILE A CD1 1 
ATOM   305  N N   . VAL A 1 54  ? -1.196  -8.578  15.618  1.00 19.83 ? 54  VAL A N   1 
ATOM   306  C CA  . VAL A 1 54  ? -0.172  -7.610  15.876  1.00 21.61 ? 54  VAL A CA  1 
ATOM   307  C C   . VAL A 1 54  ? -0.166  -6.634  14.685  1.00 20.26 ? 54  VAL A C   1 
ATOM   308  O O   . VAL A 1 54  ? -0.175  -7.038  13.556  1.00 19.57 ? 54  VAL A O   1 
ATOM   309  C CB  . VAL A 1 54  ? 1.165   -8.282  15.961  1.00 24.42 ? 54  VAL A CB  1 
ATOM   310  C CG1 . VAL A 1 54  ? 2.247   -7.304  15.995  1.00 23.05 ? 54  VAL A CG1 1 
ATOM   311  C CG2 . VAL A 1 54  ? 1.229   -9.191  17.159  1.00 26.05 ? 54  VAL A CG2 1 
ATOM   312  N N   . ARG A 1 55  ? -0.229  -5.347  15.005  1.00 20.03 ? 55  ARG A N   1 
ATOM   313  C CA  . ARG A 1 55  ? -0.385  -4.330  14.023  1.00 17.37 ? 55  ARG A CA  1 
ATOM   314  C C   . ARG A 1 55  ? 0.728   -3.329  14.064  1.00 19.75 ? 55  ARG A C   1 
ATOM   315  O O   . ARG A 1 55  ? 1.151   -2.935  15.089  1.00 19.96 ? 55  ARG A O   1 
ATOM   316  C CB  . ARG A 1 55  ? -1.747  -3.663  14.177  1.00 18.37 ? 55  ARG A CB  1 
ATOM   317  C CG  . ARG A 1 55  ? -2.921  -4.582  13.856  1.00 17.66 ? 55  ARG A CG  1 
ATOM   318  C CD  . ARG A 1 55  ? -4.242  -3.955  13.965  1.00 18.63 ? 55  ARG A CD  1 
ATOM   319  N NE  . ARG A 1 55  ? -5.312  -4.788  13.460  1.00 18.26 ? 55  ARG A NE  1 
ATOM   320  C CZ  . ARG A 1 55  ? -6.156  -5.467  14.202  1.00 20.30 ? 55  ARG A CZ  1 
ATOM   321  N NH1 . ARG A 1 55  ? -6.064  -5.437  15.487  1.00 23.50 ? 55  ARG A NH1 1 
ATOM   322  N NH2 . ARG A 1 55  ? -7.086  -6.168  13.651  1.00 20.44 ? 55  ARG A NH2 1 
ATOM   323  N N   . ARG A 1 56  ? 1.182   -2.950  12.887  1.00 18.19 ? 56  ARG A N   1 
ATOM   324  C CA  . ARG A 1 56  ? 2.138   -1.881  12.714  1.00 20.24 ? 56  ARG A CA  1 
ATOM   325  C C   . ARG A 1 56  ? 1.683   -0.904  11.604  1.00 20.34 ? 56  ARG A C   1 
ATOM   326  O O   . ARG A 1 56  ? 1.025   -1.281  10.701  1.00 18.71 ? 56  ARG A O   1 
ATOM   327  C CB  . ARG A 1 56  ? 3.507   -2.425  12.364  1.00 18.69 ? 56  ARG A CB  1 
ATOM   328  C CG  . ARG A 1 56  ? 4.070   -3.385  13.329  1.00 22.65 ? 56  ARG A CG  1 
ATOM   329  C CD  . ARG A 1 56  ? 4.643   -2.702  14.475  1.00 28.40 ? 56  ARG A CD  1 
ATOM   330  N NE  . ARG A 1 56  ? 5.316   -3.634  15.346  1.00 29.49 ? 56  ARG A NE  1 
ATOM   331  C CZ  . ARG A 1 56  ? 4.734   -4.218  16.367  1.00 37.60 ? 56  ARG A CZ  1 
ATOM   332  N NH1 . ARG A 1 56  ? 3.497   -3.918  16.687  1.00 34.14 ? 56  ARG A NH1 1 
ATOM   333  N NH2 . ARG A 1 56  ? 5.410   -5.055  17.109  1.00 37.35 ? 56  ARG A NH2 1 
ATOM   334  N N   . ASP A 1 57  ? 2.095   0.355   11.734  1.00 18.29 ? 57  ASP A N   1 
ATOM   335  C CA  . ASP A 1 57  ? 1.751   1.403   10.787  1.00 17.19 ? 57  ASP A CA  1 
ATOM   336  C C   . ASP A 1 57  ? 2.975   1.960   10.082  1.00 19.80 ? 57  ASP A C   1 
ATOM   337  O O   . ASP A 1 57  ? 3.998   2.014   10.648  1.00 19.17 ? 57  ASP A O   1 
ATOM   338  C CB  . ASP A 1 57  ? 1.152   2.597   11.519  1.00 16.56 ? 57  ASP A CB  1 
ATOM   339  C CG  . ASP A 1 57  ? -0.169  2.301   12.238  1.00 19.77 ? 57  ASP A CG  1 
ATOM   340  O OD1 . ASP A 1 57  ? -0.761  1.308   11.984  1.00 18.50 ? 57  ASP A OD1 1 
ATOM   341  O OD2 . ASP A 1 57  ? -0.598  3.131   13.045  1.00 23.22 ? 57  ASP A OD2 1 
ATOM   342  N N   . VAL A 1 58  ? 2.800   2.451   8.858   1.00 17.74 ? 58  VAL A N   1 
ATOM   343  C CA  . VAL A 1 58  ? 3.870   3.160   8.154   1.00 21.18 ? 58  VAL A CA  1 
ATOM   344  C C   . VAL A 1 58  ? 3.284   4.260   7.268   1.00 21.53 ? 58  VAL A C   1 
ATOM   345  O O   . VAL A 1 58  ? 2.378   3.996   6.476   1.00 20.34 ? 58  VAL A O   1 
ATOM   346  C CB  . VAL A 1 58  ? 4.709   2.205   7.289   1.00 25.47 ? 58  VAL A CB  1 
ATOM   347  C CG1 . VAL A 1 58  ? 3.804   1.289   6.479   1.00 31.71 ? 58  VAL A CG1 1 
ATOM   348  C CG2 . VAL A 1 58  ? 5.637   2.992   6.376   1.00 24.35 ? 58  VAL A CG2 1 
ATOM   349  N N   . TRP A 1 59  ? 3.785   5.488   7.394   1.00 18.10 ? 59  TRP A N   1 
ATOM   350  C CA  . TRP A 1 59  ? 3.232   6.566   6.614   1.00 17.73 ? 59  TRP A CA  1 
ATOM   351  C C   . TRP A 1 59  ? 4.297   7.504   6.079   1.00 20.04 ? 59  TRP A C   1 
ATOM   352  O O   . TRP A 1 59  ? 5.386   7.561   6.597   1.00 20.42 ? 59  TRP A O   1 
ATOM   353  C CB  . TRP A 1 59  ? 2.152   7.337   7.397   1.00 18.38 ? 59  TRP A CB  1 
ATOM   354  C CG  . TRP A 1 59  ? 2.644   8.097   8.547   1.00 19.72 ? 59  TRP A CG  1 
ATOM   355  C CD1 . TRP A 1 59  ? 3.077   9.370   8.554   1.00 24.66 ? 59  TRP A CD1 1 
ATOM   356  C CD2 . TRP A 1 59  ? 2.759   7.639   9.890   1.00 22.13 ? 59  TRP A CD2 1 
ATOM   357  N NE1 . TRP A 1 59  ? 3.445   9.745   9.798   1.00 23.80 ? 59  TRP A NE1 1 
ATOM   358  C CE2 . TRP A 1 59  ? 3.256   8.699   10.644  1.00 24.65 ? 59  TRP A CE2 1 
ATOM   359  C CE3 . TRP A 1 59  ? 2.457   6.448   10.531  1.00 22.31 ? 59  TRP A CE3 1 
ATOM   360  C CZ2 . TRP A 1 59  ? 3.507   8.585   11.976  1.00 29.64 ? 59  TRP A CZ2 1 
ATOM   361  C CZ3 . TRP A 1 59  ? 2.693   6.350   11.848  1.00 27.49 ? 59  TRP A CZ3 1 
ATOM   362  C CH2 . TRP A 1 59  ? 3.207   7.406   12.563  1.00 25.85 ? 59  TRP A CH2 1 
ATOM   363  N N   . VAL A 1 60  ? 3.924   8.221   5.035   1.00 18.11 ? 60  VAL A N   1 
ATOM   364  C CA  . VAL A 1 60  ? 4.761   9.262   4.485   1.00 18.90 ? 60  VAL A CA  1 
ATOM   365  C C   . VAL A 1 60  ? 3.918   10.372  3.907   1.00 18.63 ? 60  VAL A C   1 
ATOM   366  O O   . VAL A 1 60  ? 2.776   10.194  3.706   1.00 16.94 ? 60  VAL A O   1 
ATOM   367  C CB  . VAL A 1 60  ? 5.649   8.753   3.403   1.00 21.05 ? 60  VAL A CB  1 
ATOM   368  C CG1 . VAL A 1 60  ? 6.621   7.767   3.970   1.00 20.14 ? 60  VAL A CG1 1 
ATOM   369  C CG2 . VAL A 1 60  ? 4.868   8.163   2.312   1.00 23.86 ? 60  VAL A CG2 1 
ATOM   370  N N   . SER A 1 61  ? 4.533   11.518  3.677   1.00 17.60 ? 61  SER A N   1 
ATOM   371  C CA  . SER A 1 61  ? 3.805   12.638  3.128   1.00 16.72 ? 61  SER A CA  1 
ATOM   372  C C   . SER A 1 61  ? 4.642   13.449  2.160   1.00 17.73 ? 61  SER A C   1 
ATOM   373  O O   . SER A 1 61  ? 5.825   13.334  2.170   1.00 19.48 ? 61  SER A O   1 
ATOM   374  C CB  . SER A 1 61  ? 3.310   13.536  4.238   1.00 16.37 ? 61  SER A CB  1 
ATOM   375  O OG  . SER A 1 61  ? 4.326   13.917  5.085   1.00 19.86 ? 61  SER A OG  1 
ATOM   376  N N   . GLU A 1 62  ? 3.961   14.241  1.325   1.00 15.79 ? 62  GLU A N   1 
ATOM   377  C CA  . GLU A 1 62  ? 4.555   15.237  0.441   1.00 18.18 ? 62  GLU A CA  1 
ATOM   378  C C   . GLU A 1 62  ? 3.740   16.516  0.539   1.00 17.85 ? 62  GLU A C   1 
ATOM   379  O O   . GLU A 1 62  ? 2.570   16.458  0.710   1.00 18.31 ? 62  GLU A O   1 
ATOM   380  C CB  . GLU A 1 62  ? 4.585   14.751  -0.995  1.00 20.58 ? 62  GLU A CB  1 
ATOM   381  C CG  . GLU A 1 62  ? 5.560   13.630  -1.195  1.00 20.80 ? 62  GLU A CG  1 
ATOM   382  C CD  . GLU A 1 62  ? 5.585   13.014  -2.565  1.00 24.45 ? 62  GLU A CD  1 
ATOM   383  O OE1 . GLU A 1 62  ? 4.903   13.474  -3.457  1.00 22.79 ? 62  GLU A OE1 1 
ATOM   384  O OE2 . GLU A 1 62  ? 6.323   12.050  -2.721  1.00 25.57 ? 62  GLU A OE2 1 
ATOM   385  N N   . PRO A 1 63  ? 4.387   17.657  0.472   1.00 18.17 ? 63  PRO A N   1 
ATOM   386  C CA  . PRO A 1 63  ? 3.671   18.924  0.566   1.00 18.95 ? 63  PRO A CA  1 
ATOM   387  C C   . PRO A 1 63  ? 2.877   19.410  -0.663  1.00 20.09 ? 63  PRO A C   1 
ATOM   388  O O   . PRO A 1 63  ? 2.086   20.312  -0.544  1.00 20.75 ? 63  PRO A O   1 
ATOM   389  C CB  . PRO A 1 63  ? 4.770   19.910  0.925   1.00 19.21 ? 63  PRO A CB  1 
ATOM   390  C CG  . PRO A 1 63  ? 5.953   19.358  0.373   1.00 20.58 ? 63  PRO A CG  1 
ATOM   391  C CD  . PRO A 1 63  ? 5.830   17.873  0.462   1.00 19.75 ? 63  PRO A CD  1 
ATOM   392  N N   . ALA A 1 64  ? 3.193   18.886  -1.823  1.00 19.61 ? 64  ALA A N   1 
ATOM   393  C CA  . ALA A 1 64  ? 2.479   19.206  -3.037  1.00 19.48 ? 64  ALA A CA  1 
ATOM   394  C C   . ALA A 1 64  ? 2.619   17.965  -3.868  1.00 19.81 ? 64  ALA A C   1 
ATOM   395  O O   . ALA A 1 64  ? 3.689   17.610  -4.202  1.00 23.77 ? 64  ALA A O   1 
ATOM   396  C CB  . ALA A 1 64  ? 3.105   20.365  -3.729  1.00 22.83 ? 64  ALA A CB  1 
ATOM   397  N N   . THR A 1 65  ? 1.516   17.311  -4.129  1.00 17.75 ? 65  THR A N   1 
ATOM   398  C CA  . THR A 1 65  ? 1.581   15.989  -4.695  1.00 16.50 ? 65  THR A CA  1 
ATOM   399  C C   . THR A 1 65  ? 0.255   15.613  -5.325  1.00 19.62 ? 65  THR A C   1 
ATOM   400  O O   . THR A 1 65  ? -0.591  16.442  -5.444  1.00 21.35 ? 65  THR A O   1 
ATOM   401  C CB  . THR A 1 65  ? 2.042   14.987  -3.635  1.00 17.11 ? 65  THR A CB  1 
ATOM   402  O OG1 . THR A 1 65  ? 2.299   13.725  -4.236  1.00 17.74 ? 65  THR A OG1 1 
ATOM   403  C CG2 . THR A 1 65  ? 1.023   14.847  -2.559  1.00 18.00 ? 65  THR A CG2 1 
ATOM   404  N N   . THR A 1 66  ? 0.148   14.382  -5.766  1.00 18.52 ? 66  THR A N   1 
ATOM   405  C CA  . THR A 1 66  ? -1.059  13.881  -6.387  1.00 18.30 ? 66  THR A CA  1 
ATOM   406  C C   . THR A 1 66  ? -1.510  12.549  -5.780  1.00 17.22 ? 66  THR A C   1 
ATOM   407  O O   . THR A 1 66  ? -0.787  11.908  -5.162  1.00 17.02 ? 66  THR A O   1 
ATOM   408  C CB  . THR A 1 66  ? -0.899  13.673  -7.891  1.00 18.27 ? 66  THR A CB  1 
ATOM   409  O OG1 . THR A 1 66  ? 0.013   12.638  -8.097  1.00 18.44 ? 66  THR A OG1 1 
ATOM   410  C CG2 . THR A 1 66  ? -0.386  14.867  -8.549  1.00 21.08 ? 66  THR A CG2 1 
ATOM   411  N N   . ASN A 1 67  ? -2.759  12.189  -6.002  1.00 19.31 ? 67  ASN A N   1 
ATOM   412  C CA  . ASN A 1 67  ? -3.284  10.979  -5.451  1.00 18.57 ? 67  ASN A CA  1 
ATOM   413  C C   . ASN A 1 67  ? -2.568  9.777   -6.027  1.00 16.94 ? 67  ASN A C   1 
ATOM   414  O O   . ASN A 1 67  ? -2.289  8.884   -5.319  1.00 22.05 ? 67  ASN A O   1 
ATOM   415  C CB  . ASN A 1 67  ? -4.779  10.809  -5.651  1.00 24.49 ? 67  ASN A CB  1 
ATOM   416  C CG  . ASN A 1 67  ? -5.588  11.625  -4.695  1.00 32.20 ? 67  ASN A CG  1 
ATOM   417  O OD1 . ASN A 1 67  ? -5.708  11.298  -3.537  1.00 40.32 ? 67  ASN A OD1 1 
ATOM   418  N ND2 . ASN A 1 67  ? -6.140  12.711  -5.179  1.00 42.98 ? 67  ASN A ND2 1 
ATOM   419  N N   . ASN A 1 68  ? -2.278  9.804   -7.307  1.00 19.63 ? 68  ASN A N   1 
ATOM   420  C CA  . ASN A 1 68  ? -1.560  8.717   -7.935  1.00 19.09 ? 68  ASN A CA  1 
ATOM   421  C C   . ASN A 1 68  ? -0.165  8.562   -7.396  1.00 19.59 ? 68  ASN A C   1 
ATOM   422  O O   . ASN A 1 68  ? 0.297   7.482   -7.255  1.00 18.58 ? 68  ASN A O   1 
ATOM   423  C CB  . ASN A 1 68  ? -1.515  8.853   -9.438  1.00 19.68 ? 68  ASN A CB  1 
ATOM   424  C CG  . ASN A 1 68  ? -2.843  8.552   -10.110 1.00 23.77 ? 68  ASN A CG  1 
ATOM   425  O OD1 . ASN A 1 68  ? -3.757  8.127   -9.507  1.00 27.23 ? 68  ASN A OD1 1 
ATOM   426  N ND2 . ASN A 1 68  ? -2.900  8.775   -11.376 1.00 29.17 ? 68  ASN A ND2 1 
ATOM   427  N N   . ARG A 1 69  ? 0.508   9.665   -7.160  1.00 15.90 ? 69  ARG A N   1 
ATOM   428  C CA  . ARG A 1 69  ? 1.831   9.550   -6.617  1.00 17.67 ? 69  ARG A CA  1 
ATOM   429  C C   . ARG A 1 69  ? 1.786   8.925   -5.214  1.00 18.02 ? 69  ARG A C   1 
ATOM   430  O O   . ARG A 1 69  ? 2.527   8.056   -4.896  1.00 18.27 ? 69  ARG A O   1 
ATOM   431  C CB  . ARG A 1 69  ? 2.492   10.926  -6.497  1.00 19.77 ? 69  ARG A CB  1 
ATOM   432  C CG  . ARG A 1 69  ? 3.290   11.428  -7.671  1.00 24.35 ? 69  ARG A CG  1 
ATOM   433  C CD  . ARG A 1 69  ? 4.232   12.666  -7.278  1.00 24.61 ? 69  ARG A CD  1 
ATOM   434  N NE  . ARG A 1 69  ? 5.186   12.392  -6.217  1.00 27.22 ? 69  ARG A NE  1 
ATOM   435  C CZ  . ARG A 1 69  ? 6.347   11.805  -6.396  1.00 28.31 ? 69  ARG A CZ  1 
ATOM   436  N NH1 . ARG A 1 69  ? 6.686   11.445  -7.595  1.00 31.01 ? 69  ARG A NH1 1 
ATOM   437  N NH2 . ARG A 1 69  ? 7.145   11.561  -5.401  1.00 26.72 ? 69  ARG A NH2 1 
ATOM   438  N N   . MET A 1 70  ? 0.899   9.420   -4.385  1.00 15.58 ? 70  MET A N   1 
ATOM   439  C CA  . MET A 1 70  ? 0.792   8.913   -3.040  1.00 17.24 ? 70  MET A CA  1 
ATOM   440  C C   . MET A 1 70  ? 0.362   7.416   -2.975  1.00 17.84 ? 70  MET A C   1 
ATOM   441  O O   . MET A 1 70  ? 0.767   6.686   -2.121  1.00 17.96 ? 70  MET A O   1 
ATOM   442  C CB  . MET A 1 70  ? -0.049  9.844   -2.145  1.00 17.25 ? 70  MET A CB  1 
ATOM   443  C CG  . MET A 1 70  ? 0.514   11.218  -2.014  1.00 19.69 ? 70  MET A CG  1 
ATOM   444  S SD  . MET A 1 70  ? 2.314   11.281  -1.664  1.00 22.42 ? 70  MET A SD  1 
ATOM   445  C CE  . MET A 1 70  ? 2.376   10.657  -0.056  1.00 24.45 ? 70  MET A CE  1 
ATOM   446  N N   . ALA A 1 71  ? -0.483  7.022   -3.893  1.00 16.21 ? 71  ALA A N   1 
ATOM   447  C CA  . ALA A 1 71  ? -0.865  5.647   -3.956  1.00 16.32 ? 71  ALA A CA  1 
ATOM   448  C C   . ALA A 1 71  ? 0.378   4.799   -4.235  1.00 15.80 ? 71  ALA A C   1 
ATOM   449  O O   . ALA A 1 71  ? 0.566   3.813   -3.624  1.00 18.23 ? 71  ALA A O   1 
ATOM   450  C CB  . ALA A 1 71  ? -1.889  5.444   -4.997  1.00 15.82 ? 71  ALA A CB  1 
ATOM   451  N N   . LEU A 1 72  ? 1.206   5.251   -5.155  1.00 16.51 ? 72  LEU A N   1 
ATOM   452  C CA  . LEU A 1 72  ? 2.442   4.534   -5.434  1.00 16.91 ? 72  LEU A CA  1 
ATOM   453  C C   . LEU A 1 72  ? 3.397   4.507   -4.232  1.00 18.76 ? 72  LEU A C   1 
ATOM   454  O O   . LEU A 1 72  ? 3.992   3.524   -3.956  1.00 18.75 ? 72  LEU A O   1 
ATOM   455  C CB  . LEU A 1 72  ? 3.102   5.003   -6.731  1.00 16.84 ? 72  LEU A CB  1 
ATOM   456  C CG  . LEU A 1 72  ? 2.454   4.533   -8.003  1.00 18.30 ? 72  LEU A CG  1 
ATOM   457  C CD1 . LEU A 1 72  ? 2.831   5.408   -9.171  1.00 16.08 ? 72  LEU A CD1 1 
ATOM   458  C CD2 . LEU A 1 72  ? 2.825   3.132   -8.230  1.00 17.95 ? 72  LEU A CD2 1 
ATOM   459  N N   . ARG A 1 73  ? 3.491   5.606   -3.513  1.00 16.38 ? 73  ARG A N   1 
ATOM   460  C CA  . ARG A 1 73  ? 4.307   5.632   -2.319  1.00 18.20 ? 73  ARG A CA  1 
ATOM   461  C C   . ARG A 1 73  ? 3.813   4.678   -1.253  1.00 15.87 ? 73  ARG A C   1 
ATOM   462  O O   . ARG A 1 73  ? 4.591   4.159   -0.505  1.00 18.54 ? 73  ARG A O   1 
ATOM   463  C CB  . ARG A 1 73  ? 4.481   7.038   -1.774  1.00 18.31 ? 73  ARG A CB  1 
ATOM   464  C CG  . ARG A 1 73  ? 5.004   7.942   -2.830  1.00 25.44 ? 73  ARG A CG  1 
ATOM   465  C CD  . ARG A 1 73  ? 6.021   8.939   -2.400  1.00 27.16 ? 73  ARG A CD  1 
ATOM   466  N NE  . ARG A 1 73  ? 6.939   8.464   -1.393  1.00 26.33 ? 73  ARG A NE  1 
ATOM   467  C CZ  . ARG A 1 73  ? 7.481   9.277   -0.522  1.00 35.69 ? 73  ARG A CZ  1 
ATOM   468  N NH1 . ARG A 1 73  ? 7.197   10.547  -0.595  1.00 34.66 ? 73  ARG A NH1 1 
ATOM   469  N NH2 . ARG A 1 73  ? 8.313   8.857   0.404   1.00 35.53 ? 73  ARG A NH2 1 
ATOM   470  N N   . SER A 1 74  ? 2.505   4.468   -1.201  1.00 16.84 ? 74  SER A N   1 
ATOM   471  C CA  . SER A 1 74  ? 1.976   3.544   -0.233  1.00 17.74 ? 74  SER A CA  1 
ATOM   472  C C   . SER A 1 74  ? 2.532   2.166   -0.498  1.00 17.01 ? 74  SER A C   1 
ATOM   473  O O   . SER A 1 74  ? 2.835   1.448   0.395   1.00 19.04 ? 74  SER A O   1 
ATOM   474  C CB  . SER A 1 74  ? 0.438   3.560   -0.186  1.00 18.78 ? 74  SER A CB  1 
ATOM   475  O OG  . SER A 1 74  ? -0.193  2.815   -1.183  1.00 20.25 ? 74  SER A OG  1 
ATOM   476  N N   . VAL A 1 75  ? 2.623   1.807   -1.751  1.00 17.44 ? 75  VAL A N   1 
ATOM   477  C CA  . VAL A 1 75  ? 3.240   0.536   -2.073  1.00 16.66 ? 75  VAL A CA  1 
ATOM   478  C C   . VAL A 1 75  ? 4.722   0.514   -1.754  1.00 19.11 ? 75  VAL A C   1 
ATOM   479  O O   . VAL A 1 75  ? 5.208   -0.364  -1.125  1.00 18.17 ? 75  VAL A O   1 
ATOM   480  C CB  . VAL A 1 75  ? 3.119   0.239   -3.553  1.00 16.13 ? 75  VAL A CB  1 
ATOM   481  C CG1 . VAL A 1 75  ? 3.831   -1.073  -3.908  1.00 19.48 ? 75  VAL A CG1 1 
ATOM   482  C CG2 . VAL A 1 75  ? 1.722   0.139   -3.931  1.00 16.91 ? 75  VAL A CG2 1 
ATOM   483  N N   . ILE A 1 76  ? 5.433   1.516   -2.214  1.00 16.67 ? 76  ILE A N   1 
ATOM   484  C CA  . ILE A 1 76  ? 6.844   1.515   -2.007  1.00 16.48 ? 76  ILE A CA  1 
ATOM   485  C C   . ILE A 1 76  ? 7.223   1.508   -0.559  1.00 19.96 ? 76  ILE A C   1 
ATOM   486  O O   . ILE A 1 76  ? 8.037   0.764   -0.143  1.00 19.87 ? 76  ILE A O   1 
ATOM   487  C CB  . ILE A 1 76  ? 7.462   2.747   -2.626  1.00 18.28 ? 76  ILE A CB  1 
ATOM   488  C CG1 . ILE A 1 76  ? 7.280   2.740   -4.115  1.00 18.25 ? 76  ILE A CG1 1 
ATOM   489  C CG2 . ILE A 1 76  ? 8.905   2.866   -2.291  1.00 21.01 ? 76  ILE A CG2 1 
ATOM   490  C CD1 . ILE A 1 76  ? 7.513   4.099   -4.769  1.00 19.89 ? 76  ILE A CD1 1 
ATOM   491  N N   . GLU A 1 77  ? 6.602   2.360   0.210   1.00 18.06 ? 77  GLU A N   1 
ATOM   492  C CA  . GLU A 1 77  ? 6.916   2.401   1.608   1.00 21.02 ? 77  GLU A CA  1 
ATOM   493  C C   . GLU A 1 77  ? 6.592   1.103   2.317   1.00 20.26 ? 77  GLU A C   1 
ATOM   494  O O   . GLU A 1 77  ? 7.297   0.705   3.198   1.00 21.43 ? 77  GLU A O   1 
ATOM   495  C CB  . GLU A 1 77  ? 6.259   3.572   2.317   1.00 22.14 ? 77  GLU A CB  1 
ATOM   496  C CG  . GLU A 1 77  ? 6.742   4.866   1.856   1.00 24.11 ? 77  GLU A CG  1 
ATOM   497  C CD  . GLU A 1 77  ? 8.224   5.074   2.045   1.00 31.16 ? 77  GLU A CD  1 
ATOM   498  O OE1 . GLU A 1 77  ? 8.738   4.703   3.057   1.00 32.70 ? 77  GLU A OE1 1 
ATOM   499  O OE2 . GLU A 1 77  ? 8.860   5.649   1.170   1.00 36.31 ? 77  GLU A OE2 1 
ATOM   500  N N   . ALA A 1 78  ? 5.501   0.479   1.951   1.00 18.25 ? 78  ALA A N   1 
ATOM   501  C CA  . ALA A 1 78  ? 5.117   -0.757  2.589   1.00 19.33 ? 78  ALA A CA  1 
ATOM   502  C C   . ALA A 1 78  ? 6.095   -1.871  2.358   1.00 18.59 ? 78  ALA A C   1 
ATOM   503  O O   . ALA A 1 78  ? 6.498   -2.517  3.244   1.00 20.33 ? 78  ALA A O   1 
ATOM   504  C CB  . ALA A 1 78  ? 3.767   -1.206  2.066   1.00 21.60 ? 78  ALA A CB  1 
ATOM   505  N N   . PHE A 1 79  ? 6.417   -2.078  1.117   1.00 18.42 ? 79  PHE A N   1 
ATOM   506  C CA  . PHE A 1 79  ? 7.329   -3.114  0.746   1.00 18.09 ? 79  PHE A CA  1 
ATOM   507  C C   . PHE A 1 79  ? 8.765   -2.859  1.164   1.00 22.55 ? 79  PHE A C   1 
ATOM   508  O O   . PHE A 1 79  ? 9.522   -3.775  1.351   1.00 22.74 ? 79  PHE A O   1 
ATOM   509  C CB  . PHE A 1 79  ? 7.178   -3.475  -0.716  1.00 18.66 ? 79  PHE A CB  1 
ATOM   510  C CG  . PHE A 1 79  ? 5.959   -4.273  -0.992  1.00 18.56 ? 79  PHE A CG  1 
ATOM   511  C CD1 . PHE A 1 79  ? 5.965   -5.609  -0.851  1.00 18.29 ? 79  PHE A CD1 1 
ATOM   512  C CD2 . PHE A 1 79  ? 4.802   -3.678  -1.338  1.00 19.10 ? 79  PHE A CD2 1 
ATOM   513  C CE1 . PHE A 1 79  ? 4.875   -6.298  -1.073  1.00 19.09 ? 79  PHE A CE1 1 
ATOM   514  C CE2 . PHE A 1 79  ? 3.705   -4.377  -1.542  1.00 17.83 ? 79  PHE A CE2 1 
ATOM   515  C CZ  . PHE A 1 79  ? 3.734   -5.682  -1.406  1.00 19.49 ? 79  PHE A CZ  1 
ATOM   516  N N   . ARG A 1 80  ? 9.165   -1.615  1.197   1.00 21.29 ? 80  ARG A N   1 
ATOM   517  C CA  . ARG A 1 80  ? 10.472  -1.307  1.720   1.00 25.00 ? 80  ARG A CA  1 
ATOM   518  C C   . ARG A 1 80  ? 10.604  -1.628  3.213   1.00 26.55 ? 80  ARG A C   1 
ATOM   519  O O   . ARG A 1 80  ? 11.566  -2.161  3.642   1.00 27.11 ? 80  ARG A O   1 
ATOM   520  C CB  . ARG A 1 80  ? 10.855  0.151   1.454   1.00 25.02 ? 80  ARG A CB  1 
ATOM   521  C CG  . ARG A 1 80  ? 11.412  0.375   0.087   1.00 27.72 ? 80  ARG A CG  1 
ATOM   522  C CD  . ARG A 1 80  ? 11.705  1.838   -0.204  1.00 26.76 ? 80  ARG A CD  1 
ATOM   523  N NE  . ARG A 1 80  ? 12.033  2.037   -1.592  1.00 29.72 ? 80  ARG A NE  1 
ATOM   524  C CZ  . ARG A 1 80  ? 12.156  3.209   -2.154  1.00 30.08 ? 80  ARG A CZ  1 
ATOM   525  N NH1 . ARG A 1 80  ? 11.966  4.276   -1.441  1.00 29.53 ? 80  ARG A NH1 1 
ATOM   526  N NH2 . ARG A 1 80  ? 12.447  3.285   -3.430  1.00 33.88 ? 80  ARG A NH2 1 
ATOM   527  N N   . ALA A 1 81  ? 9.604   -1.290  3.986   1.00 24.57 ? 81  ALA A N   1 
ATOM   528  C CA  . ALA A 1 81  ? 9.664   -1.580  5.384   1.00 26.64 ? 81  ALA A CA  1 
ATOM   529  C C   . ALA A 1 81  ? 9.730   -3.063  5.671   1.00 28.74 ? 81  ALA A C   1 
ATOM   530  O O   . ALA A 1 81  ? 10.531  -3.501  6.442   1.00 26.52 ? 81  ALA A O   1 
ATOM   531  C CB  . ALA A 1 81  ? 8.551   -1.027  6.036   1.00 28.20 ? 81  ALA A CB  1 
ATOM   532  N N   . ILE A 1 82  ? 8.885   -3.836  5.047   1.00 26.19 ? 82  ILE A N   1 
ATOM   533  C CA  . ILE A 1 82  ? 8.945   -5.268  5.304   1.00 26.26 ? 82  ILE A CA  1 
ATOM   534  C C   . ILE A 1 82  ? 10.156  -5.953  4.716   1.00 28.73 ? 82  ILE A C   1 
ATOM   535  O O   . ILE A 1 82  ? 10.538  -6.996  5.148   1.00 27.43 ? 82  ILE A O   1 
ATOM   536  C CB  . ILE A 1 82  ? 7.667   -6.013  4.967   1.00 26.99 ? 82  ILE A CB  1 
ATOM   537  C CG1 . ILE A 1 82  ? 7.540   -6.152  3.501   1.00 26.76 ? 82  ILE A CG1 1 
ATOM   538  C CG2 . ILE A 1 82  ? 6.475   -5.321  5.556   1.00 25.20 ? 82  ILE A CG2 1 
ATOM   539  C CD1 . ILE A 1 82  ? 6.427   -6.964  3.112   1.00 34.60 ? 82  ILE A CD1 1 
ATOM   540  N N   . GLY A 1 83  ? 10.745  -5.336  3.717   1.00 28.79 ? 83  GLY A N   1 
ATOM   541  C CA  . GLY A 1 83  ? 11.921  -5.872  3.076   1.00 30.92 ? 83  GLY A CA  1 
ATOM   542  C C   . GLY A 1 83  ? 13.148  -5.919  3.949   1.00 31.39 ? 83  GLY A C   1 
ATOM   543  O O   . GLY A 1 83  ? 14.109  -6.577  3.641   1.00 31.98 ? 83  GLY A O   1 
ATOM   544  N N   . HIS A 1 84  ? 13.112  -5.209  5.033   1.00 31.59 ? 84  HIS A N   1 
ATOM   545  C CA  . HIS A 1 84  ? 14.276  -5.041  5.857   1.00 34.57 ? 84  HIS A CA  1 
ATOM   546  C C   . HIS A 1 84  ? 14.430  -6.079  6.934   1.00 34.74 ? 84  HIS A C   1 
ATOM   547  O O   . HIS A 1 84  ? 15.205  -5.914  7.823   1.00 35.55 ? 84  HIS A O   1 
ATOM   548  C CB  . HIS A 1 84  ? 14.276  -3.672  6.509   1.00 35.67 ? 84  HIS A CB  1 
ATOM   549  C CG  . HIS A 1 84  ? 15.150  -2.672  5.828   1.00 44.41 ? 84  HIS A CG  1 
ATOM   550  N ND1 . HIS A 1 84  ? 14.651  -1.577  5.171   1.00 50.75 ? 84  HIS A ND1 1 
ATOM   551  C CD2 . HIS A 1 84  ? 16.494  -2.594  5.711   1.00 50.58 ? 84  HIS A CD2 1 
ATOM   552  C CE1 . HIS A 1 84  ? 15.650  -0.859  4.691   1.00 52.63 ? 84  HIS A CE1 1 
ATOM   553  N NE2 . HIS A 1 84  ? 16.778  -1.463  4.995   1.00 50.16 ? 84  HIS A NE2 1 
ATOM   554  N N   . LYS A 1 85  ? 13.663  -7.146  6.864   1.00 34.68 ? 85  LYS A N   1 
ATOM   555  C CA  . LYS A 1 85  ? 13.674  -8.201  7.864   1.00 32.84 ? 85  LYS A CA  1 
ATOM   556  C C   . LYS A 1 85  ? 14.316  -9.515  7.470   1.00 33.21 ? 85  LYS A C   1 
ATOM   557  O O   . LYS A 1 85  ? 14.048  -10.516 8.056   1.00 34.52 ? 85  LYS A O   1 
ATOM   558  C CB  . LYS A 1 85  ? 12.273  -8.483  8.406   1.00 33.87 ? 85  LYS A CB  1 
ATOM   559  C CG  . LYS A 1 85  ? 11.406  -7.314  8.524   1.00 36.63 ? 85  LYS A CG  1 
ATOM   560  C CD  . LYS A 1 85  ? 11.342  -6.720  9.908   1.00 42.11 ? 85  LYS A CD  1 
ATOM   561  C CE  . LYS A 1 85  ? 11.919  -7.624  11.013  1.00 42.07 ? 85  LYS A CE  1 
ATOM   562  N NZ  . LYS A 1 85  ? 11.925  -6.891  12.300  1.00 46.53 ? 85  LYS A NZ  1 
ATOM   563  N N   . GLY A 1 86  ? 15.146  -9.525  6.470   1.00 28.12 ? 86  GLY A N   1 
ATOM   564  C CA  . GLY A 1 86  ? 15.888  -10.708 6.170   1.00 25.81 ? 86  GLY A CA  1 
ATOM   565  C C   . GLY A 1 86  ? 15.183  -11.811 5.469   1.00 24.21 ? 86  GLY A C   1 
ATOM   566  O O   . GLY A 1 86  ? 15.655  -12.878 5.431   1.00 28.84 ? 86  GLY A O   1 
ATOM   567  N N   . THR A 1 87  ? 14.024  -11.541 4.936   1.00 23.38 ? 87  THR A N   1 
ATOM   568  C CA  . THR A 1 87  ? 13.245  -12.560 4.297   1.00 20.58 ? 87  THR A CA  1 
ATOM   569  C C   . THR A 1 87  ? 12.284  -11.949 3.283   1.00 20.12 ? 87  THR A C   1 
ATOM   570  O O   . THR A 1 87  ? 11.886  -10.848 3.437   1.00 21.24 ? 87  THR A O   1 
ATOM   571  C CB  . THR A 1 87  ? 12.425  -13.355 5.362   1.00 21.85 ? 87  THR A CB  1 
ATOM   572  O OG1 . THR A 1 87  ? 11.625  -14.357 4.758   1.00 21.90 ? 87  THR A OG1 1 
ATOM   573  C CG2 . THR A 1 87  ? 11.560  -12.456 6.179   1.00 24.43 ? 87  THR A CG2 1 
ATOM   574  N N   . ARG A 1 88  ? 11.932  -12.720 2.273   1.00 20.41 ? 88  ARG A N   1 
ATOM   575  C CA  . ARG A 1 88  ? 10.794  -12.406 1.453   1.00 19.23 ? 88  ARG A CA  1 
ATOM   576  C C   . ARG A 1 88  ? 9.538   -12.667 2.240   1.00 19.72 ? 88  ARG A C   1 
ATOM   577  O O   . ARG A 1 88  ? 9.557   -13.389 3.149   1.00 18.41 ? 88  ARG A O   1 
ATOM   578  C CB  . ARG A 1 88  ? 10.795  -13.200 0.168   1.00 22.49 ? 88  ARG A CB  1 
ATOM   579  C CG  . ARG A 1 88  ? 11.911  -12.847 -0.763  1.00 28.50 ? 88  ARG A CG  1 
ATOM   580  C CD  . ARG A 1 88  ? 12.019  -13.876 -1.886  1.00 34.56 ? 88  ARG A CD  1 
ATOM   581  N NE  . ARG A 1 88  ? 12.517  -15.179 -1.451  1.00 42.77 ? 88  ARG A NE  1 
ATOM   582  C CZ  . ARG A 1 88  ? 11.808  -16.317 -1.377  1.00 47.51 ? 88  ARG A CZ  1 
ATOM   583  N NH1 . ARG A 1 88  ? 10.519  -16.371 -1.694  1.00 40.40 ? 88  ARG A NH1 1 
ATOM   584  N NH2 . ARG A 1 88  ? 12.408  -17.432 -0.982  1.00 47.68 ? 88  ARG A NH2 1 
ATOM   585  N N   . PHE A 1 89  ? 8.450   -12.029 1.844   1.00 17.06 ? 89  PHE A N   1 
ATOM   586  C CA  . PHE A 1 89  ? 7.197   -12.143 2.514   1.00 17.70 ? 89  PHE A CA  1 
ATOM   587  C C   . PHE A 1 89  ? 6.114   -12.556 1.528   1.00 17.62 ? 89  PHE A C   1 
ATOM   588  O O   . PHE A 1 89  ? 6.213   -12.294 0.384   1.00 18.94 ? 89  PHE A O   1 
ATOM   589  C CB  . PHE A 1 89  ? 6.751   -10.783 3.068   1.00 16.66 ? 89  PHE A CB  1 
ATOM   590  C CG  . PHE A 1 89  ? 7.306   -10.417 4.406   1.00 15.36 ? 89  PHE A CG  1 
ATOM   591  C CD1 . PHE A 1 89  ? 6.506   -10.356 5.487   1.00 17.08 ? 89  PHE A CD1 1 
ATOM   592  C CD2 . PHE A 1 89  ? 8.600   -10.068 4.563   1.00 16.69 ? 89  PHE A CD2 1 
ATOM   593  C CE1 . PHE A 1 89  ? 6.986   -9.986  6.676   1.00 19.93 ? 89  PHE A CE1 1 
ATOM   594  C CE2 . PHE A 1 89  ? 9.061   -9.719  5.759   1.00 20.92 ? 89  PHE A CE2 1 
ATOM   595  C CZ  . PHE A 1 89  ? 8.268   -9.676  6.803   1.00 18.51 ? 89  PHE A CZ  1 
ATOM   596  N N   . ARG A 1 90  ? 5.063   -13.172 2.029   1.00 15.19 ? 90  ARG A N   1 
ATOM   597  C CA  . ARG A 1 90  ? 3.818   -13.282 1.320   1.00 14.96 ? 90  ARG A CA  1 
ATOM   598  C C   . ARG A 1 90  ? 2.889   -12.161 1.840   1.00 16.34 ? 90  ARG A C   1 
ATOM   599  O O   . ARG A 1 90  ? 2.791   -11.985 2.970   1.00 17.76 ? 90  ARG A O   1 
ATOM   600  C CB  . ARG A 1 90  ? 3.193   -14.634 1.556   1.00 16.29 ? 90  ARG A CB  1 
ATOM   601  C CG  . ARG A 1 90  ? 3.906   -15.709 0.877   1.00 17.38 ? 90  ARG A CG  1 
ATOM   602  C CD  . ARG A 1 90  ? 3.364   -17.091 1.268   1.00 17.78 ? 90  ARG A CD  1 
ATOM   603  N NE  . ARG A 1 90  ? 3.930   -17.486 2.528   1.00 17.79 ? 90  ARG A NE  1 
ATOM   604  C CZ  . ARG A 1 90  ? 3.422   -18.401 3.305   1.00 25.77 ? 90  ARG A CZ  1 
ATOM   605  N NH1 . ARG A 1 90  ? 2.353   -19.031 2.953   1.00 26.20 ? 90  ARG A NH1 1 
ATOM   606  N NH2 . ARG A 1 90  ? 3.994   -18.676 4.449   1.00 28.53 ? 90  ARG A NH2 1 
ATOM   607  N N   . VAL A 1 91  ? 2.264   -11.415 0.951   1.00 14.19 ? 91  VAL A N   1 
ATOM   608  C CA  . VAL A 1 91  ? 1.506   -10.251 1.320   1.00 15.20 ? 91  VAL A CA  1 
ATOM   609  C C   . VAL A 1 91  ? 0.168   -10.249 0.635   1.00 15.48 ? 91  VAL A C   1 
ATOM   610  O O   . VAL A 1 91  ? 0.094   -10.400 -0.507  1.00 15.65 ? 91  VAL A O   1 
ATOM   611  C CB  . VAL A 1 91  ? 2.249   -8.960  0.923   1.00 15.22 ? 91  VAL A CB  1 
ATOM   612  C CG1 . VAL A 1 91  ? 1.488   -7.742  1.312   1.00 17.05 ? 91  VAL A CG1 1 
ATOM   613  C CG2 . VAL A 1 91  ? 3.643   -8.962  1.500   1.00 16.53 ? 91  VAL A CG2 1 
ATOM   614  N N   . VAL A 1 92  ? -0.875  -9.993  1.387   1.00 16.38 ? 92  VAL A N   1 
ATOM   615  C CA  . VAL A 1 92  ? -2.133  -9.658  0.798   1.00 15.69 ? 92  VAL A CA  1 
ATOM   616  C C   . VAL A 1 92  ? -2.242  -8.157  0.915   1.00 18.62 ? 92  VAL A C   1 
ATOM   617  O O   . VAL A 1 92  ? -2.258  -7.683  1.995   1.00 19.76 ? 92  VAL A O   1 
ATOM   618  C CB  . VAL A 1 92  ? -3.289  -10.287 1.568   1.00 16.06 ? 92  VAL A CB  1 
ATOM   619  C CG1 . VAL A 1 92  ? -4.581  -9.895  0.945   1.00 15.89 ? 92  VAL A CG1 1 
ATOM   620  C CG2 . VAL A 1 92  ? -3.162  -11.758 1.572   1.00 15.40 ? 92  VAL A CG2 1 
ATOM   621  N N   . PHE A 1 93  ? -2.287  -7.449  -0.211  1.00 17.07 ? 93  PHE A N   1 
ATOM   622  C CA  . PHE A 1 93  ? -2.273  -6.000  -0.209  1.00 13.72 ? 93  PHE A CA  1 
ATOM   623  C C   . PHE A 1 93  ? -3.612  -5.510  -0.677  1.00 16.62 ? 93  PHE A C   1 
ATOM   624  O O   . PHE A 1 93  ? -3.971  -5.731  -1.756  1.00 17.03 ? 93  PHE A O   1 
ATOM   625  C CB  . PHE A 1 93  ? -1.147  -5.486  -1.134  1.00 14.28 ? 93  PHE A CB  1 
ATOM   626  C CG  . PHE A 1 93  ? -0.851  -3.998  -1.043  1.00 16.93 ? 93  PHE A CG  1 
ATOM   627  C CD1 . PHE A 1 93  ? 0.255   -3.537  -0.410  1.00 17.82 ? 93  PHE A CD1 1 
ATOM   628  C CD2 . PHE A 1 93  ? -1.618  -3.090  -1.697  1.00 19.35 ? 93  PHE A CD2 1 
ATOM   629  C CE1 . PHE A 1 93  ? 0.539   -2.246  -0.366  1.00 16.43 ? 93  PHE A CE1 1 
ATOM   630  C CE2 . PHE A 1 93  ? -1.325  -1.804  -1.652  1.00 17.20 ? 93  PHE A CE2 1 
ATOM   631  C CZ  . PHE A 1 93  ? -0.250  -1.380  -0.979  1.00 16.48 ? 93  PHE A CZ  1 
ATOM   632  N N   . THR A 1 94  ? -4.321  -4.857  0.226   1.00 14.62 ? 94  THR A N   1 
ATOM   633  C CA  . THR A 1 94  ? -5.625  -4.341  -0.058  1.00 16.78 ? 94  THR A CA  1 
ATOM   634  C C   . THR A 1 94  ? -5.659  -2.821  -0.047  1.00 16.66 ? 94  THR A C   1 
ATOM   635  O O   . THR A 1 94  ? -5.270  -2.228  0.859   1.00 18.40 ? 94  THR A O   1 
ATOM   636  C CB  . THR A 1 94  ? -6.678  -4.858  0.980   1.00 16.60 ? 94  THR A CB  1 
ATOM   637  O OG1 . THR A 1 94  ? -6.683  -6.274  0.997   1.00 18.72 ? 94  THR A OG1 1 
ATOM   638  C CG2 . THR A 1 94  ? -8.028  -4.369  0.626   1.00 18.70 ? 94  THR A CG2 1 
ATOM   639  N N   . THR A 1 95  ? -6.167  -2.250  -1.119  1.00 16.23 ? 95  THR A N   1 
ATOM   640  C CA  . THR A 1 95  ? -6.188  -0.821  -1.275  1.00 17.18 ? 95  THR A CA  1 
ATOM   641  C C   . THR A 1 95  ? -7.443  -0.360  -1.952  1.00 19.58 ? 95  THR A C   1 
ATOM   642  O O   . THR A 1 95  ? -8.048  -1.109  -2.602  1.00 19.28 ? 95  THR A O   1 
ATOM   643  C CB  . THR A 1 95  ? -5.008  -0.350  -2.087  1.00 20.72 ? 95  THR A CB  1 
ATOM   644  O OG1 . THR A 1 95  ? -5.090  1.049   -2.265  1.00 19.85 ? 95  THR A OG1 1 
ATOM   645  C CG2 . THR A 1 95  ? -4.962  -1.028  -3.384  1.00 20.84 ? 95  THR A CG2 1 
ATOM   646  N N   . ASP A 1 96  ? -7.804  0.896   -1.725  1.00 20.28 ? 96  ASP A N   1 
ATOM   647  C CA  . ASP A 1 96  ? -8.866  1.572   -2.453  1.00 24.43 ? 96  ASP A CA  1 
ATOM   648  C C   . ASP A 1 96  ? -8.459  2.015   -3.853  1.00 22.44 ? 96  ASP A C   1 
ATOM   649  O O   . ASP A 1 96  ? -9.262  2.434   -4.606  1.00 23.24 ? 96  ASP A O   1 
ATOM   650  C CB  . ASP A 1 96  ? -9.384  2.796   -1.692  1.00 25.16 ? 96  ASP A CB  1 
ATOM   651  C CG  . ASP A 1 96  ? -8.363  3.907   -1.606  1.00 34.47 ? 96  ASP A CG  1 
ATOM   652  O OD1 . ASP A 1 96  ? -7.179  3.645   -1.522  1.00 37.70 ? 96  ASP A OD1 1 
ATOM   653  O OD2 . ASP A 1 96  ? -8.734  5.060   -1.574  1.00 40.10 ? 96  ASP A OD2 1 
ATOM   654  N N   . SER A 1 97  ? -7.190  1.921   -4.168  1.00 20.80 ? 97  SER A N   1 
ATOM   655  C CA  . SER A 1 97  ? -6.719  2.405   -5.413  1.00 18.94 ? 97  SER A CA  1 
ATOM   656  C C   . SER A 1 97  ? -6.691  1.346   -6.493  1.00 20.11 ? 97  SER A C   1 
ATOM   657  O O   . SER A 1 97  ? -5.865  0.506   -6.497  1.00 20.36 ? 97  SER A O   1 
ATOM   658  C CB  . SER A 1 97  ? -5.315  2.961   -5.228  1.00 21.93 ? 97  SER A CB  1 
ATOM   659  O OG  . SER A 1 97  ? -4.740  3.341   -6.429  1.00 21.01 ? 97  SER A OG  1 
ATOM   660  N N   . ARG A 1 98  ? -7.620  1.452   -7.430  1.00 22.36 ? 98  ARG A N   1 
ATOM   661  C CA  . ARG A 1 98  ? -7.594  0.628   -8.603  1.00 21.33 ? 98  ARG A CA  1 
ATOM   662  C C   . ARG A 1 98  ? -6.398  0.951   -9.444  1.00 21.33 ? 98  ARG A C   1 
ATOM   663  O O   . ARG A 1 98  ? -5.908  0.157   -10.153 1.00 21.38 ? 98  ARG A O   1 
ATOM   664  C CB  . ARG A 1 98  ? -8.888  0.688   -9.375  1.00 25.62 ? 98  ARG A CB  1 
ATOM   665  C CG  . ARG A 1 98  ? -9.891  -0.228  -8.814  1.00 28.25 ? 98  ARG A CG  1 
ATOM   666  C CD  . ARG A 1 98  ? -10.793 -0.825  -9.814  1.00 23.74 ? 98  ARG A CD  1 
ATOM   667  N NE  . ARG A 1 98  ? -10.231 -1.964  -10.479 1.00 24.05 ? 98  ARG A NE  1 
ATOM   668  C CZ  . ARG A 1 98  ? -10.657 -3.201  -10.330 1.00 27.90 ? 98  ARG A CZ  1 
ATOM   669  N NH1 . ARG A 1 98  ? -11.652 -3.477  -9.511  1.00 29.30 ? 98  ARG A NH1 1 
ATOM   670  N NH2 . ARG A 1 98  ? -10.087 -4.178  -11.003 1.00 26.24 ? 98  ARG A NH2 1 
ATOM   671  N N   . TYR A 1 99  ? -5.892  2.139   -9.301  1.00 20.04 ? 99  TYR A N   1 
ATOM   672  C CA  . TYR A 1 99  ? -4.717  2.491   -10.052 1.00 19.47 ? 99  TYR A CA  1 
ATOM   673  C C   . TYR A 1 99  ? -3.625  1.485   -9.689  1.00 19.42 ? 99  TYR A C   1 
ATOM   674  O O   . TYR A 1 99  ? -3.018  0.967   -10.538 1.00 18.21 ? 99  TYR A O   1 
ATOM   675  C CB  . TYR A 1 99  ? -4.263  3.915   -9.664  1.00 18.25 ? 99  TYR A CB  1 
ATOM   676  C CG  . TYR A 1 99  ? -3.103  4.529   -10.415 1.00 18.42 ? 99  TYR A CG  1 
ATOM   677  C CD1 . TYR A 1 99  ? -3.188  4.839   -11.732 1.00 24.86 ? 99  TYR A CD1 1 
ATOM   678  C CD2 . TYR A 1 99  ? -1.926  4.814   -9.788  1.00 20.07 ? 99  TYR A CD2 1 
ATOM   679  C CE1 . TYR A 1 99  ? -2.134  5.394   -12.407 1.00 22.67 ? 99  TYR A CE1 1 
ATOM   680  C CE2 . TYR A 1 99  ? -0.900  5.387   -10.451 1.00 22.50 ? 99  TYR A CE2 1 
ATOM   681  C CZ  . TYR A 1 99  ? -1.000  5.673   -11.771 1.00 25.51 ? 99  TYR A CZ  1 
ATOM   682  O OH  . TYR A 1 99  ? 0.030   6.250   -12.456 1.00 26.13 ? 99  TYR A OH  1 
ATOM   683  N N   . ILE A 1 100 ? -3.425  1.228   -8.410  1.00 17.16 ? 100 ILE A N   1 
ATOM   684  C CA  . ILE A 1 100 ? -2.431  0.256   -7.964  1.00 15.74 ? 100 ILE A CA  1 
ATOM   685  C C   . ILE A 1 100 ? -2.786  -1.182  -8.334  1.00 15.97 ? 100 ILE A C   1 
ATOM   686  O O   . ILE A 1 100 ? -1.987  -1.875  -8.829  1.00 19.50 ? 100 ILE A O   1 
ATOM   687  C CB  . ILE A 1 100 ? -2.235  0.295   -6.443  1.00 15.53 ? 100 ILE A CB  1 
ATOM   688  C CG1 . ILE A 1 100 ? -1.685  1.641   -6.002  1.00 17.66 ? 100 ILE A CG1 1 
ATOM   689  C CG2 . ILE A 1 100 ? -1.360  -0.816  -5.978  1.00 15.78 ? 100 ILE A CG2 1 
ATOM   690  C CD1 . ILE A 1 100 ? -0.515  2.084   -6.711  1.00 21.46 ? 100 ILE A CD1 1 
ATOM   691  N N   . VAL A 1 101 ? -4.012  -1.588  -8.067  1.00 16.36 ? 101 VAL A N   1 
ATOM   692  C CA  . VAL A 1 101 ? -4.365  -2.957  -8.310  1.00 16.64 ? 101 VAL A CA  1 
ATOM   693  C C   . VAL A 1 101 ? -4.308  -3.346  -9.787  1.00 18.15 ? 101 VAL A C   1 
ATOM   694  O O   . VAL A 1 101 ? -3.802  -4.372  -10.138 1.00 16.94 ? 101 VAL A O   1 
ATOM   695  C CB  . VAL A 1 101 ? -5.783  -3.282  -7.765  1.00 15.12 ? 101 VAL A CB  1 
ATOM   696  C CG1 . VAL A 1 101 ? -6.168  -4.644  -8.071  1.00 17.98 ? 101 VAL A CG1 1 
ATOM   697  C CG2 . VAL A 1 101 ? -5.833  -3.073  -6.336  1.00 18.01 ? 101 VAL A CG2 1 
ATOM   698  N N   . ASP A 1 102 ? -4.913  -2.537  -10.637 1.00 16.58 ? 102 ASP A N   1 
ATOM   699  C CA  . ASP A 1 102 ? -4.854  -2.775  -12.057 1.00 17.05 ? 102 ASP A CA  1 
ATOM   700  C C   . ASP A 1 102 ? -3.435  -2.571  -12.613 1.00 19.75 ? 102 ASP A C   1 
ATOM   701  O O   . ASP A 1 102 ? -3.031  -3.222  -13.508 1.00 19.16 ? 102 ASP A O   1 
ATOM   702  C CB  . ASP A 1 102 ? -5.872  -1.948  -12.813 1.00 18.25 ? 102 ASP A CB  1 
ATOM   703  C CG  . ASP A 1 102 ? -7.281  -2.302  -12.471 1.00 15.70 ? 102 ASP A CG  1 
ATOM   704  O OD1 . ASP A 1 102 ? -7.549  -3.442  -12.171 1.00 20.48 ? 102 ASP A OD1 1 
ATOM   705  O OD2 . ASP A 1 102 ? -8.094  -1.416  -12.555 1.00 20.26 ? 102 ASP A OD2 1 
ATOM   706  N N   . GLY A 1 103 ? -2.721  -1.608  -12.090 1.00 17.14 ? 103 GLY A N   1 
ATOM   707  C CA  . GLY A 1 103 ? -1.363  -1.430  -12.539 1.00 19.44 ? 103 GLY A CA  1 
ATOM   708  C C   . GLY A 1 103 ? -0.470  -2.593  -12.220 1.00 20.37 ? 103 GLY A C   1 
ATOM   709  O O   . GLY A 1 103 ? 0.259   -3.019  -13.037 1.00 19.09 ? 103 GLY A O   1 
ATOM   710  N N   . MET A 1 104 ? -0.538  -3.086  -11.001 1.00 20.06 ? 104 MET A N   1 
ATOM   711  C CA  . MET A 1 104 ? 0.279   -4.223  -10.626 1.00 19.35 ? 104 MET A CA  1 
ATOM   712  C C   . MET A 1 104 ? -0.096  -5.533  -11.277 1.00 19.32 ? 104 MET A C   1 
ATOM   713  O O   . MET A 1 104 ? 0.696   -6.394  -11.375 1.00 20.69 ? 104 MET A O   1 
ATOM   714  C CB  . MET A 1 104 ? 0.356   -4.394  -9.129  1.00 18.62 ? 104 MET A CB  1 
ATOM   715  C CG  . MET A 1 104 ? 0.995   -3.255  -8.482  1.00 19.16 ? 104 MET A CG  1 
ATOM   716  S SD  . MET A 1 104 ? 2.776   -3.265  -8.827  1.00 21.77 ? 104 MET A SD  1 
ATOM   717  C CE  . MET A 1 104 ? 3.385   -2.092  -7.659  1.00 25.66 ? 104 MET A CE  1 
ATOM   718  N N   . THR A 1 105 ? -1.355  -5.689  -11.597 1.00 18.28 ? 105 THR A N   1 
ATOM   719  C CA  . THR A 1 105 ? -1.793  -6.929  -12.165 1.00 18.33 ? 105 THR A CA  1 
ATOM   720  C C   . THR A 1 105 ? -1.820  -6.938  -13.658 1.00 19.49 ? 105 THR A C   1 
ATOM   721  O O   . THR A 1 105 ? -1.824  -7.980  -14.254 1.00 20.13 ? 105 THR A O   1 
ATOM   722  C CB  . THR A 1 105 ? -3.205  -7.334  -11.701 1.00 17.53 ? 105 THR A CB  1 
ATOM   723  O OG1 . THR A 1 105 ? -4.148  -6.324  -11.982 1.00 19.27 ? 105 THR A OG1 1 
ATOM   724  C CG2 . THR A 1 105 ? -3.211  -7.649  -10.232 1.00 18.43 ? 105 THR A CG2 1 
ATOM   725  N N   . ARG A 1 106 ? -1.935  -5.759  -14.240 1.00 18.16 ? 106 ARG A N   1 
ATOM   726  C CA  . ARG A 1 106 ? -2.008  -5.604  -15.677 1.00 20.25 ? 106 ARG A CA  1 
ATOM   727  C C   . ARG A 1 106 ? -1.067  -4.602  -16.292 1.00 20.91 ? 106 ARG A C   1 
ATOM   728  O O   . ARG A 1 106 ? -0.285  -4.927  -17.083 1.00 23.72 ? 106 ARG A O   1 
ATOM   729  C CB  . ARG A 1 106 ? -3.415  -5.236  -16.103 1.00 21.85 ? 106 ARG A CB  1 
ATOM   730  C CG  . ARG A 1 106 ? -4.418  -6.239  -15.845 1.00 21.32 ? 106 ARG A CG  1 
ATOM   731  C CD  . ARG A 1 106 ? -5.806  -5.782  -16.259 1.00 28.40 ? 106 ARG A CD  1 
ATOM   732  N NE  . ARG A 1 106 ? -6.779  -6.791  -15.942 1.00 34.39 ? 106 ARG A NE  1 
ATOM   733  C CZ  . ARG A 1 106 ? -7.316  -7.591  -16.839 1.00 33.70 ? 106 ARG A CZ  1 
ATOM   734  N NH1 . ARG A 1 106 ? -7.012  -7.463  -18.112 1.00 31.37 ? 106 ARG A NH1 1 
ATOM   735  N NH2 . ARG A 1 106 ? -8.184  -8.500  -16.453 1.00 36.88 ? 106 ARG A NH2 1 
ATOM   736  N N   . TRP A 1 107 ? -1.194  -3.350  -15.927 1.00 19.10 ? 107 TRP A N   1 
ATOM   737  C CA  . TRP A 1 107 ? -0.526  -2.312  -16.673 1.00 19.41 ? 107 TRP A CA  1 
ATOM   738  C C   . TRP A 1 107 ? 1.007   -2.385  -16.691 1.00 19.84 ? 107 TRP A C   1 
ATOM   739  O O   . TRP A 1 107 ? 1.574   -2.078  -17.666 1.00 21.60 ? 107 TRP A O   1 
ATOM   740  C CB  . TRP A 1 107 ? -0.989  -0.937  -16.223 1.00 20.05 ? 107 TRP A CB  1 
ATOM   741  C CG  . TRP A 1 107 ? -2.436  -0.719  -16.114 1.00 24.07 ? 107 TRP A CG  1 
ATOM   742  C CD1 . TRP A 1 107 ? -3.417  -1.362  -16.740 1.00 27.06 ? 107 TRP A CD1 1 
ATOM   743  C CD2 . TRP A 1 107 ? -3.054  0.260   -15.316 1.00 27.07 ? 107 TRP A CD2 1 
ATOM   744  N NE1 . TRP A 1 107 ? -4.626  -0.863  -16.369 1.00 32.79 ? 107 TRP A NE1 1 
ATOM   745  C CE2 . TRP A 1 107 ? -4.414  0.149   -15.485 1.00 28.23 ? 107 TRP A CE2 1 
ATOM   746  C CE3 . TRP A 1 107 ? -2.578  1.228   -14.473 1.00 40.52 ? 107 TRP A CE3 1 
ATOM   747  C CZ2 . TRP A 1 107 ? -5.306  0.988   -14.864 1.00 32.50 ? 107 TRP A CZ2 1 
ATOM   748  C CZ3 . TRP A 1 107 ? -3.491  2.049   -13.812 1.00 32.45 ? 107 TRP A CZ3 1 
ATOM   749  C CH2 . TRP A 1 107 ? -4.821  1.918   -14.028 1.00 39.56 ? 107 TRP A CH2 1 
ATOM   750  N N   . VAL A 1 108 ? 1.642   -2.804  -15.602 1.00 19.09 ? 108 VAL A N   1 
ATOM   751  C CA  . VAL A 1 108 ? 3.083   -2.817  -15.539 1.00 17.97 ? 108 VAL A CA  1 
ATOM   752  C C   . VAL A 1 108 ? 3.595   -3.756  -16.596 1.00 19.84 ? 108 VAL A C   1 
ATOM   753  O O   . VAL A 1 108 ? 4.611   -3.581  -17.139 1.00 20.22 ? 108 VAL A O   1 
ATOM   754  C CB  . VAL A 1 108 ? 3.654   -3.239  -14.191 1.00 18.22 ? 108 VAL A CB  1 
ATOM   755  C CG1 . VAL A 1 108 ? 3.531   -2.149  -13.224 1.00 20.34 ? 108 VAL A CG1 1 
ATOM   756  C CG2 . VAL A 1 108 ? 3.006   -4.439  -13.713 1.00 21.61 ? 108 VAL A CG2 1 
ATOM   757  N N   . HIS A 1 109 ? 2.844   -4.800  -16.818 1.00 21.56 ? 109 HIS A N   1 
ATOM   758  C CA  . HIS A 1 109 ? 3.197   -5.733  -17.844 1.00 22.40 ? 109 HIS A CA  1 
ATOM   759  C C   . HIS A 1 109 ? 3.124   -5.061  -19.209 1.00 21.54 ? 109 HIS A C   1 
ATOM   760  O O   . HIS A 1 109 ? 3.932   -5.299  -20.017 1.00 24.15 ? 109 HIS A O   1 
ATOM   761  C CB  . HIS A 1 109 ? 2.317   -6.987  -17.774 1.00 22.02 ? 109 HIS A CB  1 
ATOM   762  C CG  . HIS A 1 109 ? 2.429   -7.742  -16.488 1.00 22.23 ? 109 HIS A CG  1 
ATOM   763  N ND1 . HIS A 1 109 ? 3.569   -8.386  -16.097 1.00 23.25 ? 109 HIS A ND1 1 
ATOM   764  C CD2 . HIS A 1 109 ? 1.530   -7.961  -15.511 1.00 23.81 ? 109 HIS A CD2 1 
ATOM   765  C CE1 . HIS A 1 109 ? 3.376   -8.959  -14.935 1.00 27.66 ? 109 HIS A CE1 1 
ATOM   766  N NE2 . HIS A 1 109 ? 2.148   -8.705  -14.549 1.00 26.37 ? 109 HIS A NE2 1 
ATOM   767  N N   . ASP A 1 110 ? 2.114   -4.261  -19.454 1.00 22.23 ? 110 ASP A N   1 
ATOM   768  C CA  . ASP A 1 110 ? 2.029   -3.534  -20.703 1.00 25.68 ? 110 ASP A CA  1 
ATOM   769  C C   . ASP A 1 110 ? 3.163   -2.545  -20.845 1.00 25.84 ? 110 ASP A C   1 
ATOM   770  O O   . ASP A 1 110 ? 3.731   -2.420  -21.879 1.00 26.85 ? 110 ASP A O   1 
ATOM   771  C CB  . ASP A 1 110 ? 0.725   -2.757  -20.803 1.00 28.04 ? 110 ASP A CB  1 
ATOM   772  C CG  . ASP A 1 110 ? -0.496  -3.646  -20.894 1.00 34.67 ? 110 ASP A CG  1 
ATOM   773  O OD1 . ASP A 1 110 ? -0.378  -4.767  -21.369 1.00 34.62 ? 110 ASP A OD1 1 
ATOM   774  O OD2 . ASP A 1 110 ? -1.576  -3.212  -20.475 1.00 34.91 ? 110 ASP A OD2 1 
ATOM   775  N N   . TRP A 1 111 ? 3.469   -1.819  -19.792 1.00 22.24 ? 111 TRP A N   1 
ATOM   776  C CA  . TRP A 1 111 ? 4.519   -0.848  -19.850 1.00 21.08 ? 111 TRP A CA  1 
ATOM   777  C C   . TRP A 1 111 ? 5.876   -1.493  -20.121 1.00 20.10 ? 111 TRP A C   1 
ATOM   778  O O   . TRP A 1 111 ? 6.639   -1.000  -20.878 1.00 24.95 ? 111 TRP A O   1 
ATOM   779  C CB  . TRP A 1 111 ? 4.560   -0.024  -18.554 1.00 22.99 ? 111 TRP A CB  1 
ATOM   780  C CG  . TRP A 1 111 ? 3.397   0.843   -18.414 1.00 25.92 ? 111 TRP A CG  1 
ATOM   781  C CD1 . TRP A 1 111 ? 2.768   1.454   -19.387 1.00 35.72 ? 111 TRP A CD1 1 
ATOM   782  C CD2 . TRP A 1 111 ? 2.729   1.229   -17.201 1.00 26.35 ? 111 TRP A CD2 1 
ATOM   783  N NE1 . TRP A 1 111 ? 1.721   2.190   -18.899 1.00 37.62 ? 111 TRP A NE1 1 
ATOM   784  C CE2 . TRP A 1 111 ? 1.685   2.055   -17.545 1.00 34.15 ? 111 TRP A CE2 1 
ATOM   785  C CE3 . TRP A 1 111 ? 2.912   0.940   -15.870 1.00 26.10 ? 111 TRP A CE3 1 
ATOM   786  C CZ2 . TRP A 1 111 ? 0.837   2.619   -16.588 1.00 32.46 ? 111 TRP A CZ2 1 
ATOM   787  C CZ3 . TRP A 1 111 ? 2.062   1.450   -14.964 1.00 24.17 ? 111 TRP A CZ3 1 
ATOM   788  C CH2 . TRP A 1 111 ? 1.061   2.290   -15.306 1.00 28.26 ? 111 TRP A CH2 1 
ATOM   789  N N   . ALA A 1 112 ? 6.155   -2.592  -19.465 1.00 21.55 ? 112 ALA A N   1 
ATOM   790  C CA  . ALA A 1 112 ? 7.394   -3.296  -19.672 1.00 21.44 ? 112 ALA A CA  1 
ATOM   791  C C   . ALA A 1 112 ? 7.499   -3.791  -21.099 1.00 23.16 ? 112 ALA A C   1 
ATOM   792  O O   . ALA A 1 112 ? 8.517   -3.771  -21.699 1.00 23.63 ? 112 ALA A O   1 
ATOM   793  C CB  . ALA A 1 112 ? 7.532   -4.430  -18.728 1.00 21.29 ? 112 ALA A CB  1 
ATOM   794  N N   . GLN A 1 113 ? 6.386   -4.221  -21.614 1.00 22.74 ? 113 GLN A N   1 
ATOM   795  C CA  . GLN A 1 113 ? 6.334   -4.746  -22.943 1.00 25.64 ? 113 GLN A CA  1 
ATOM   796  C C   . GLN A 1 113 ? 6.757   -3.656  -23.920 1.00 23.90 ? 113 GLN A C   1 
ATOM   797  O O   . GLN A 1 113 ? 7.401   -3.909  -24.886 1.00 27.39 ? 113 GLN A O   1 
ATOM   798  C CB  . GLN A 1 113 ? 4.943   -5.247  -23.247 1.00 27.32 ? 113 GLN A CB  1 
ATOM   799  C CG  . GLN A 1 113 ? 4.854   -6.083  -24.434 1.00 31.47 ? 113 GLN A CG  1 
ATOM   800  C CD  . GLN A 1 113 ? 3.465   -6.601  -24.621 1.00 39.51 ? 113 GLN A CD  1 
ATOM   801  O OE1 . GLN A 1 113 ? 2.528   -5.875  -24.507 1.00 34.91 ? 113 GLN A OE1 1 
ATOM   802  N NE2 . GLN A 1 113 ? 3.342   -7.873  -24.906 1.00 38.95 ? 113 GLN A NE2 1 
ATOM   803  N N   . ARG A 1 114 ? 6.417   -2.423  -23.625 1.00 23.93 ? 114 ARG A N   1 
ATOM   804  C CA  . ARG A 1 114 ? 6.689   -1.328  -24.506 1.00 26.20 ? 114 ARG A CA  1 
ATOM   805  C C   . ARG A 1 114 ? 7.989   -0.624  -24.168 1.00 25.18 ? 114 ARG A C   1 
ATOM   806  O O   . ARG A 1 114 ? 8.202   0.473   -24.567 1.00 28.16 ? 114 ARG A O   1 
ATOM   807  C CB  . ARG A 1 114 ? 5.504   -0.377  -24.595 1.00 27.44 ? 114 ARG A CB  1 
ATOM   808  C CG  . ARG A 1 114 ? 5.585   0.831   -23.723 1.00 35.13 ? 114 ARG A CG  1 
ATOM   809  C CD  . ARG A 1 114 ? 4.767   2.036   -24.197 1.00 39.36 ? 114 ARG A CD  1 
ATOM   810  N NE  . ARG A 1 114 ? 4.170   2.689   -23.072 1.00 48.27 ? 114 ARG A NE  1 
ATOM   811  C CZ  . ARG A 1 114 ? 3.996   3.986   -22.935 1.00 54.91 ? 114 ARG A CZ  1 
ATOM   812  N NH1 . ARG A 1 114 ? 4.409   4.841   -23.882 1.00 61.59 ? 114 ARG A NH1 1 
ATOM   813  N NH2 . ARG A 1 114 ? 3.450   4.440   -21.833 1.00 51.40 ? 114 ARG A NH2 1 
ATOM   814  N N   . GLY A 1 115 ? 8.816   -1.266  -23.375 1.00 21.58 ? 115 GLY A N   1 
ATOM   815  C CA  . GLY A 1 115 ? 10.084  -0.730  -23.027 1.00 20.11 ? 115 GLY A CA  1 
ATOM   816  C C   . GLY A 1 115 ? 10.053  0.416   -22.035 1.00 24.45 ? 115 GLY A C   1 
ATOM   817  O O   . GLY A 1 115 ? 11.008  1.129   -21.920 1.00 22.73 ? 115 GLY A O   1 
ATOM   818  N N   . TRP A 1 116 ? 8.954   0.553   -21.334 1.00 22.54 ? 116 TRP A N   1 
ATOM   819  C CA  . TRP A 1 116 ? 8.826   1.569   -20.295 1.00 24.06 ? 116 TRP A CA  1 
ATOM   820  C C   . TRP A 1 116 ? 8.927   2.935   -20.898 1.00 26.79 ? 116 TRP A C   1 
ATOM   821  O O   . TRP A 1 116 ? 9.228   3.873   -20.244 1.00 27.85 ? 116 TRP A O   1 
ATOM   822  C CB  . TRP A 1 116 ? 9.816   1.420   -19.131 1.00 23.31 ? 116 TRP A CB  1 
ATOM   823  C CG  . TRP A 1 116 ? 9.502   0.294   -18.196 1.00 26.59 ? 116 TRP A CG  1 
ATOM   824  C CD1 . TRP A 1 116 ? 10.029  -0.923  -18.237 1.00 23.62 ? 116 TRP A CD1 1 
ATOM   825  C CD2 . TRP A 1 116 ? 8.538   0.272   -17.127 1.00 22.39 ? 116 TRP A CD2 1 
ATOM   826  N NE1 . TRP A 1 116 ? 9.495   -1.700  -17.274 1.00 28.39 ? 116 TRP A NE1 1 
ATOM   827  C CE2 . TRP A 1 116 ? 8.577   -0.977  -16.572 1.00 25.97 ? 116 TRP A CE2 1 
ATOM   828  C CE3 . TRP A 1 116 ? 7.677   1.209   -16.579 1.00 26.02 ? 116 TRP A CE3 1 
ATOM   829  C CZ2 . TRP A 1 116 ? 7.794   -1.322  -15.514 1.00 25.43 ? 116 TRP A CZ2 1 
ATOM   830  C CZ3 . TRP A 1 116 ? 6.922   0.862   -15.546 1.00 26.21 ? 116 TRP A CZ3 1 
ATOM   831  C CH2 . TRP A 1 116 ? 6.963   -0.375  -15.024 1.00 26.77 ? 116 TRP A CH2 1 
ATOM   832  N N   . LYS A 1 117 ? 8.656   3.023   -22.180 1.00 28.08 ? 117 LYS A N   1 
ATOM   833  C CA  . LYS A 1 117 ? 8.693   4.293   -22.889 1.00 28.99 ? 117 LYS A CA  1 
ATOM   834  C C   . LYS A 1 117 ? 7.492   5.130   -22.529 1.00 27.83 ? 117 LYS A C   1 
ATOM   835  O O   . LYS A 1 117 ? 6.442   4.624   -22.440 1.00 28.50 ? 117 LYS A O   1 
ATOM   836  C CB  . LYS A 1 117 ? 8.775   4.045   -24.387 1.00 29.90 ? 117 LYS A CB  1 
ATOM   837  C CG  . LYS A 1 117 ? 10.173  3.595   -24.849 1.00 31.92 ? 117 LYS A CG  1 
ATOM   838  C CD  . LYS A 1 117 ? 10.267  3.239   -26.335 1.00 45.69 ? 117 LYS A CD  1 
ATOM   839  C CE  . LYS A 1 117 ? 8.924   3.069   -26.992 1.00 50.82 ? 117 LYS A CE  1 
ATOM   840  N NZ  . LYS A 1 117 ? 8.950   2.563   -28.419 1.00 51.54 ? 117 LYS A NZ  1 
ATOM   841  N N   . ARG A 1 118 ? 7.679   6.413   -22.288 1.00 26.11 ? 118 ARG A N   1 
ATOM   842  C CA  . ARG A 1 118 ? 6.573   7.298   -22.026 1.00 29.25 ? 118 ARG A CA  1 
ATOM   843  C C   . ARG A 1 118 ? 5.810   7.593   -23.299 1.00 30.84 ? 118 ARG A C   1 
ATOM   844  O O   . ARG A 1 118 ? 6.349   7.532   -24.344 1.00 32.00 ? 118 ARG A O   1 
ATOM   845  C CB  . ARG A 1 118 ? 7.043   8.615   -21.392 1.00 27.68 ? 118 ARG A CB  1 
ATOM   846  C CG  . ARG A 1 118 ? 7.575   9.673   -22.371 1.00 26.94 ? 118 ARG A CG  1 
ATOM   847  C CD  . ARG A 1 118 ? 8.300   10.852  -21.716 1.00 27.57 ? 118 ARG A CD  1 
ATOM   848  N NE  . ARG A 1 118 ? 8.546   11.903  -22.684 1.00 28.90 ? 118 ARG A NE  1 
ATOM   849  C CZ  . ARG A 1 118 ? 9.640   12.005  -23.428 1.00 28.43 ? 118 ARG A CZ  1 
ATOM   850  N NH1 . ARG A 1 118 ? 10.626  11.147  -23.296 1.00 29.15 ? 118 ARG A NH1 1 
ATOM   851  N NH2 . ARG A 1 118 ? 9.753   12.954  -24.317 1.00 31.02 ? 118 ARG A NH2 1 
ATOM   852  N N   . LYS A 1 119 ? 4.541   7.916   -23.155 1.00 35.01 ? 119 LYS A N   1 
ATOM   853  C CA  . LYS A 1 119 ? 3.713   8.487   -24.194 1.00 37.72 ? 119 LYS A CA  1 
ATOM   854  C C   . LYS A 1 119 ? 3.781   9.970   -24.108 1.00 36.74 ? 119 LYS A C   1 
ATOM   855  O O   . LYS A 1 119 ? 3.688   10.516  -23.062 1.00 34.83 ? 119 LYS A O   1 
ATOM   856  C CB  . LYS A 1 119 ? 2.280   8.102   -23.952 1.00 41.48 ? 119 LYS A CB  1 
ATOM   857  C CG  . LYS A 1 119 ? 1.346   8.920   -24.747 1.00 48.40 ? 119 LYS A CG  1 
ATOM   858  C CD  . LYS A 1 119 ? 1.661   8.826   -26.231 1.00 52.24 ? 119 LYS A CD  1 
ATOM   859  C CE  . LYS A 1 119 ? 0.732   9.635   -27.043 1.00 53.42 ? 119 LYS A CE  1 
ATOM   860  N NZ  . LYS A 1 119 ? 0.076   8.865   -28.072 1.00 54.62 ? 119 LYS A NZ  1 
ATOM   861  N N   . SER A 1 120 ? 3.920   10.631  -25.238 1.00 40.59 ? 120 SER A N   1 
ATOM   862  C CA  . SER A 1 120 ? 4.059   12.080  -25.215 1.00 42.15 ? 120 SER A CA  1 
ATOM   863  C C   . SER A 1 120 ? 2.823   12.743  -24.725 1.00 41.77 ? 120 SER A C   1 
ATOM   864  O O   . SER A 1 120 ? 1.733   12.476  -25.177 1.00 41.98 ? 120 SER A O   1 
ATOM   865  C CB  . SER A 1 120 ? 4.451   12.633  -26.584 1.00 43.73 ? 120 SER A CB  1 
ATOM   866  O OG  . SER A 1 120 ? 5.784   13.055  -26.547 1.00 49.89 ? 120 SER A OG  1 
ATOM   867  N N   . GLY A 1 121 ? 3.035   13.644  -23.794 1.00 41.71 ? 121 GLY A N   1 
ATOM   868  C CA  . GLY A 1 121 ? 1.986   14.443  -23.196 1.00 40.00 ? 121 GLY A CA  1 
ATOM   869  C C   . GLY A 1 121 ? 1.337   13.797  -21.994 1.00 38.09 ? 121 GLY A C   1 
ATOM   870  O O   . GLY A 1 121 ? 0.573   14.397  -21.301 1.00 38.14 ? 121 GLY A O   1 
ATOM   871  N N   . ALA A 1 122 ? 1.671   12.552  -21.787 1.00 36.70 ? 122 ALA A N   1 
ATOM   872  C CA  . ALA A 1 122 ? 1.176   11.802  -20.673 1.00 36.46 ? 122 ALA A CA  1 
ATOM   873  C C   . ALA A 1 122 ? 1.912   12.089  -19.402 1.00 35.96 ? 122 ALA A C   1 
ATOM   874  O O   . ALA A 1 122 ? 3.046   12.493  -19.433 1.00 38.86 ? 122 ALA A O   1 
ATOM   875  C CB  . ALA A 1 122 ? 1.236   10.328  -20.999 1.00 36.96 ? 122 ALA A CB  1 
ATOM   876  N N   . ILE A 1 123 ? 1.262   11.880  -18.278 1.00 31.18 ? 123 ILE A N   1 
ATOM   877  C CA  . ILE A 1 123 ? 1.946   11.885  -17.005 1.00 30.03 ? 123 ILE A CA  1 
ATOM   878  C C   . ILE A 1 123 ? 1.647   10.600  -16.296 1.00 28.83 ? 123 ILE A C   1 
ATOM   879  O O   . ILE A 1 123 ? 0.689   10.489  -15.615 1.00 31.59 ? 123 ILE A O   1 
ATOM   880  C CB  . ILE A 1 123 ? 1.505   13.042  -16.155 1.00 31.58 ? 123 ILE A CB  1 
ATOM   881  C CG1 . ILE A 1 123 ? 2.045   14.335  -16.734 1.00 32.48 ? 123 ILE A CG1 1 
ATOM   882  C CG2 . ILE A 1 123 ? 2.047   12.899  -14.799 1.00 34.15 ? 123 ILE A CG2 1 
ATOM   883  C CD1 . ILE A 1 123 ? 1.800   15.533  -15.872 1.00 40.13 ? 123 ILE A CD1 1 
ATOM   884  N N   . GLU A 1 124 ? 2.460   9.603   -16.526 1.00 28.35 ? 124 GLU A N   1 
ATOM   885  C CA  . GLU A 1 124 ? 2.162   8.275   -16.078 1.00 25.05 ? 124 GLU A CA  1 
ATOM   886  C C   . GLU A 1 124 ? 2.884   7.848   -14.775 1.00 24.55 ? 124 GLU A C   1 
ATOM   887  O O   . GLU A 1 124 ? 2.762   6.757   -14.386 1.00 24.22 ? 124 GLU A O   1 
ATOM   888  C CB  . GLU A 1 124 ? 2.524   7.300   -17.184 1.00 27.73 ? 124 GLU A CB  1 
ATOM   889  C CG  . GLU A 1 124 ? 1.758   7.465   -18.435 1.00 36.14 ? 124 GLU A CG  1 
ATOM   890  C CD  . GLU A 1 124 ? 2.458   6.891   -19.693 1.00 43.31 ? 124 GLU A CD  1 
ATOM   891  O OE1 . GLU A 1 124 ? 3.431   7.466   -20.196 1.00 33.44 ? 124 GLU A OE1 1 
ATOM   892  O OE2 . GLU A 1 124 ? 1.961   5.887   -20.195 1.00 43.19 ? 124 GLU A OE2 1 
ATOM   893  N N   . ASN A 1 125 ? 3.667   8.712   -14.180 1.00 22.22 ? 125 ASN A N   1 
ATOM   894  C CA  . ASN A 1 125 ? 4.433   8.360   -13.003 1.00 23.23 ? 125 ASN A CA  1 
ATOM   895  C C   . ASN A 1 125 ? 5.368   7.151   -13.226 1.00 21.86 ? 125 ASN A C   1 
ATOM   896  O O   . ASN A 1 125 ? 5.589   6.401   -12.340 1.00 20.94 ? 125 ASN A O   1 
ATOM   897  C CB  . ASN A 1 125 ? 3.525   8.017   -11.836 1.00 21.61 ? 125 ASN A CB  1 
ATOM   898  C CG  . ASN A 1 125 ? 2.445   9.023   -11.600 1.00 31.19 ? 125 ASN A CG  1 
ATOM   899  O OD1 . ASN A 1 125 ? 1.294   8.715   -11.726 1.00 38.84 ? 125 ASN A OD1 1 
ATOM   900  N ND2 . ASN A 1 125 ? 2.810   10.189  -11.233 1.00 26.72 ? 125 ASN A ND2 1 
ATOM   901  N N   . LEU A 1 126 ? 5.943   7.034   -14.403 1.00 23.58 ? 126 LEU A N   1 
ATOM   902  C CA  . LEU A 1 126 ? 6.695   5.857   -14.740 1.00 21.42 ? 126 LEU A CA  1 
ATOM   903  C C   . LEU A 1 126 ? 7.880   5.602   -13.812 1.00 19.25 ? 126 LEU A C   1 
ATOM   904  O O   . LEU A 1 126 ? 8.173   4.477   -13.546 1.00 23.47 ? 126 LEU A O   1 
ATOM   905  C CB  . LEU A 1 126 ? 7.168   5.863   -16.197 1.00 21.72 ? 126 LEU A CB  1 
ATOM   906  C CG  . LEU A 1 126 ? 6.106   5.747   -17.277 1.00 24.85 ? 126 LEU A CG  1 
ATOM   907  C CD1 . LEU A 1 126 ? 6.701   5.712   -18.652 1.00 29.54 ? 126 LEU A CD1 1 
ATOM   908  C CD2 . LEU A 1 126 ? 5.117   4.638   -17.082 1.00 27.64 ? 126 LEU A CD2 1 
ATOM   909  N N   . ALA A 1 127 ? 8.577   6.633   -13.380 1.00 19.26 ? 127 ALA A N   1 
ATOM   910  C CA  . ALA A 1 127 ? 9.699   6.414   -12.493 1.00 18.97 ? 127 ALA A CA  1 
ATOM   911  C C   . ALA A 1 127 ? 9.270   5.795   -11.172 1.00 19.54 ? 127 ALA A C   1 
ATOM   912  O O   . ALA A 1 127 ? 9.912   4.930   -10.678 1.00 19.93 ? 127 ALA A O   1 
ATOM   913  C CB  . ALA A 1 127 ? 10.446  7.673   -12.255 1.00 22.16 ? 127 ALA A CB  1 
ATOM   914  N N   . LEU A 1 128 ? 8.183   6.295   -10.622 1.00 17.53 ? 128 LEU A N   1 
ATOM   915  C CA  . LEU A 1 128 ? 7.644   5.739   -9.413  1.00 19.33 ? 128 LEU A CA  1 
ATOM   916  C C   . LEU A 1 128 ? 7.139   4.324   -9.580  1.00 17.50 ? 128 LEU A C   1 
ATOM   917  O O   . LEU A 1 128 ? 7.295   3.550   -8.731  1.00 20.05 ? 128 LEU A O   1 
ATOM   918  C CB  . LEU A 1 128 ? 6.559   6.610   -8.818  1.00 20.39 ? 128 LEU A CB  1 
ATOM   919  C CG  . LEU A 1 128 ? 6.833   7.660   -7.776  1.00 30.99 ? 128 LEU A CG  1 
ATOM   920  C CD1 . LEU A 1 128 ? 5.514   8.026   -7.193  1.00 25.52 ? 128 LEU A CD1 1 
ATOM   921  C CD2 . LEU A 1 128 ? 7.714   7.227   -6.704  1.00 22.24 ? 128 LEU A CD2 1 
ATOM   922  N N   . TRP A 1 129 ? 6.534   4.021   -10.698 1.00 18.99 ? 129 TRP A N   1 
ATOM   923  C CA  . TRP A 1 129 ? 6.088   2.677   -10.947 1.00 18.69 ? 129 TRP A CA  1 
ATOM   924  C C   . TRP A 1 129 ? 7.279   1.738   -10.937 1.00 19.27 ? 129 TRP A C   1 
ATOM   925  O O   . TRP A 1 129 ? 7.209   0.690   -10.410 1.00 19.52 ? 129 TRP A O   1 
ATOM   926  C CB  . TRP A 1 129 ? 5.374   2.563   -12.281 1.00 19.35 ? 129 TRP A CB  1 
ATOM   927  C CG  . TRP A 1 129 ? 3.938   2.854   -12.209 1.00 18.97 ? 129 TRP A CG  1 
ATOM   928  C CD1 . TRP A 1 129 ? 3.302   3.932   -12.715 1.00 18.11 ? 129 TRP A CD1 1 
ATOM   929  C CD2 . TRP A 1 129 ? 2.942   2.055   -11.608 1.00 17.16 ? 129 TRP A CD2 1 
ATOM   930  N NE1 . TRP A 1 129 ? 1.983   3.853   -12.478 1.00 17.60 ? 129 TRP A NE1 1 
ATOM   931  C CE2 . TRP A 1 129 ? 1.729   2.710   -11.788 1.00 16.31 ? 129 TRP A CE2 1 
ATOM   932  C CE3 . TRP A 1 129 ? 2.945   0.827   -10.976 1.00 19.53 ? 129 TRP A CE3 1 
ATOM   933  C CZ2 . TRP A 1 129 ? 0.554   2.199   -11.324 1.00 18.58 ? 129 TRP A CZ2 1 
ATOM   934  C CZ3 . TRP A 1 129 ? 1.774   0.345   -10.508 1.00 18.34 ? 129 TRP A CZ3 1 
ATOM   935  C CH2 . TRP A 1 129 ? 0.597   1.019   -10.690 1.00 19.80 ? 129 TRP A CH2 1 
ATOM   936  N N   . GLN A 1 130 ? 8.374   2.165   -11.526 1.00 17.78 ? 130 GLN A N   1 
ATOM   937  C CA  . GLN A 1 130 ? 9.564   1.348   -11.509 1.00 19.12 ? 130 GLN A CA  1 
ATOM   938  C C   . GLN A 1 130 ? 10.095  1.100   -10.106 1.00 19.70 ? 130 GLN A C   1 
ATOM   939  O O   . GLN A 1 130 ? 10.494  0.040   -9.809  1.00 19.76 ? 130 GLN A O   1 
ATOM   940  C CB  . GLN A 1 130 ? 10.673  1.920   -12.410 1.00 20.45 ? 130 GLN A CB  1 
ATOM   941  C CG  . GLN A 1 130 ? 10.359  1.894   -13.859 1.00 21.87 ? 130 GLN A CG  1 
ATOM   942  C CD  . GLN A 1 130 ? 11.494  2.452   -14.724 1.00 27.35 ? 130 GLN A CD  1 
ATOM   943  O OE1 . GLN A 1 130 ? 12.265  3.220   -14.284 1.00 28.60 ? 130 GLN A OE1 1 
ATOM   944  N NE2 . GLN A 1 130 ? 11.554  2.044   -15.927 1.00 30.98 ? 130 GLN A NE2 1 
ATOM   945  N N   . GLU A 1 131 ? 10.084  2.121   -9.282  1.00 18.82 ? 131 GLU A N   1 
ATOM   946  C CA  . GLU A 1 131 ? 10.438  1.975   -7.900  1.00 18.80 ? 131 GLU A CA  1 
ATOM   947  C C   . GLU A 1 131 ? 9.479   1.046   -7.138  1.00 19.58 ? 131 GLU A C   1 
ATOM   948  O O   . GLU A 1 131 ? 9.878   0.295   -6.315  1.00 19.15 ? 131 GLU A O   1 
ATOM   949  C CB  . GLU A 1 131 ? 10.480  3.340   -7.203  1.00 21.91 ? 131 GLU A CB  1 
ATOM   950  C CG  . GLU A 1 131 ? 11.551  4.225   -7.650  1.00 29.10 ? 131 GLU A CG  1 
ATOM   951  C CD  . GLU A 1 131 ? 11.764  5.442   -6.744  1.00 40.23 ? 131 GLU A CD  1 
ATOM   952  O OE1 . GLU A 1 131 ? 11.430  5.386   -5.566  1.00 42.10 ? 131 GLU A OE1 1 
ATOM   953  O OE2 . GLU A 1 131 ? 12.325  6.409   -7.228  1.00 46.41 ? 131 GLU A OE2 1 
ATOM   954  N N   . ALA A 1 132 ? 8.215   1.151   -7.422  1.00 17.38 ? 132 ALA A N   1 
ATOM   955  C CA  . ALA A 1 132 ? 7.290   0.275   -6.788  1.00 17.37 ? 132 ALA A CA  1 
ATOM   956  C C   . ALA A 1 132 ? 7.487   -1.161  -7.167  1.00 17.56 ? 132 ALA A C   1 
ATOM   957  O O   . ALA A 1 132 ? 7.341   -2.011  -6.364  1.00 18.41 ? 132 ALA A O   1 
ATOM   958  C CB  . ALA A 1 132 ? 5.918   0.679   -7.084  1.00 19.57 ? 132 ALA A CB  1 
ATOM   959  N N   . VAL A 1 133 ? 7.749   -1.404  -8.436  1.00 17.77 ? 133 VAL A N   1 
ATOM   960  C CA  . VAL A 1 133 ? 7.948   -2.756  -8.912  1.00 18.26 ? 133 VAL A CA  1 
ATOM   961  C C   . VAL A 1 133 ? 9.178   -3.357  -8.252  1.00 18.39 ? 133 VAL A C   1 
ATOM   962  O O   . VAL A 1 133 ? 9.193   -4.460  -7.864  1.00 18.43 ? 133 VAL A O   1 
ATOM   963  C CB  . VAL A 1 133 ? 8.093   -2.823  -10.421 1.00 18.14 ? 133 VAL A CB  1 
ATOM   964  C CG1 . VAL A 1 133 ? 8.648   -4.135  -10.853 1.00 22.17 ? 133 VAL A CG1 1 
ATOM   965  C CG2 . VAL A 1 133 ? 6.799   -2.528  -11.100 1.00 19.79 ? 133 VAL A CG2 1 
ATOM   966  N N   . GLN A 1 134 ? 10.205  -2.577  -8.145  1.00 16.56 ? 134 GLN A N   1 
ATOM   967  C CA  . GLN A 1 134 ? 11.386  -3.033  -7.464  1.00 19.76 ? 134 GLN A CA  1 
ATOM   968  C C   . GLN A 1 134 ? 11.181  -3.321  -5.990  1.00 20.35 ? 134 GLN A C   1 
ATOM   969  O O   . GLN A 1 134 ? 11.753  -4.189  -5.466  1.00 20.80 ? 134 GLN A O   1 
ATOM   970  C CB  . GLN A 1 134 ? 12.480  -2.003  -7.642  1.00 20.00 ? 134 GLN A CB  1 
ATOM   971  C CG  . GLN A 1 134 ? 13.822  -2.384  -7.160  1.00 28.59 ? 134 GLN A CG  1 
ATOM   972  C CD  . GLN A 1 134 ? 14.880  -1.517  -7.810  1.00 33.80 ? 134 GLN A CD  1 
ATOM   973  O OE1 . GLN A 1 134 ? 14.934  -0.328  -7.572  1.00 39.67 ? 134 GLN A OE1 1 
ATOM   974  N NE2 . GLN A 1 134 ? 15.653  -2.091  -8.677  1.00 33.59 ? 134 GLN A NE2 1 
ATOM   975  N N   . ALA A 1 135 ? 10.394  -2.490  -5.339  1.00 19.48 ? 135 ALA A N   1 
ATOM   976  C CA  . ALA A 1 135 ? 10.102  -2.646  -3.938  1.00 17.96 ? 135 ALA A CA  1 
ATOM   977  C C   . ALA A 1 135 ? 9.387   -3.968  -3.658  1.00 18.42 ? 135 ALA A C   1 
ATOM   978  O O   . ALA A 1 135 ? 9.687   -4.651  -2.728  1.00 19.38 ? 135 ALA A O   1 
ATOM   979  C CB  . ALA A 1 135 ? 9.257   -1.474  -3.450  1.00 18.84 ? 135 ALA A CB  1 
ATOM   980  N N   . VAL A 1 136 ? 8.441   -4.286  -4.497  1.00 18.57 ? 136 VAL A N   1 
ATOM   981  C CA  . VAL A 1 136 ? 7.736   -5.531  -4.437  1.00 17.77 ? 136 VAL A CA  1 
ATOM   982  C C   . VAL A 1 136 ? 8.705   -6.677  -4.653  1.00 19.94 ? 136 VAL A C   1 
ATOM   983  O O   . VAL A 1 136 ? 8.595   -7.673  -4.070  1.00 19.02 ? 136 VAL A O   1 
ATOM   984  C CB  . VAL A 1 136 ? 6.650   -5.570  -5.481  1.00 17.39 ? 136 VAL A CB  1 
ATOM   985  C CG1 . VAL A 1 136 ? 6.136   -6.920  -5.663  1.00 21.34 ? 136 VAL A CG1 1 
ATOM   986  C CG2 . VAL A 1 136 ? 5.567   -4.652  -5.114  1.00 17.86 ? 136 VAL A CG2 1 
ATOM   987  N N   . ASN A 1 137 ? 9.663   -6.496  -5.528  1.00 21.79 ? 137 ASN A N   1 
ATOM   988  C CA  . ASN A 1 137 ? 10.743  -7.441  -5.638  1.00 23.30 ? 137 ASN A CA  1 
ATOM   989  C C   . ASN A 1 137 ? 10.338  -8.899  -5.833  1.00 21.33 ? 137 ASN A C   1 
ATOM   990  O O   . ASN A 1 137 ? 9.651   -9.228  -6.701  1.00 22.25 ? 137 ASN A O   1 
ATOM   991  C CB  . ASN A 1 137 ? 11.684  -7.305  -4.471  1.00 26.96 ? 137 ASN A CB  1 
ATOM   992  C CG  . ASN A 1 137 ? 11.345  -8.180  -3.404  1.00 44.41 ? 137 ASN A CG  1 
ATOM   993  O OD1 . ASN A 1 137 ? 12.071  -9.124  -3.082  1.00 56.92 ? 137 ASN A OD1 1 
ATOM   994  N ND2 . ASN A 1 137 ? 10.102  -8.066  -2.991  1.00 54.91 ? 137 ASN A ND2 1 
ATOM   995  N N   . GLY A 1 138 ? 10.867  -9.650  -4.884  1.00 19.94 ? 138 GLY A N   1 
ATOM   996  C CA  . GLY A 1 138 ? 10.671  -11.062 -4.723  1.00 19.69 ? 138 GLY A CA  1 
ATOM   997  C C   . GLY A 1 138 ? 9.566   -11.459 -3.764  1.00 18.52 ? 138 GLY A C   1 
ATOM   998  O O   . GLY A 1 138 ? 9.410   -12.576 -3.499  1.00 21.47 ? 138 GLY A O   1 
ATOM   999  N N   . HIS A 1 139 ? 8.860   -10.490 -3.207  1.00 18.55 ? 139 HIS A N   1 
ATOM   1000 C CA  . HIS A 1 139 ? 7.765   -10.783 -2.345  1.00 16.56 ? 139 HIS A CA  1 
ATOM   1001 C C   . HIS A 1 139 ? 6.636   -11.291 -3.193  1.00 15.47 ? 139 HIS A C   1 
ATOM   1002 O O   . HIS A 1 139 ? 6.496   -10.888 -4.288  1.00 20.05 ? 139 HIS A O   1 
ATOM   1003 C CB  . HIS A 1 139 ? 7.312   -9.545  -1.592  1.00 16.17 ? 139 HIS A CB  1 
ATOM   1004 C CG  . HIS A 1 139 ? 8.397   -8.891  -0.816  1.00 17.40 ? 139 HIS A CG  1 
ATOM   1005 N ND1 . HIS A 1 139 ? 8.961   -9.459  0.293   1.00 19.52 ? 139 HIS A ND1 1 
ATOM   1006 C CD2 . HIS A 1 139 ? 9.031   -7.719  -0.989  1.00 15.94 ? 139 HIS A CD2 1 
ATOM   1007 C CE1 . HIS A 1 139 ? 9.904   -8.670  0.756   1.00 21.43 ? 139 HIS A CE1 1 
ATOM   1008 N NE2 . HIS A 1 139 ? 9.963   -7.606  0.000   1.00 17.34 ? 139 HIS A NE2 1 
ATOM   1009 N N   . ALA A 1 140 ? 5.815   -12.165 -2.650  1.00 16.18 ? 140 ALA A N   1 
ATOM   1010 C CA  . ALA A 1 140 ? 4.675   -12.653 -3.372  1.00 16.00 ? 140 ALA A CA  1 
ATOM   1011 C C   . ALA A 1 140 ? 3.433   -11.932 -2.878  1.00 18.12 ? 140 ALA A C   1 
ATOM   1012 O O   . ALA A 1 140 ? 3.201   -11.898 -1.717  1.00 17.95 ? 140 ALA A O   1 
ATOM   1013 C CB  . ALA A 1 140 ? 4.543   -14.103 -3.176  1.00 17.78 ? 140 ALA A CB  1 
ATOM   1014 N N   . VAL A 1 141 ? 2.687   -11.343 -3.806  1.00 16.29 ? 141 VAL A N   1 
ATOM   1015 C CA  . VAL A 1 141 ? 1.620   -10.432 -3.481  1.00 14.37 ? 141 VAL A CA  1 
ATOM   1016 C C   . VAL A 1 141 ? 0.306   -10.780 -4.139  1.00 16.51 ? 141 VAL A C   1 
ATOM   1017 O O   . VAL A 1 141 ? 0.271   -11.086 -5.273  1.00 18.07 ? 141 VAL A O   1 
ATOM   1018 C CB  . VAL A 1 141 ? 1.990   -8.999  -3.824  1.00 15.28 ? 141 VAL A CB  1 
ATOM   1019 C CG1 . VAL A 1 141 ? 0.976   -8.027  -3.230  1.00 16.27 ? 141 VAL A CG1 1 
ATOM   1020 C CG2 . VAL A 1 141 ? 3.359   -8.660  -3.322  1.00 17.94 ? 141 VAL A CG2 1 
ATOM   1021 N N   . GLU A 1 142 ? -0.751  -10.753 -3.345  1.00 15.53 ? 142 GLU A N   1 
ATOM   1022 C CA  . GLU A 1 142 ? -2.083  -10.842 -3.864  1.00 16.14 ? 142 GLU A CA  1 
ATOM   1023 C C   . GLU A 1 142 ? -2.636  -9.454  -3.747  1.00 16.95 ? 142 GLU A C   1 
ATOM   1024 O O   . GLU A 1 142 ? -2.713  -8.947  -2.697  1.00 17.69 ? 142 GLU A O   1 
ATOM   1025 C CB  . GLU A 1 142 ? -2.947  -11.818 -3.064  1.00 17.59 ? 142 GLU A CB  1 
ATOM   1026 C CG  . GLU A 1 142 ? -4.395  -11.771 -3.454  1.00 17.25 ? 142 GLU A CG  1 
ATOM   1027 C CD  . GLU A 1 142 ? -5.292  -12.767 -2.768  1.00 23.82 ? 142 GLU A CD  1 
ATOM   1028 O OE1 . GLU A 1 142 ? -4.825  -13.621 -2.056  1.00 24.62 ? 142 GLU A OE1 1 
ATOM   1029 O OE2 . GLU A 1 142 ? -6.484  -12.673 -2.993  1.00 28.86 ? 142 GLU A OE2 1 
ATOM   1030 N N   . TRP A 1 143 ? -2.993  -8.878  -4.868  1.00 16.39 ? 143 TRP A N   1 
ATOM   1031 C CA  . TRP A 1 143 ? -3.473  -7.517  -4.906  1.00 15.78 ? 143 TRP A CA  1 
ATOM   1032 C C   . TRP A 1 143 ? -4.997  -7.489  -4.830  1.00 17.26 ? 143 TRP A C   1 
ATOM   1033 O O   . TRP A 1 143 ? -5.614  -8.152  -5.598  1.00 21.55 ? 143 TRP A O   1 
ATOM   1034 C CB  . TRP A 1 143 ? -2.982  -6.826  -6.206  1.00 18.27 ? 143 TRP A CB  1 
ATOM   1035 C CG  . TRP A 1 143 ? -1.487  -6.823  -6.384  1.00 17.62 ? 143 TRP A CG  1 
ATOM   1036 C CD1 . TRP A 1 143 ? -0.763  -7.649  -7.130  1.00 17.07 ? 143 TRP A CD1 1 
ATOM   1037 C CD2 . TRP A 1 143 ? -0.566  -5.923  -5.791  1.00 15.88 ? 143 TRP A CD2 1 
ATOM   1038 N NE1 . TRP A 1 143 ? 0.560   -7.363  -7.034  1.00 17.88 ? 143 TRP A NE1 1 
ATOM   1039 C CE2 . TRP A 1 143 ? 0.699   -6.289  -6.209  1.00 16.70 ? 143 TRP A CE2 1 
ATOM   1040 C CE3 . TRP A 1 143 ? -0.693  -4.847  -4.951  1.00 16.23 ? 143 TRP A CE3 1 
ATOM   1041 C CZ2 . TRP A 1 143 ? 1.820   -5.630  -5.789  1.00 16.82 ? 143 TRP A CZ2 1 
ATOM   1042 C CZ3 . TRP A 1 143 ? 0.402   -4.189  -4.562  1.00 17.82 ? 143 TRP A CZ3 1 
ATOM   1043 C CH2 . TRP A 1 143 ? 1.645   -4.574  -4.959  1.00 17.36 ? 143 TRP A CH2 1 
ATOM   1044 N N   . ARG A 1 144 ? -5.577  -6.745  -3.896  1.00 16.14 ? 144 ARG A N   1 
ATOM   1045 C CA  . ARG A 1 144 ? -7.015  -6.707  -3.710  1.00 17.11 ? 144 ARG A CA  1 
ATOM   1046 C C   . ARG A 1 144 ? -7.521  -5.281  -3.663  1.00 18.69 ? 144 ARG A C   1 
ATOM   1047 O O   . ARG A 1 144 ? -6.891  -4.492  -3.078  1.00 19.80 ? 144 ARG A O   1 
ATOM   1048 C CB  . ARG A 1 144 ? -7.398  -7.346  -2.377  1.00 18.26 ? 144 ARG A CB  1 
ATOM   1049 C CG  . ARG A 1 144 ? -7.137  -8.826  -2.278  1.00 20.94 ? 144 ARG A CG  1 
ATOM   1050 C CD  . ARG A 1 144 ? -7.836  -9.432  -1.117  1.00 20.94 ? 144 ARG A CD  1 
ATOM   1051 N NE  . ARG A 1 144 ? -7.530  -10.829 -0.904  1.00 21.75 ? 144 ARG A NE  1 
ATOM   1052 C CZ  . ARG A 1 144 ? -7.761  -11.465 0.223   1.00 25.25 ? 144 ARG A CZ  1 
ATOM   1053 N NH1 . ARG A 1 144 ? -8.302  -10.845 1.225   1.00 29.60 ? 144 ARG A NH1 1 
ATOM   1054 N NH2 . ARG A 1 144 ? -7.431  -12.715 0.350   1.00 30.04 ? 144 ARG A NH2 1 
ATOM   1055 N N   . TRP A 1 145 ? -8.668  -5.014  -4.294  1.00 18.60 ? 145 TRP A N   1 
ATOM   1056 C CA  . TRP A 1 145 ? -9.321  -3.714  -4.260  1.00 18.83 ? 145 TRP A CA  1 
ATOM   1057 C C   . TRP A 1 145 ? -10.568 -3.756  -3.383  1.00 19.10 ? 145 TRP A C   1 
ATOM   1058 O O   . TRP A 1 145 ? -11.281 -4.709  -3.375  1.00 20.07 ? 145 TRP A O   1 
ATOM   1059 C CB  . TRP A 1 145 ? -9.739  -3.291  -5.672  1.00 18.73 ? 145 TRP A CB  1 
ATOM   1060 C CG  . TRP A 1 145 ? -10.484 -2.036  -5.737  1.00 20.51 ? 145 TRP A CG  1 
ATOM   1061 C CD1 . TRP A 1 145 ? -9.998  -0.844  -5.528  1.00 22.61 ? 145 TRP A CD1 1 
ATOM   1062 C CD2 . TRP A 1 145 ? -11.847 -1.862  -6.039  1.00 23.44 ? 145 TRP A CD2 1 
ATOM   1063 N NE1 . TRP A 1 145 ? -10.932 0.093   -5.660  1.00 23.09 ? 145 TRP A NE1 1 
ATOM   1064 C CE2 . TRP A 1 145 ? -12.103 -0.508  -5.968  1.00 27.44 ? 145 TRP A CE2 1 
ATOM   1065 C CE3 . TRP A 1 145 ? -12.882 -2.715  -6.333  1.00 28.60 ? 145 TRP A CE3 1 
ATOM   1066 C CZ2 . TRP A 1 145 ? -13.341 0.018   -6.188  1.00 25.03 ? 145 TRP A CZ2 1 
ATOM   1067 C CZ3 . TRP A 1 145 ? -14.108 -2.188  -6.560  1.00 29.87 ? 145 TRP A CZ3 1 
ATOM   1068 C CH2 . TRP A 1 145 ? -14.322 -0.838  -6.476  1.00 28.19 ? 145 TRP A CH2 1 
ATOM   1069 N N   . VAL A 1 146 ? -10.781 -2.681  -2.644  1.00 20.51 ? 146 VAL A N   1 
ATOM   1070 C CA  . VAL A 1 146 ? -12.040 -2.429  -1.973  1.00 21.01 ? 146 VAL A CA  1 
ATOM   1071 C C   . VAL A 1 146 ? -12.428 -0.993  -2.182  1.00 19.62 ? 146 VAL A C   1 
ATOM   1072 O O   . VAL A 1 146 ? -11.598 -0.186  -2.383  1.00 19.92 ? 146 VAL A O   1 
ATOM   1073 C CB  . VAL A 1 146 ? -11.938 -2.637  -0.445  1.00 21.34 ? 146 VAL A CB  1 
ATOM   1074 C CG1 . VAL A 1 146 ? -11.802 -4.112  -0.112  1.00 23.35 ? 146 VAL A CG1 1 
ATOM   1075 C CG2 . VAL A 1 146 ? -10.839 -1.857  0.109   1.00 20.59 ? 146 VAL A CG2 1 
ATOM   1076 N N   . ARG A 1 147 ? -13.707 -0.690  -2.117  1.00 20.16 ? 147 ARG A N   1 
ATOM   1077 C CA  . ARG A 1 147 ? -14.112 0.688   -2.124  1.00 19.01 ? 147 ARG A CA  1 
ATOM   1078 C C   . ARG A 1 147 ? -13.699 1.377   -0.861  1.00 19.09 ? 147 ARG A C   1 
ATOM   1079 O O   . ARG A 1 147 ? -13.848 0.893   0.181   1.00 19.03 ? 147 ARG A O   1 
ATOM   1080 C CB  . ARG A 1 147 ? -15.611 0.821   -2.307  1.00 21.15 ? 147 ARG A CB  1 
ATOM   1081 C CG  . ARG A 1 147 ? -16.119 0.442   -3.700  1.00 25.20 ? 147 ARG A CG  1 
ATOM   1082 C CD  . ARG A 1 147 ? -17.656 0.434   -3.792  1.00 30.23 ? 147 ARG A CD  1 
ATOM   1083 N NE  . ARG A 1 147 ? -18.176 -0.847  -3.336  1.00 36.07 ? 147 ARG A NE  1 
ATOM   1084 C CZ  . ARG A 1 147 ? -18.805 -1.003  -2.198  1.00 35.67 ? 147 ARG A CZ  1 
ATOM   1085 N NH1 . ARG A 1 147 ? -19.017 0.038   -1.465  1.00 34.58 ? 147 ARG A NH1 1 
ATOM   1086 N NH2 . ARG A 1 147 ? -19.203 -2.171  -1.797  1.00 36.86 ? 147 ARG A NH2 1 
ATOM   1087 N N   . GLY A 1 148 ? -13.184 2.556   -1.022  1.00 20.34 ? 148 GLY A N   1 
ATOM   1088 C CA  . GLY A 1 148 ? -12.940 3.471   0.064   1.00 19.52 ? 148 GLY A CA  1 
ATOM   1089 C C   . GLY A 1 148 ? -14.189 4.091   0.676   1.00 19.36 ? 148 GLY A C   1 
ATOM   1090 O O   . GLY A 1 148 ? -15.191 4.152   0.083   1.00 19.11 ? 148 GLY A O   1 
ATOM   1091 N N   . HIS A 1 149 ? -14.047 4.514   1.917   1.00 18.73 ? 149 HIS A N   1 
ATOM   1092 C CA  . HIS A 1 149 ? -15.093 5.216   2.613   1.00 19.60 ? 149 HIS A CA  1 
ATOM   1093 C C   . HIS A 1 149 ? -16.353 4.371   2.560   1.00 19.70 ? 149 HIS A C   1 
ATOM   1094 O O   . HIS A 1 149 ? -17.401 4.869   2.341   1.00 22.19 ? 149 HIS A O   1 
ATOM   1095 C CB  . HIS A 1 149 ? -15.327 6.594   2.005   1.00 21.90 ? 149 HIS A CB  1 
ATOM   1096 C CG  . HIS A 1 149 ? -15.653 7.668   2.999   1.00 22.77 ? 149 HIS A CG  1 
ATOM   1097 N ND1 . HIS A 1 149 ? -16.843 8.357   3.010   1.00 30.66 ? 149 HIS A ND1 1 
ATOM   1098 C CD2 . HIS A 1 149 ? -14.930 8.177   4.010   1.00 28.17 ? 149 HIS A CD2 1 
ATOM   1099 C CE1 . HIS A 1 149 ? -16.844 9.236   3.992   1.00 26.93 ? 149 HIS A CE1 1 
ATOM   1100 N NE2 . HIS A 1 149 ? -15.686 9.157   4.605   1.00 33.06 ? 149 HIS A NE2 1 
ATOM   1101 N N   . ALA A 1 150 ? -16.203 3.083   2.735   1.00 19.17 ? 150 ALA A N   1 
ATOM   1102 C CA  . ALA A 1 150 ? -17.304 2.169   2.607   1.00 18.68 ? 150 ALA A CA  1 
ATOM   1103 C C   . ALA A 1 150 ? -17.497 1.219   3.787   1.00 21.19 ? 150 ALA A C   1 
ATOM   1104 O O   . ALA A 1 150 ? -18.228 0.304   3.684   1.00 23.58 ? 150 ALA A O   1 
ATOM   1105 C CB  . ALA A 1 150 ? -17.185 1.389   1.339   1.00 21.42 ? 150 ALA A CB  1 
ATOM   1106 N N   . GLY A 1 151 ? -16.841 1.495   4.892   1.00 19.70 ? 151 GLY A N   1 
ATOM   1107 C CA  . GLY A 1 151 ? -17.034 0.702   6.074   1.00 18.84 ? 151 GLY A CA  1 
ATOM   1108 C C   . GLY A 1 151 ? -16.069 -0.429  6.284   1.00 21.19 ? 151 GLY A C   1 
ATOM   1109 O O   . GLY A 1 151 ? -16.251 -1.160  7.162   1.00 20.53 ? 151 GLY A O   1 
ATOM   1110 N N   . HIS A 1 152 ? -15.020 -0.511  5.493   1.00 18.13 ? 152 HIS A N   1 
ATOM   1111 C CA  . HIS A 1 152 ? -13.998 -1.526  5.709   1.00 16.96 ? 152 HIS A CA  1 
ATOM   1112 C C   . HIS A 1 152 ? -13.071 -0.927  6.742   1.00 17.09 ? 152 HIS A C   1 
ATOM   1113 O O   . HIS A 1 152 ? -12.418 -0.007  6.458   1.00 17.54 ? 152 HIS A O   1 
ATOM   1114 C CB  . HIS A 1 152 ? -13.258 -1.767  4.401   1.00 16.26 ? 152 HIS A CB  1 
ATOM   1115 C CG  . HIS A 1 152 ? -12.246 -2.866  4.441   1.00 18.93 ? 152 HIS A CG  1 
ATOM   1116 N ND1 . HIS A 1 152 ? -11.115 -2.811  5.204   1.00 18.24 ? 152 HIS A ND1 1 
ATOM   1117 C CD2 . HIS A 1 152 ? -12.166 -4.020  3.741   1.00 17.20 ? 152 HIS A CD2 1 
ATOM   1118 C CE1 . HIS A 1 152 ? -10.409 -3.905  5.014   1.00 21.51 ? 152 HIS A CE1 1 
ATOM   1119 N NE2 . HIS A 1 152 ? -11.014 -4.646  4.116   1.00 17.07 ? 152 HIS A NE2 1 
ATOM   1120 N N   . ALA A 1 153 ? -13.019 -1.495  7.942   1.00 16.51 ? 153 ALA A N   1 
ATOM   1121 C CA  . ALA A 1 153 ? -12.358 -0.835  9.028   1.00 15.83 ? 153 ALA A CA  1 
ATOM   1122 C C   . ALA A 1 153 ? -10.892 -0.576  8.828   1.00 15.77 ? 153 ALA A C   1 
ATOM   1123 O O   . ALA A 1 153 ? -10.445 0.477   9.067   1.00 15.86 ? 153 ALA A O   1 
ATOM   1124 C CB  . ALA A 1 153 ? -12.541 -1.616  10.293  1.00 16.90 ? 153 ALA A CB  1 
ATOM   1125 N N   . GLN A 1 154 ? -10.166 -1.579  8.400   1.00 14.64 ? 154 GLN A N   1 
ATOM   1126 C CA  . GLN A 1 154 ? -8.762  -1.370  8.190   1.00 15.63 ? 154 GLN A CA  1 
ATOM   1127 C C   . GLN A 1 154 ? -8.467  -0.344  7.105   1.00 16.11 ? 154 GLN A C   1 
ATOM   1128 O O   . GLN A 1 154 ? -7.525  0.354   7.179   1.00 16.21 ? 154 GLN A O   1 
ATOM   1129 C CB  . GLN A 1 154 ? -8.055  -2.689  7.920   1.00 14.94 ? 154 GLN A CB  1 
ATOM   1130 C CG  . GLN A 1 154 ? -8.012  -3.618  9.087   1.00 15.94 ? 154 GLN A CG  1 
ATOM   1131 C CD  . GLN A 1 154 ? -8.986  -4.754  8.944   1.00 15.95 ? 154 GLN A CD  1 
ATOM   1132 O OE1 . GLN A 1 154 ? -10.044 -4.585  8.462   1.00 15.63 ? 154 GLN A OE1 1 
ATOM   1133 N NE2 . GLN A 1 154 ? -8.564  -5.914  9.343   1.00 18.76 ? 154 GLN A NE2 1 
ATOM   1134 N N   . ASN A 1 155 ? -9.264  -0.348  6.056   1.00 15.91 ? 155 ASN A N   1 
ATOM   1135 C CA  . ASN A 1 155 ? -9.110  0.625   5.002   1.00 13.11 ? 155 ASN A CA  1 
ATOM   1136 C C   . ASN A 1 155 ? -9.376  2.026   5.507   1.00 14.88 ? 155 ASN A C   1 
ATOM   1137 O O   . ASN A 1 155 ? -8.682  2.900   5.175   1.00 16.69 ? 155 ASN A O   1 
ATOM   1138 C CB  . ASN A 1 155 ? -10.005 0.339   3.824   1.00 19.34 ? 155 ASN A CB  1 
ATOM   1139 C CG  . ASN A 1 155 ? -10.075 1.492   2.854   1.00 21.02 ? 155 ASN A CG  1 
ATOM   1140 O OD1 . ASN A 1 155 ? -9.229  1.619   2.025   1.00 24.04 ? 155 ASN A OD1 1 
ATOM   1141 N ND2 . ASN A 1 155 ? -11.081 2.313   2.981   1.00 16.26 ? 155 ASN A ND2 1 
ATOM   1142 N N   . GLU A 1 156 ? -10.401 2.182   6.307   1.00 14.88 ? 156 GLU A N   1 
ATOM   1143 C CA  . GLU A 1 156 ? -10.709 3.464   6.881   1.00 14.58 ? 156 GLU A CA  1 
ATOM   1144 C C   . GLU A 1 156 ? -9.649  3.938   7.833   1.00 16.78 ? 156 GLU A C   1 
ATOM   1145 O O   . GLU A 1 156 ? -9.457  5.092   7.935   1.00 17.52 ? 156 GLU A O   1 
ATOM   1146 C CB  . GLU A 1 156 ? -12.137 3.573   7.436   1.00 20.58 ? 156 GLU A CB  1 
ATOM   1147 C CG  . GLU A 1 156 ? -13.213 3.189   6.444   1.00 19.56 ? 156 GLU A CG  1 
ATOM   1148 C CD  . GLU A 1 156 ? -14.450 4.093   6.421   1.00 27.92 ? 156 GLU A CD  1 
ATOM   1149 O OE1 . GLU A 1 156 ? -14.368 5.203   6.910   1.00 28.32 ? 156 GLU A OE1 1 
ATOM   1150 O OE2 . GLU A 1 156 ? -15.519 3.676   5.977   1.00 22.65 ? 156 GLU A OE2 1 
ATOM   1151 N N   . TYR A 1 157 ? -9.020  3.025   8.553   1.00 15.73 ? 157 TYR A N   1 
ATOM   1152 C CA  . TYR A 1 157 ? -7.913  3.415   9.406   1.00 15.94 ? 157 TYR A CA  1 
ATOM   1153 C C   . TYR A 1 157 ? -6.759  3.929   8.564   1.00 14.87 ? 157 TYR A C   1 
ATOM   1154 O O   . TYR A 1 157 ? -6.136  4.902   8.855   1.00 15.41 ? 157 TYR A O   1 
ATOM   1155 C CB  . TYR A 1 157 ? -7.449  2.282   10.322  1.00 17.19 ? 157 TYR A CB  1 
ATOM   1156 C CG  . TYR A 1 157 ? -6.282  2.685   11.176  1.00 17.63 ? 157 TYR A CG  1 
ATOM   1157 C CD1 . TYR A 1 157 ? -5.037  2.174   10.981  1.00 18.84 ? 157 TYR A CD1 1 
ATOM   1158 C CD2 . TYR A 1 157 ? -6.428  3.628   12.141  1.00 17.15 ? 157 TYR A CD2 1 
ATOM   1159 C CE1 . TYR A 1 157 ? -3.979  2.583   11.721  1.00 18.20 ? 157 TYR A CE1 1 
ATOM   1160 C CE2 . TYR A 1 157 ? -5.393  4.037   12.881  1.00 19.39 ? 157 TYR A CE2 1 
ATOM   1161 C CZ  . TYR A 1 157 ? -4.161  3.515   12.687  1.00 20.26 ? 157 TYR A CZ  1 
ATOM   1162 O OH  . TYR A 1 157 ? -3.105  3.894   13.425  1.00 21.50 ? 157 TYR A OH  1 
ATOM   1163 N N   . ALA A 1 158 ? -6.499  3.214   7.487   1.00 17.51 ? 158 ALA A N   1 
ATOM   1164 C CA  . ALA A 1 158 ? -5.384  3.582   6.642   1.00 16.64 ? 158 ALA A CA  1 
ATOM   1165 C C   . ALA A 1 158 ? -5.608  4.954   6.071   1.00 17.35 ? 158 ALA A C   1 
ATOM   1166 O O   . ALA A 1 158 ? -4.705  5.685   5.925   1.00 18.10 ? 158 ALA A O   1 
ATOM   1167 C CB  . ALA A 1 158 ? -5.174  2.580   5.535   1.00 16.31 ? 158 ALA A CB  1 
ATOM   1168 N N   . ASN A 1 159 ? -6.839  5.246   5.737   1.00 16.01 ? 159 ASN A N   1 
ATOM   1169 C CA  . ASN A 1 159 ? -7.161  6.578   5.257   1.00 17.92 ? 159 ASN A CA  1 
ATOM   1170 C C   . ASN A 1 159 ? -6.925  7.615   6.328   1.00 18.25 ? 159 ASN A C   1 
ATOM   1171 O O   . ASN A 1 159 ? -6.409  8.681   6.089   1.00 18.67 ? 159 ASN A O   1 
ATOM   1172 C CB  . ASN A 1 159 ? -8.604  6.666   4.779   1.00 19.12 ? 159 ASN A CB  1 
ATOM   1173 C CG  . ASN A 1 159 ? -8.958  8.017   4.226   1.00 25.26 ? 159 ASN A CG  1 
ATOM   1174 O OD1 . ASN A 1 159 ? -8.577  8.354   3.167   1.00 35.56 ? 159 ASN A OD1 1 
ATOM   1175 N ND2 . ASN A 1 159 ? -9.704  8.741   4.944   1.00 27.45 ? 159 ASN A ND2 1 
ATOM   1176 N N   . HIS A 1 160 ? -7.294  7.245   7.537   1.00 19.25 ? 160 HIS A N   1 
ATOM   1177 C CA  . HIS A 1 160 ? -7.069  8.135   8.647   1.00 19.13 ? 160 HIS A CA  1 
ATOM   1178 C C   . HIS A 1 160 ? -5.573  8.404   8.772   1.00 17.78 ? 160 HIS A C   1 
ATOM   1179 O O   . HIS A 1 160 ? -5.173  9.481   9.068   1.00 17.77 ? 160 HIS A O   1 
ATOM   1180 C CB  . HIS A 1 160 ? -7.578  7.519   9.939   1.00 18.59 ? 160 HIS A CB  1 
ATOM   1181 C CG  . HIS A 1 160 ? -6.872  7.986   11.158  1.00 22.06 ? 160 HIS A CG  1 
ATOM   1182 N ND1 . HIS A 1 160 ? -7.221  9.130   11.814  1.00 25.38 ? 160 HIS A ND1 1 
ATOM   1183 C CD2 . HIS A 1 160 ? -5.862  7.449   11.858  1.00 25.24 ? 160 HIS A CD2 1 
ATOM   1184 C CE1 . HIS A 1 160 ? -6.429  9.298   12.843  1.00 25.33 ? 160 HIS A CE1 1 
ATOM   1185 N NE2 . HIS A 1 160 ? -5.610  8.279   12.904  1.00 27.54 ? 160 HIS A NE2 1 
ATOM   1186 N N   . LEU A 1 161 ? -4.775  7.382   8.591   1.00 17.44 ? 161 LEU A N   1 
ATOM   1187 C CA  . LEU A 1 161 ? -3.353  7.556   8.667   1.00 17.77 ? 161 LEU A CA  1 
ATOM   1188 C C   . LEU A 1 161 ? -2.843  8.464   7.530   1.00 17.28 ? 161 LEU A C   1 
ATOM   1189 O O   . LEU A 1 161 ? -1.983  9.237   7.714   1.00 17.28 ? 161 LEU A O   1 
ATOM   1190 C CB  . LEU A 1 161 ? -2.582  6.245   8.593   1.00 18.58 ? 161 LEU A CB  1 
ATOM   1191 C CG  . LEU A 1 161 ? -2.409  5.271   9.727   1.00 23.47 ? 161 LEU A CG  1 
ATOM   1192 C CD1 . LEU A 1 161 ? -1.595  4.109   9.241   1.00 22.22 ? 161 LEU A CD1 1 
ATOM   1193 C CD2 . LEU A 1 161 ? -1.726  5.918   10.864  1.00 23.83 ? 161 LEU A CD2 1 
ATOM   1194 N N   . ALA A 1 162 ? -3.368  8.258   6.342   1.00 16.42 ? 162 ALA A N   1 
ATOM   1195 C CA  . ALA A 1 162 ? -2.933  9.034   5.209   1.00 16.71 ? 162 ALA A CA  1 
ATOM   1196 C C   . ALA A 1 162 ? -3.230  10.496  5.405   1.00 16.38 ? 162 ALA A C   1 
ATOM   1197 O O   . ALA A 1 162 ? -2.467  11.302  5.105   1.00 17.41 ? 162 ALA A O   1 
ATOM   1198 C CB  . ALA A 1 162 ? -3.603  8.559   3.973   1.00 16.59 ? 162 ALA A CB  1 
ATOM   1199 N N   . VAL A 1 163 ? -4.411  10.786  5.888   1.00 19.03 ? 163 VAL A N   1 
ATOM   1200 C CA  . VAL A 1 163 ? -4.810  12.159  6.135   1.00 19.21 ? 163 VAL A CA  1 
ATOM   1201 C C   . VAL A 1 163 ? -3.994  12.795  7.224   1.00 19.36 ? 163 VAL A C   1 
ATOM   1202 O O   . VAL A 1 163 ? -3.639  13.919  7.135   1.00 20.00 ? 163 VAL A O   1 
ATOM   1203 C CB  . VAL A 1 163 ? -6.300  12.310  6.402   1.00 18.30 ? 163 VAL A CB  1 
ATOM   1204 C CG1 . VAL A 1 163 ? -6.670  13.744  6.704   1.00 20.03 ? 163 VAL A CG1 1 
ATOM   1205 C CG2 . VAL A 1 163 ? -7.073  11.856  5.240   1.00 21.96 ? 163 VAL A CG2 1 
ATOM   1206 N N   . THR A 1 164 ? -3.703  12.032  8.255   1.00 17.20 ? 164 THR A N   1 
ATOM   1207 C CA  . THR A 1 164 ? -2.876  12.531  9.319   1.00 21.58 ? 164 THR A CA  1 
ATOM   1208 C C   . THR A 1 164 ? -1.495  12.866  8.782   1.00 19.04 ? 164 THR A C   1 
ATOM   1209 O O   . THR A 1 164 ? -0.910  13.812  9.131   1.00 19.20 ? 164 THR A O   1 
ATOM   1210 C CB  . THR A 1 164 ? -2.719  11.462  10.425  1.00 21.77 ? 164 THR A CB  1 
ATOM   1211 O OG1 . THR A 1 164 ? -3.965  11.215  11.047  1.00 22.00 ? 164 THR A OG1 1 
ATOM   1212 C CG2 . THR A 1 164 ? -1.764  11.902  11.436  1.00 26.31 ? 164 THR A CG2 1 
ATOM   1213 N N   . ALA A 1 165 ? -0.981  11.997  7.933   1.00 18.43 ? 165 ALA A N   1 
ATOM   1214 C CA  . ALA A 1 165 ? 0.316   12.226  7.345   1.00 17.94 ? 165 ALA A CA  1 
ATOM   1215 C C   . ALA A 1 165 ? 0.324   13.499  6.491   1.00 16.78 ? 165 ALA A C   1 
ATOM   1216 O O   . ALA A 1 165 ? 1.211   14.283  6.570   1.00 18.50 ? 165 ALA A O   1 
ATOM   1217 C CB  . ALA A 1 165 ? 0.741   11.044  6.537   1.00 17.04 ? 165 ALA A CB  1 
ATOM   1218 N N   . ALA A 1 166 ? -0.708  13.689  5.703   1.00 16.62 ? 166 ALA A N   1 
ATOM   1219 C CA  . ALA A 1 166 ? -0.788  14.841  4.859   1.00 17.24 ? 166 ALA A CA  1 
ATOM   1220 C C   . ALA A 1 166 ? -0.880  16.118  5.681   1.00 16.67 ? 166 ALA A C   1 
ATOM   1221 O O   . ALA A 1 166 ? -0.310  17.104  5.366   1.00 20.93 ? 166 ALA A O   1 
ATOM   1222 C CB  . ALA A 1 166 ? -1.945  14.744  4.018   1.00 20.12 ? 166 ALA A CB  1 
ATOM   1223 N N   . GLY A 1 167 ? -1.697  16.055  6.705   1.00 19.36 ? 167 GLY A N   1 
ATOM   1224 C CA  . GLY A 1 167 ? -1.974  17.193  7.554   1.00 21.29 ? 167 GLY A CA  1 
ATOM   1225 C C   . GLY A 1 167 ? -0.799  17.670  8.345   1.00 22.94 ? 167 GLY A C   1 
ATOM   1226 O O   . GLY A 1 167 ? -0.586  18.826  8.489   1.00 23.28 ? 167 GLY A O   1 
ATOM   1227 N N   . GLY A 1 168 ? -0.064  16.722  8.869   1.00 22.19 ? 168 GLY A N   1 
ATOM   1228 C CA  . GLY A 1 168 ? 1.055   17.029  9.697   1.00 23.30 ? 168 GLY A CA  1 
ATOM   1229 C C   . GLY A 1 168 ? 2.372   17.108  8.998   1.00 23.40 ? 168 GLY A C   1 
ATOM   1230 O O   . GLY A 1 168 ? 3.341   17.482  9.563   1.00 26.40 ? 168 GLY A O   1 
ATOM   1231 N N   . GLN A 1 169 ? 2.400   16.656  7.757   1.00 24.12 ? 169 GLN A N   1 
ATOM   1232 C CA  . GLN A 1 169 ? 3.612   16.528  7.016   1.00 21.80 ? 169 GLN A CA  1 
ATOM   1233 C C   . GLN A 1 169 ? 4.671   15.763  7.790   1.00 21.37 ? 169 GLN A C   1 
ATOM   1234 O O   . GLN A 1 169 ? 5.783   16.202  7.886   1.00 23.24 ? 169 GLN A O   1 
ATOM   1235 C CB  . GLN A 1 169 ? 4.122   17.845  6.443   1.00 21.12 ? 169 GLN A CB  1 
ATOM   1236 C CG  . GLN A 1 169 ? 3.208   18.445  5.400   1.00 24.81 ? 169 GLN A CG  1 
ATOM   1237 C CD  . GLN A 1 169 ? 3.101   17.650  4.087   1.00 26.78 ? 169 GLN A CD  1 
ATOM   1238 O OE1 . GLN A 1 169 ? 2.055   17.217  3.692   1.00 23.60 ? 169 GLN A OE1 1 
ATOM   1239 N NE2 . GLN A 1 169 ? 4.185   17.489  3.439   1.00 21.36 ? 169 GLN A NE2 1 
ATOM   1240 N N   . THR A 1 170 ? 4.290   14.581  8.266   1.00 21.68 ? 170 THR A N   1 
ATOM   1241 C CA  . THR A 1 170 ? 5.166   13.687  8.990   1.00 23.70 ? 170 THR A CA  1 
ATOM   1242 C C   . THR A 1 170 ? 5.381   12.395  8.222   1.00 24.00 ? 170 THR A C   1 
ATOM   1243 O O   . THR A 1 170 ? 4.724   12.133  7.281   1.00 22.11 ? 170 THR A O   1 
ATOM   1244 C CB  . THR A 1 170 ? 4.620   13.291  10.335  1.00 24.87 ? 170 THR A CB  1 
ATOM   1245 O OG1 . THR A 1 170 ? 3.370   12.659  10.183  1.00 27.33 ? 170 THR A OG1 1 
ATOM   1246 C CG2 . THR A 1 170 ? 4.394   14.510  11.139  1.00 24.03 ? 170 THR A CG2 1 
ATOM   1247 N N   . GLN A 1 171 ? 6.352   11.627  8.684   1.00 23.81 ? 171 GLN A N   1 
ATOM   1248 C CA  . GLN A 1 171 ? 6.671   10.319  8.182   1.00 25.76 ? 171 GLN A CA  1 
ATOM   1249 C C   . GLN A 1 171 ? 6.979   9.432   9.360   1.00 29.57 ? 171 GLN A C   1 
ATOM   1250 O O   . GLN A 1 171 ? 7.410   9.886   10.354  1.00 30.04 ? 171 GLN A O   1 
ATOM   1251 C CB  . GLN A 1 171 ? 7.906   10.359  7.305   1.00 30.23 ? 171 GLN A CB  1 
ATOM   1252 C CG  . GLN A 1 171 ? 7.875   11.367  6.211   1.00 40.42 ? 171 GLN A CG  1 
ATOM   1253 C CD  . GLN A 1 171 ? 7.970   12.741  6.731   1.00 43.68 ? 171 GLN A CD  1 
ATOM   1254 O OE1 . GLN A 1 171 ? 8.758   12.994  7.603   1.00 47.58 ? 171 GLN A OE1 1 
ATOM   1255 N NE2 . GLN A 1 171 ? 7.139   13.631  6.235   1.00 40.97 ? 171 GLN A NE2 1 
ATOM   1256 N N   . SER A 1 172 ? 6.720   8.147   9.239   1.00 28.09 ? 172 SER A N   1 
ATOM   1257 C CA  . SER A 1 172 ? 7.059   7.225   10.307  1.00 31.20 ? 172 SER A CA  1 
ATOM   1258 C C   . SER A 1 172 ? 8.501   6.758   10.210  1.00 29.46 ? 172 SER A C   1 
ATOM   1259 O O   . SER A 1 172 ? 9.123   6.441   11.156  1.00 33.99 ? 172 SER A O   1 
ATOM   1260 C CB  . SER A 1 172 ? 6.075   6.056   10.323  1.00 28.89 ? 172 SER A CB  1 
ATOM   1261 O OG  . SER A 1 172 ? 6.195   5.358   9.159   1.00 27.91 ? 172 SER A OG  1 
ATOM   1262 N N   . GLY A 1 173 ? 8.994   6.683   9.011   1.00 31.22 ? 173 GLY A N   1 
ATOM   1263 C CA  . GLY A 1 173 ? 10.330  6.224   8.762   1.00 34.69 ? 173 GLY A CA  1 
ATOM   1264 C C   . GLY A 1 173 ? 10.398  4.746   8.628   1.00 34.09 ? 173 GLY A C   1 
ATOM   1265 O O   . GLY A 1 173 ? 11.408  4.176   8.285   1.00 34.08 ? 173 GLY A O   1 
ATOM   1266 N N   . GLY A 1 174 ? 9.281   4.121   8.896   1.00 30.99 ? 174 GLY A N   1 
ATOM   1267 C CA  . GLY A 1 174 ? 9.216   2.699   8.790   1.00 29.75 ? 174 GLY A CA  1 
ATOM   1268 C C   . GLY A 1 174 ? 8.086   2.196   9.640   1.00 29.38 ? 174 GLY A C   1 
ATOM   1269 O O   . GLY A 1 174 ? 7.240   2.933   9.994   1.00 27.19 ? 174 GLY A O   1 
ATOM   1270 N N   . LEU A 1 175 ? 8.134   0.917   9.990   1.00 28.12 ? 175 LEU A N   1 
ATOM   1271 C CA  . LEU A 1 175 ? 7.107   0.304   10.800  1.00 28.17 ? 175 LEU A CA  1 
ATOM   1272 C C   . LEU A 1 175 ? 7.176   0.762   12.227  1.00 30.13 ? 175 LEU A C   1 
ATOM   1273 O O   . LEU A 1 175 ? 8.179   0.625   12.837  1.00 30.84 ? 175 LEU A O   1 
ATOM   1274 C CB  . LEU A 1 175 ? 7.260   -1.197  10.748  1.00 29.66 ? 175 LEU A CB  1 
ATOM   1275 C CG  . LEU A 1 175 ? 6.964   -1.676  9.362   1.00 32.95 ? 175 LEU A CG  1 
ATOM   1276 C CD1 . LEU A 1 175 ? 7.670   -2.921  8.998   1.00 40.07 ? 175 LEU A CD1 1 
ATOM   1277 C CD2 . LEU A 1 175 ? 5.499   -1.797  9.126   1.00 34.67 ? 175 LEU A CD2 1 
ATOM   1278 N N   . VAL A 1 176 ? 6.088   1.276   12.746  1.00 25.46 ? 176 VAL A N   1 
ATOM   1279 C CA  . VAL A 1 176 ? 5.995   1.671   14.113  1.00 27.36 ? 176 VAL A CA  1 
ATOM   1280 C C   . VAL A 1 176 ? 4.753   1.075   14.768  1.00 26.28 ? 176 VAL A C   1 
ATOM   1281 O O   . VAL A 1 176 ? 3.883   0.612   14.097  1.00 26.08 ? 176 VAL A O   1 
ATOM   1282 C CB  . VAL A 1 176 ? 6.020   3.184   14.261  1.00 28.18 ? 176 VAL A CB  1 
ATOM   1283 C CG1 . VAL A 1 176 ? 7.169   3.708   13.620  1.00 30.36 ? 176 VAL A CG1 1 
ATOM   1284 C CG2 . VAL A 1 176 ? 4.826   3.790   13.685  1.00 30.31 ? 176 VAL A CG2 1 
ATOM   1285 N N   . ASP A 1 177 ? 4.666   1.107   16.078  1.00 26.26 ? 177 ASP A N   1 
ATOM   1286 C CA  . ASP A 1 177 ? 3.580   0.454   16.728  1.00 25.37 ? 177 ASP A CA  1 
ATOM   1287 C C   . ASP A 1 177 ? 2.283   1.104   16.245  1.00 25.30 ? 177 ASP A C   1 
ATOM   1288 O O   . ASP A 1 177 ? 2.266   2.239   15.998  1.00 26.77 ? 177 ASP A O   1 
ATOM   1289 C CB  . ASP A 1 177 ? 3.742   0.540   18.232  1.00 30.72 ? 177 ASP A CB  1 
ATOM   1290 C CG  . ASP A 1 177 ? 2.700   -0.238  18.984  1.00 38.43 ? 177 ASP A CG  1 
ATOM   1291 O OD1 . ASP A 1 177 ? 2.199   -1.225  18.484  1.00 40.77 ? 177 ASP A OD1 1 
ATOM   1292 O OD2 . ASP A 1 177 ? 2.357   0.142   20.113  1.00 47.66 ? 177 ASP A OD2 1 
ATOM   1293 N N   . SER A 1 178 ? 1.232   0.331   16.068  1.00 22.56 ? 178 SER A N   1 
ATOM   1294 C CA  . SER A 1 178 ? 0.019   0.829   15.478  1.00 20.79 ? 178 SER A CA  1 
ATOM   1295 C C   . SER A 1 178 ? -0.930  1.567   16.380  1.00 22.65 ? 178 SER A C   1 
ATOM   1296 O O   . SER A 1 178 ? -1.096  1.241   17.490  1.00 27.09 ? 178 SER A O   1 
ATOM   1297 C CB  . SER A 1 178 ? -0.748  -0.273  14.766  1.00 18.50 ? 178 SER A CB  1 
ATOM   1298 O OG  . SER A 1 178 ? -1.852  0.208   14.100  1.00 20.58 ? 178 SER A OG  1 
ATOM   1299 N N   . GLY A 1 179 ? -1.618  2.504   15.804  1.00 19.66 ? 179 GLY A N   1 
ATOM   1300 C CA  . GLY A 1 179 ? -2.672  3.197   16.492  1.00 20.55 ? 179 GLY A CA  1 
ATOM   1301 C C   . GLY A 1 179 ? -4.049  2.599   16.262  1.00 20.68 ? 179 GLY A C   1 
ATOM   1302 O O   . GLY A 1 179 ? -5.014  3.131   16.681  1.00 21.29 ? 179 GLY A O   1 
ATOM   1303 N N   . TYR A 1 180 ? -4.106  1.472   15.588  1.00 17.75 ? 180 TYR A N   1 
ATOM   1304 C CA  . TYR A 1 180 ? -5.381  0.971   15.157  1.00 17.36 ? 180 TYR A CA  1 
ATOM   1305 C C   . TYR A 1 180 ? -6.332  0.733   16.318  1.00 17.84 ? 180 TYR A C   1 
ATOM   1306 O O   . TYR A 1 180 ? -7.446  1.064   16.263  1.00 18.53 ? 180 TYR A O   1 
ATOM   1307 C CB  . TYR A 1 180 ? -5.265  -0.366  14.381  1.00 19.44 ? 180 TYR A CB  1 
ATOM   1308 C CG  . TYR A 1 180 ? -6.639  -0.908  14.061  1.00 16.00 ? 180 TYR A CG  1 
ATOM   1309 C CD1 . TYR A 1 180 ? -7.330  -0.457  12.979  1.00 16.84 ? 180 TYR A CD1 1 
ATOM   1310 C CD2 . TYR A 1 180 ? -7.263  -1.801  14.868  1.00 18.03 ? 180 TYR A CD2 1 
ATOM   1311 C CE1 . TYR A 1 180 ? -8.571  -0.863  12.713  1.00 17.19 ? 180 TYR A CE1 1 
ATOM   1312 C CE2 . TYR A 1 180 ? -8.503  -2.223  14.602  1.00 16.82 ? 180 TYR A CE2 1 
ATOM   1313 C CZ  . TYR A 1 180 ? -9.156  -1.752  13.524  1.00 15.16 ? 180 TYR A CZ  1 
ATOM   1314 O OH  . TYR A 1 180 ? -10.391 -2.114  13.257  1.00 19.55 ? 180 TYR A OH  1 
ATOM   1315 N N   . GLU A 1 181 ? -5.853  0.128   17.370  1.00 19.24 ? 181 GLU A N   1 
ATOM   1316 C CA  . GLU A 1 181 ? -6.750  -0.241  18.428  1.00 22.16 ? 181 GLU A CA  1 
ATOM   1317 C C   . GLU A 1 181 ? -7.367  0.954   19.124  1.00 19.12 ? 181 GLU A C   1 
ATOM   1318 O O   . GLU A 1 181 ? -8.470  0.922   19.501  1.00 21.98 ? 181 GLU A O   1 
ATOM   1319 C CB  . GLU A 1 181 ? -6.040  -1.171  19.395  1.00 22.86 ? 181 GLU A CB  1 
ATOM   1320 C CG  . GLU A 1 181 ? -5.871  -2.568  18.810  1.00 29.16 ? 181 GLU A CG  1 
ATOM   1321 C CD  . GLU A 1 181 ? -4.662  -2.711  17.867  1.00 32.50 ? 181 GLU A CD  1 
ATOM   1322 O OE1 . GLU A 1 181 ? -3.888  -1.766  17.717  1.00 37.29 ? 181 GLU A OE1 1 
ATOM   1323 O OE2 . GLU A 1 181 ? -4.484  -3.801  17.324  1.00 30.36 ? 181 GLU A OE2 1 
ATOM   1324 N N   . GLU A 1 182 ? -6.583  1.970   19.336  1.00 20.82 ? 182 GLU A N   1 
ATOM   1325 C CA  . GLU A 1 182 ? -7.090  3.179   19.933  1.00 20.57 ? 182 GLU A CA  1 
ATOM   1326 C C   . GLU A 1 182 ? -8.092  3.866   18.996  1.00 20.44 ? 182 GLU A C   1 
ATOM   1327 O O   . GLU A 1 182 ? -9.110  4.295   19.401  1.00 22.94 ? 182 GLU A O   1 
ATOM   1328 C CB  . GLU A 1 182 ? -5.948  4.094   20.355  1.00 23.62 ? 182 GLU A CB  1 
ATOM   1329 C CG  . GLU A 1 182 ? -5.026  3.527   21.441  1.00 28.61 ? 182 GLU A CG  1 
ATOM   1330 C CD  . GLU A 1 182 ? -5.624  3.519   22.878  1.00 42.01 ? 182 GLU A CD  1 
ATOM   1331 O OE1 . GLU A 1 182 ? -6.751  3.974   23.135  1.00 45.20 ? 182 GLU A OE1 1 
ATOM   1332 O OE2 . GLU A 1 182 ? -4.943  3.053   23.791  1.00 48.07 ? 182 GLU A OE2 1 
ATOM   1333 N N   . TRP A 1 183 ? -7.790  3.906   17.715  1.00 19.53 ? 183 TRP A N   1 
ATOM   1334 C CA  . TRP A 1 183 ? -8.693  4.496   16.749  1.00 18.78 ? 183 TRP A CA  1 
ATOM   1335 C C   . TRP A 1 183 ? -10.041 3.747   16.727  1.00 18.92 ? 183 TRP A C   1 
ATOM   1336 O O   . TRP A 1 183 ? -11.067 4.306   16.597  1.00 17.49 ? 183 TRP A O   1 
ATOM   1337 C CB  . TRP A 1 183 ? -8.057  4.466   15.336  1.00 19.26 ? 183 TRP A CB  1 
ATOM   1338 C CG  . TRP A 1 183 ? -8.932  4.899   14.197  1.00 18.93 ? 183 TRP A CG  1 
ATOM   1339 C CD1 . TRP A 1 183 ? -9.099  6.139   13.730  1.00 18.51 ? 183 TRP A CD1 1 
ATOM   1340 C CD2 . TRP A 1 183 ? -9.715  4.058   13.366  1.00 21.02 ? 183 TRP A CD2 1 
ATOM   1341 N NE1 . TRP A 1 183 ? -9.955  6.153   12.698  1.00 20.40 ? 183 TRP A NE1 1 
ATOM   1342 C CE2 . TRP A 1 183 ? -10.341 4.869   12.440  1.00 21.69 ? 183 TRP A CE2 1 
ATOM   1343 C CE3 . TRP A 1 183 ? -9.928  2.692   13.301  1.00 19.91 ? 183 TRP A CE3 1 
ATOM   1344 C CZ2 . TRP A 1 183 ? -11.169 4.360   11.493  1.00 18.50 ? 183 TRP A CZ2 1 
ATOM   1345 C CZ3 . TRP A 1 183 ? -10.752 2.216   12.393  1.00 20.05 ? 183 TRP A CZ3 1 
ATOM   1346 C CH2 . TRP A 1 183 ? -11.351 3.027   11.474  1.00 19.73 ? 183 TRP A CH2 1 
ATOM   1347 N N   . ALA A 1 184 ? -9.957  2.443   16.811  1.00 17.27 ? 184 ALA A N   1 
ATOM   1348 C CA  . ALA A 1 184 ? -11.122 1.586   16.705  1.00 20.06 ? 184 ALA A CA  1 
ATOM   1349 C C   . ALA A 1 184 ? -12.101 1.848   17.816  1.00 18.89 ? 184 ALA A C   1 
ATOM   1350 O O   . ALA A 1 184 ? -13.252 1.641   17.682  1.00 23.36 ? 184 ALA A O   1 
ATOM   1351 C CB  . ALA A 1 184 ? -10.742 0.153   16.698  1.00 18.28 ? 184 ALA A CB  1 
ATOM   1352 N N   . ALA A 1 185 ? -11.577 2.278   18.926  1.00 19.87 ? 185 ALA A N   1 
ATOM   1353 C CA  . ALA A 1 185 ? -12.388 2.536   20.093  1.00 21.55 ? 185 ALA A CA  1 
ATOM   1354 C C   . ALA A 1 185 ? -12.959 3.949   20.186  1.00 22.24 ? 185 ALA A C   1 
ATOM   1355 O O   . ALA A 1 185 ? -13.671 4.243   21.093  1.00 24.51 ? 185 ALA A O   1 
ATOM   1356 C CB  . ALA A 1 185 ? -11.615 2.230   21.305  1.00 21.36 ? 185 ALA A CB  1 
ATOM   1357 N N   . ARG A 1 186 ? -12.609 4.811   19.263  1.00 19.81 ? 186 ARG A N   1 
ATOM   1358 C CA  . ARG A 1 186 ? -13.125 6.153   19.277  1.00 21.57 ? 186 ARG A CA  1 
ATOM   1359 C C   . ARG A 1 186 ? -14.605 6.153   19.028  1.00 24.10 ? 186 ARG A C   1 
ATOM   1360 O O   . ARG A 1 186 ? -15.098 5.338   18.336  1.00 23.85 ? 186 ARG A O   1 
ATOM   1361 C CB  . ARG A 1 186 ? -12.465 7.021   18.224  1.00 20.86 ? 186 ARG A CB  1 
ATOM   1362 C CG  . ARG A 1 186 ? -11.078 7.445   18.514  1.00 23.84 ? 186 ARG A CG  1 
ATOM   1363 C CD  . ARG A 1 186 ? -10.385 8.090   17.303  1.00 26.74 ? 186 ARG A CD  1 
ATOM   1364 N NE  . ARG A 1 186 ? -11.217 9.018   16.565  1.00 28.58 ? 186 ARG A NE  1 
ATOM   1365 C CZ  . ARG A 1 186 ? -10.841 9.638   15.467  1.00 32.98 ? 186 ARG A CZ  1 
ATOM   1366 N NH1 . ARG A 1 186 ? -9.640  9.438   14.983  1.00 29.58 ? 186 ARG A NH1 1 
ATOM   1367 N NH2 . ARG A 1 186 ? -11.644 10.486  14.873  1.00 34.22 ? 186 ARG A NH2 1 
ATOM   1368 N N   . VAL A 1 187 ? -15.296 7.128   19.596  1.00 25.13 ? 187 VAL A N   1 
ATOM   1369 C CA  . VAL A 1 187 ? -16.720 7.248   19.410  1.00 27.60 ? 187 VAL A CA  1 
ATOM   1370 C C   . VAL A 1 187 ? -17.089 7.503   17.962  1.00 26.23 ? 187 VAL A C   1 
ATOM   1371 O O   . VAL A 1 187 ? -18.120 7.102   17.533  1.00 27.55 ? 187 VAL A O   1 
ATOM   1372 C CB  . VAL A 1 187 ? -17.371 8.290   20.286  1.00 27.31 ? 187 VAL A CB  1 
ATOM   1373 C CG1 . VAL A 1 187 ? -17.523 7.793   21.616  1.00 35.62 ? 187 VAL A CG1 1 
ATOM   1374 C CG2 . VAL A 1 187 ? -16.628 9.530   20.292  1.00 28.99 ? 187 VAL A CG2 1 
ATOM   1375 N N   . SER A 1 188 ? -16.254 8.232   17.262  1.00 25.99 ? 188 SER A N   1 
ATOM   1376 C CA  . SER A 1 188 ? -16.501 8.455   15.862  1.00 26.04 ? 188 SER A CA  1 
ATOM   1377 C C   . SER A 1 188 ? -16.445 7.146   15.092  1.00 27.02 ? 188 SER A C   1 
ATOM   1378 O O   . SER A 1 188 ? -17.205 6.920   14.203  1.00 27.41 ? 188 SER A O   1 
ATOM   1379 C CB  . SER A 1 188 ? -15.553 9.494   15.260  1.00 27.63 ? 188 SER A CB  1 
ATOM   1380 O OG  . SER A 1 188 ? -14.226 9.090   15.311  1.00 29.79 ? 188 SER A OG  1 
ATOM   1381 N N   . THR A 1 189 ? -15.499 6.313   15.435  1.00 24.49 ? 189 THR A N   1 
ATOM   1382 C CA  . THR A 1 189 ? -15.391 5.061   14.763  1.00 24.33 ? 189 THR A CA  1 
ATOM   1383 C C   . THR A 1 189 ? -16.592 4.177   15.058  1.00 25.93 ? 189 THR A C   1 
ATOM   1384 O O   . THR A 1 189 ? -17.123 3.539   14.208  1.00 27.97 ? 189 THR A O   1 
ATOM   1385 C CB  . THR A 1 189 ? -14.122 4.366   15.143  1.00 22.00 ? 189 THR A CB  1 
ATOM   1386 O OG1 . THR A 1 189 ? -13.025 5.198   14.832  1.00 23.20 ? 189 THR A OG1 1 
ATOM   1387 C CG2 . THR A 1 189 ? -13.987 3.063   14.383  1.00 21.14 ? 189 THR A CG2 1 
ATOM   1388 N N   . ALA A 1 190 ? -17.010 4.156   16.292  1.00 27.41 ? 190 ALA A N   1 
ATOM   1389 C CA  . ALA A 1 190 ? -18.130 3.315   16.684  1.00 28.47 ? 190 ALA A CA  1 
ATOM   1390 C C   . ALA A 1 190 ? -19.411 3.684   15.959  1.00 31.38 ? 190 ALA A C   1 
ATOM   1391 O O   . ALA A 1 190 ? -20.161 2.838   15.592  1.00 30.72 ? 190 ALA A O   1 
ATOM   1392 C CB  . ALA A 1 190 ? -18.329 3.404   18.167  1.00 30.78 ? 190 ALA A CB  1 
ATOM   1393 N N   . ALA A 1 191 ? -19.640 4.966   15.779  1.00 28.93 ? 191 ALA A N   1 
ATOM   1394 C CA  . ALA A 1 191 ? -20.841 5.461   15.160  1.00 31.08 ? 191 ALA A CA  1 
ATOM   1395 C C   . ALA A 1 191 ? -20.923 5.078   13.702  1.00 33.04 ? 191 ALA A C   1 
ATOM   1396 O O   . ALA A 1 191 ? -21.973 5.075   13.107  1.00 32.05 ? 191 ALA A O   1 
ATOM   1397 C CB  . ALA A 1 191 ? -20.964 6.968   15.339  1.00 31.67 ? 191 ALA A CB  1 
ATOM   1398 N N   . SER A 1 192 ? -19.776 4.845   13.127  1.00 28.51 ? 192 SER A N   1 
ATOM   1399 C CA  . SER A 1 192 ? -19.663 4.441   11.748  1.00 28.77 ? 192 SER A CA  1 
ATOM   1400 C C   . SER A 1 192 ? -20.074 2.966   11.480  1.00 29.01 ? 192 SER A C   1 
ATOM   1401 O O   . SER A 1 192 ? -20.404 2.586   10.387  1.00 27.64 ? 192 SER A O   1 
ATOM   1402 C CB  . SER A 1 192 ? -18.264 4.752   11.262  1.00 29.19 ? 192 SER A CB  1 
ATOM   1403 O OG  . SER A 1 192 ? -18.121 4.353   9.946   1.00 35.32 ? 192 SER A OG  1 
ATOM   1404 N N   . ARG A 1 193 ? -20.071 2.151   12.506  1.00 27.32 ? 193 ARG A N   1 
ATOM   1405 C CA  . ARG A 1 193 ? -20.563 0.794   12.346  1.00 26.70 ? 193 ARG A CA  1 
ATOM   1406 C C   . ARG A 1 193 ? -19.856 0.008   11.205  1.00 26.27 ? 193 ARG A C   1 
ATOM   1407 O O   . ARG A 1 193 ? -20.464 -0.531  10.352  1.00 28.35 ? 193 ARG A O   1 
ATOM   1408 C CB  . ARG A 1 193 ? -22.064 0.823   12.210  1.00 31.54 ? 193 ARG A CB  1 
ATOM   1409 C CG  . ARG A 1 193 ? -22.755 1.353   13.471  1.00 36.31 ? 193 ARG A CG  1 
ATOM   1410 C CD  . ARG A 1 193 ? -24.243 1.604   13.265  1.00 52.53 ? 193 ARG A CD  1 
ATOM   1411 N NE  . ARG A 1 193 ? -25.114 1.588   14.441  1.00 59.80 ? 193 ARG A NE  1 
ATOM   1412 C CZ  . ARG A 1 193 ? -25.454 2.648   15.201  1.00 65.88 ? 193 ARG A CZ  1 
ATOM   1413 N NH1 . ARG A 1 193 ? -24.970 3.861   14.983  1.00 69.29 ? 193 ARG A NH1 1 
ATOM   1414 N NH2 . ARG A 1 193 ? -26.292 2.488   16.208  1.00 64.33 ? 193 ARG A NH2 1 
ATOM   1415 N N   . MET A 1 194 ? -18.544 0.004   11.260  1.00 23.77 ? 194 MET A N   1 
ATOM   1416 C CA  . MET A 1 194 ? -17.678 -0.610  10.283  1.00 20.66 ? 194 MET A CA  1 
ATOM   1417 C C   . MET A 1 194 ? -17.475 -2.092  10.463  1.00 20.20 ? 194 MET A C   1 
ATOM   1418 O O   . MET A 1 194 ? -17.776 -2.605  11.488  1.00 23.56 ? 194 MET A O   1 
ATOM   1419 C CB  . MET A 1 194 ? -16.333 0.068   10.331  1.00 22.78 ? 194 MET A CB  1 
ATOM   1420 C CG  . MET A 1 194 ? -16.389 1.526   10.255  1.00 22.27 ? 194 MET A CG  1 
ATOM   1421 S SD  . MET A 1 194 ? -14.774 2.113   9.938   1.00 29.67 ? 194 MET A SD  1 
ATOM   1422 C CE  . MET A 1 194 ? -14.931 3.829   10.288  1.00 28.35 ? 194 MET A CE  1 
ATOM   1423 N N   . ARG A 1 195 ? -16.955 -2.747  9.432   1.00 18.89 ? 195 ARG A N   1 
ATOM   1424 C CA  . ARG A 1 195 ? -16.727 -4.178  9.440   1.00 18.82 ? 195 ARG A CA  1 
ATOM   1425 C C   . ARG A 1 195 ? -15.256 -4.459  9.352   1.00 20.41 ? 195 ARG A C   1 
ATOM   1426 O O   . ARG A 1 195 ? -14.606 -3.903  8.545   1.00 20.88 ? 195 ARG A O   1 
ATOM   1427 C CB  . ARG A 1 195 ? -17.394 -4.836  8.256   1.00 22.65 ? 195 ARG A CB  1 
ATOM   1428 C CG  . ARG A 1 195 ? -18.822 -5.158  8.476   1.00 29.32 ? 195 ARG A CG  1 
ATOM   1429 C CD  . ARG A 1 195 ? -19.618 -4.957  7.255   1.00 40.77 ? 195 ARG A CD  1 
ATOM   1430 N NE  . ARG A 1 195 ? -19.562 -6.106  6.453   1.00 35.75 ? 195 ARG A NE  1 
ATOM   1431 C CZ  . ARG A 1 195 ? -19.792 -6.108  5.158   1.00 41.22 ? 195 ARG A CZ  1 
ATOM   1432 N NH1 . ARG A 1 195 ? -20.062 -4.979  4.504   1.00 43.22 ? 195 ARG A NH1 1 
ATOM   1433 N NH2 . ARG A 1 195 ? -19.741 -7.232  4.522   1.00 31.74 ? 195 ARG A NH2 1 
ATOM   1434 N N   . LEU A 1 196 ? -14.755 -5.327  10.210  1.00 18.37 ? 196 LEU A N   1 
ATOM   1435 C CA  . LEU A 1 196 ? -13.371 -5.697  10.232  1.00 15.97 ? 196 LEU A CA  1 
ATOM   1436 C C   . LEU A 1 196 ? -13.096 -6.913  9.343   1.00 18.44 ? 196 LEU A C   1 
ATOM   1437 O O   . LEU A 1 196 ? -13.853 -7.804  9.329   1.00 17.62 ? 196 LEU A O   1 
ATOM   1438 C CB  . LEU A 1 196 ? -12.980 -6.042  11.641  1.00 16.21 ? 196 LEU A CB  1 
ATOM   1439 C CG  . LEU A 1 196 ? -11.547 -6.368  11.899  1.00 17.48 ? 196 LEU A CG  1 
ATOM   1440 C CD1 . LEU A 1 196 ? -10.746 -5.136  12.025  1.00 17.87 ? 196 LEU A CD1 1 
ATOM   1441 C CD2 . LEU A 1 196 ? -11.460 -7.177  13.112  1.00 22.70 ? 196 LEU A CD2 1 
ATOM   1442 N N   . GLU A 1 197 ? -12.004 -6.895  8.597   1.00 15.87 ? 197 GLU A N   1 
ATOM   1443 C CA  . GLU A 1 197 ? -11.643 -8.051  7.804   1.00 17.78 ? 197 GLU A CA  1 
ATOM   1444 C C   . GLU A 1 197 ? -10.760 -8.987  8.622   1.00 17.29 ? 197 GLU A C   1 
ATOM   1445 O O   . GLU A 1 197 ? -9.773  -8.623  9.099   1.00 18.51 ? 197 GLU A O   1 
ATOM   1446 C CB  . GLU A 1 197 ? -10.932 -7.614  6.543   1.00 19.15 ? 197 GLU A CB  1 
ATOM   1447 C CG  . GLU A 1 197 ? -10.465 -8.728  5.671   1.00 23.02 ? 197 GLU A CG  1 
ATOM   1448 C CD  . GLU A 1 197 ? -10.430 -8.428  4.152   1.00 41.24 ? 197 GLU A CD  1 
ATOM   1449 O OE1 . GLU A 1 197 ? -10.325 -7.280  3.690   1.00 29.44 ? 197 GLU A OE1 1 
ATOM   1450 O OE2 . GLU A 1 197 ? -10.477 -9.437  3.424   1.00 42.54 ? 197 GLU A OE2 1 
ATOM   1451 N N   . PRO A 1 198 ? -11.176 -10.222 8.734   1.00 18.53 ? 198 PRO A N   1 
ATOM   1452 C CA  . PRO A 1 198 ? -10.374 -11.207 9.448   1.00 18.73 ? 198 PRO A CA  1 
ATOM   1453 C C   . PRO A 1 198 ? -9.067  -11.459 8.735   1.00 18.71 ? 198 PRO A C   1 
ATOM   1454 O O   . PRO A 1 198 ? -8.992  -11.277 7.565   1.00 19.69 ? 198 PRO A O   1 
ATOM   1455 C CB  . PRO A 1 198 ? -11.235 -12.473 9.397   1.00 19.44 ? 198 PRO A CB  1 
ATOM   1456 C CG  . PRO A 1 198 ? -12.514 -12.054 8.944   1.00 20.57 ? 198 PRO A CG  1 
ATOM   1457 C CD  . PRO A 1 198 ? -12.368 -10.828 8.160   1.00 20.25 ? 198 PRO A CD  1 
ATOM   1458 N N   . PHE A 1 199 ? -8.063  -11.872 9.472   1.00 18.66 ? 199 PHE A N   1 
ATOM   1459 C CA  . PHE A 1 199 ? -6.767  -12.150 8.899   1.00 18.83 ? 199 PHE A CA  1 
ATOM   1460 C C   . PHE A 1 199 ? -6.865  -13.322 7.915   1.00 19.14 ? 199 PHE A C   1 
ATOM   1461 O O   . PHE A 1 199 ? -7.548  -14.243 8.118   1.00 20.80 ? 199 PHE A O   1 
ATOM   1462 C CB  . PHE A 1 199 ? -5.759  -12.470 9.996   1.00 18.62 ? 199 PHE A CB  1 
ATOM   1463 C CG  . PHE A 1 199 ? -4.327  -12.483 9.535   1.00 16.78 ? 199 PHE A CG  1 
ATOM   1464 C CD1 . PHE A 1 199 ? -3.598  -11.332 9.497   1.00 17.38 ? 199 PHE A CD1 1 
ATOM   1465 C CD2 . PHE A 1 199 ? -3.726  -13.629 9.118   1.00 19.77 ? 199 PHE A CD2 1 
ATOM   1466 C CE1 . PHE A 1 199 ? -2.352  -11.358 9.071   1.00 21.56 ? 199 PHE A CE1 1 
ATOM   1467 C CE2 . PHE A 1 199 ? -2.460  -13.610 8.699   1.00 23.85 ? 199 PHE A CE2 1 
ATOM   1468 C CZ  . PHE A 1 199 ? -1.785  -12.492 8.673   1.00 22.38 ? 199 PHE A CZ  1 
ATOM   1469 N N   . PRO A 1 200 ? -6.131  -13.250 6.846   1.00 20.16 ? 200 PRO A N   1 
ATOM   1470 C CA  . PRO A 1 200 ? -6.253  -14.275 5.830   1.00 22.18 ? 200 PRO A CA  1 
ATOM   1471 C C   . PRO A 1 200 ? -5.718  -15.631 6.195   1.00 22.99 ? 200 PRO A C   1 
ATOM   1472 O O   . PRO A 1 200 ? -4.831  -15.750 6.957   1.00 24.90 ? 200 PRO A O   1 
ATOM   1473 C CB  . PRO A 1 200 ? -5.472  -13.692 4.660   1.00 22.07 ? 200 PRO A CB  1 
ATOM   1474 C CG  . PRO A 1 200 ? -4.573  -12.774 5.211   1.00 21.49 ? 200 PRO A CG  1 
ATOM   1475 C CD  . PRO A 1 200 ? -5.255  -12.172 6.395   1.00 19.79 ? 200 PRO A CD  1 
ATOM   1476 N N   . ASP A 1 201 ? -6.345  -16.646 5.629   1.00 26.17 ? 201 ASP A N   1 
ATOM   1477 C CA  . ASP A 1 201 ? -5.907  -18.022 5.648   1.00 29.82 ? 201 ASP A CA  1 
ATOM   1478 C C   . ASP A 1 201 ? -4.806  -18.189 4.639   1.00 31.22 ? 201 ASP A C   1 
ATOM   1479 O O   . ASP A 1 201 ? -4.879  -17.678 3.599   1.00 33.17 ? 201 ASP A O   1 
ATOM   1480 C CB  . ASP A 1 201 ? -7.004  -18.907 5.103   1.00 31.19 ? 201 ASP A CB  1 
ATOM   1481 C CG  . ASP A 1 201 ? -8.113  -19.104 6.015   1.00 40.82 ? 201 ASP A CG  1 
ATOM   1482 O OD1 . ASP A 1 201 ? -8.134  -18.479 7.076   1.00 46.54 ? 201 ASP A OD1 1 
ATOM   1483 O OD2 . ASP A 1 201 ? -8.976  -19.920 5.677   1.00 33.72 ? 201 ASP A OD2 1 
ATOM   1484 N N   . ALA A 1 202 ? -3.825  -19.000 4.915   1.00 37.05 ? 202 ALA A N   1 
ATOM   1485 C CA  . ALA A 1 202 ? -2.803  -19.232 3.938   1.00 39.70 ? 202 ALA A CA  1 
ATOM   1486 C C   . ALA A 1 202 ? -3.377  -19.926 2.725   1.00 41.26 ? 202 ALA A C   1 
ATOM   1487 O O   . ALA A 1 202 ? -2.750  -19.980 1.692   1.00 42.76 ? 202 ALA A O   1 
ATOM   1488 C CB  . ALA A 1 202 ? -1.679  -19.970 4.497   1.00 42.37 ? 202 ALA A CB  1 
ATOM   1489 N N   . ALA A 1 203 ? -4.580  -20.441 2.860   1.00 42.04 ? 203 ALA A N   1 
ATOM   1490 C CA  . ALA A 1 203 ? -5.522  -20.785 1.797   1.00 41.58 ? 203 ALA A CA  1 
ATOM   1491 C C   . ALA A 1 203 ? -6.224  -19.722 0.944   1.00 40.73 ? 203 ALA A C   1 
ATOM   1492 O O   . ALA A 1 203 ? -6.568  -19.933 -0.173  1.00 43.28 ? 203 ALA A O   1 
ATOM   1493 C CB  . ALA A 1 203 ? -6.522  -21.738 2.316   1.00 43.79 ? 203 ALA A CB  1 
ATOM   1494 N N   . ALA A 1 204 ? -6.527  -18.611 1.551   1.00 41.04 ? 204 ALA A N   1 
ATOM   1495 C CA  . ALA A 1 204 ? -7.108  -17.488 0.903   1.00 39.40 ? 204 ALA A CA  1 
ATOM   1496 C C   . ALA A 1 204 ? -6.015  -16.940 -0.007  1.00 38.52 ? 204 ALA A C   1 
ATOM   1497 O O   . ALA A 1 204 ? -6.287  -16.000 -0.718  1.00 42.01 ? 204 ALA A O   1 
ATOM   1498 C CB  . ALA A 1 204 ? -7.486  -16.456 1.907   1.00 38.86 ? 204 ALA A CB  1 
ATOM   1499 N N   . PHE A 1 205 ? -4.786  -17.479 0.052   1.00 33.80 ? 205 PHE A N   1 
ATOM   1500 C CA  . PHE A 1 205 ? -3.668  -16.758 -0.538  1.00 27.02 ? 205 PHE A CA  1 
ATOM   1501 C C   . PHE A 1 205 ? -3.468  -17.109 -1.978  1.00 25.71 ? 205 PHE A C   1 
ATOM   1502 O O   . PHE A 1 205 ? -3.122  -18.200 -2.291  1.00 27.54 ? 205 PHE A O   1 
ATOM   1503 C CB  . PHE A 1 205 ? -2.353  -16.898 0.228   1.00 24.90 ? 205 PHE A CB  1 
ATOM   1504 C CG  . PHE A 1 205 ? -1.247  -15.984 -0.271  1.00 21.76 ? 205 PHE A CG  1 
ATOM   1505 C CD1 . PHE A 1 205 ? -1.389  -14.653 -0.254  1.00 21.62 ? 205 PHE A CD1 1 
ATOM   1506 C CD2 . PHE A 1 205 ? -0.082  -16.485 -0.766  1.00 21.05 ? 205 PHE A CD2 1 
ATOM   1507 C CE1 . PHE A 1 205 ? -0.391  -13.864 -0.722  1.00 22.02 ? 205 PHE A CE1 1 
ATOM   1508 C CE2 . PHE A 1 205 ? 0.897   -15.694 -1.200  1.00 19.88 ? 205 PHE A CE2 1 
ATOM   1509 C CZ  . PHE A 1 205 ? 0.732   -14.381 -1.190  1.00 21.11 ? 205 PHE A CZ  1 
ATOM   1510 N N   . ARG A 1 206 ? -3.709  -16.134 -2.836  1.00 23.90 ? 206 ARG A N   1 
ATOM   1511 C CA  . ARG A 1 206 ? -3.615  -16.319 -4.258  1.00 24.60 ? 206 ARG A CA  1 
ATOM   1512 C C   . ARG A 1 206 ? -2.742  -15.236 -4.890  1.00 20.29 ? 206 ARG A C   1 
ATOM   1513 O O   . ARG A 1 206 ? -3.243  -14.278 -5.352  1.00 23.79 ? 206 ARG A O   1 
ATOM   1514 C CB  . ARG A 1 206 ? -5.018  -16.265 -4.863  1.00 28.19 ? 206 ARG A CB  1 
ATOM   1515 C CG  . ARG A 1 206 ? -5.863  -17.522 -4.599  1.00 37.38 ? 206 ARG A CG  1 
ATOM   1516 C CD  . ARG A 1 206 ? -5.016  -18.773 -4.745  1.00 46.05 ? 206 ARG A CD  1 
ATOM   1517 N NE  . ARG A 1 206 ? -5.765  -20.025 -4.644  1.00 56.01 ? 206 ARG A NE  1 
ATOM   1518 C CZ  . ARG A 1 206 ? -5.679  -20.875 -3.620  1.00 60.33 ? 206 ARG A CZ  1 
ATOM   1519 N NH1 . ARG A 1 206 ? -4.886  -20.613 -2.600  1.00 59.92 ? 206 ARG A NH1 1 
ATOM   1520 N NH2 . ARG A 1 206 ? -6.403  -21.992 -3.610  1.00 61.11 ? 206 ARG A NH2 1 
ATOM   1521 N N   . PRO A 1 207 ? -1.448  -15.392 -4.875  1.00 21.13 ? 207 PRO A N   1 
ATOM   1522 C CA  . PRO A 1 207 ? -0.592  -14.331 -5.369  1.00 18.59 ? 207 PRO A CA  1 
ATOM   1523 C C   . PRO A 1 207 ? -0.633  -14.152 -6.860  1.00 20.63 ? 207 PRO A C   1 
ATOM   1524 O O   . PRO A 1 207 ? -0.804  -15.094 -7.581  1.00 20.89 ? 207 PRO A O   1 
ATOM   1525 C CB  . PRO A 1 207 ? 0.796   -14.779 -4.983  1.00 20.76 ? 207 PRO A CB  1 
ATOM   1526 C CG  . PRO A 1 207 ? 0.707   -16.178 -4.958  1.00 22.51 ? 207 PRO A CG  1 
ATOM   1527 C CD  . PRO A 1 207 ? -0.635  -16.516 -4.424  1.00 21.73 ? 207 PRO A CD  1 
ATOM   1528 N N   . SER A 1 208 ? -0.412  -12.924 -7.271  1.00 21.26 ? 208 SER A N   1 
ATOM   1529 C CA  . SER A 1 208 ? -0.262  -12.564 -8.663  1.00 22.67 ? 208 SER A CA  1 
ATOM   1530 C C   . SER A 1 208 ? 1.054   -13.025 -9.160  1.00 22.83 ? 208 SER A C   1 
ATOM   1531 O O   . SER A 1 208 ? 1.908   -13.315 -8.420  1.00 22.51 ? 208 SER A O   1 
ATOM   1532 C CB  . SER A 1 208 ? -0.297  -11.069 -8.828  1.00 23.42 ? 208 SER A CB  1 
ATOM   1533 O OG  . SER A 1 208 ? -1.583  -10.607 -8.817  1.00 27.74 ? 208 SER A OG  1 
ATOM   1534 N N   . PRO A 1 209 ? 1.217   -13.034 -10.463 1.00 27.42 ? 209 PRO A N   1 
ATOM   1535 C CA  . PRO A 1 209 ? 2.501   -13.374 -11.013 1.00 29.75 ? 209 PRO A CA  1 
ATOM   1536 C C   . PRO A 1 209 ? 3.516   -12.319 -10.715 1.00 25.68 ? 209 PRO A C   1 
ATOM   1537 O O   . PRO A 1 209 ? 3.210   -11.221 -10.490 1.00 24.46 ? 209 PRO A O   1 
ATOM   1538 C CB  . PRO A 1 209 ? 2.243   -13.404 -12.522 1.00 30.75 ? 209 PRO A CB  1 
ATOM   1539 C CG  . PRO A 1 209 ? 1.006   -12.797 -12.716 1.00 30.40 ? 209 PRO A CG  1 
ATOM   1540 C CD  . PRO A 1 209 ? 0.208   -12.965 -11.512 1.00 31.25 ? 209 PRO A CD  1 
ATOM   1541 N N   . ALA A 1 210 ? 4.729   -12.749 -10.767 1.00 29.11 ? 210 ALA A N   1 
ATOM   1542 C CA  . ALA A 1 210 ? 5.864   -11.922 -10.543 1.00 29.81 ? 210 ALA A CA  1 
ATOM   1543 C C   . ALA A 1 210 ? 5.937   -10.777 -11.564 1.00 29.17 ? 210 ALA A C   1 
ATOM   1544 O O   . ALA A 1 210 ? 5.426   -10.872 -12.640 1.00 30.41 ? 210 ALA A O   1 
ATOM   1545 C CB  . ALA A 1 210 ? 7.035   -12.732 -10.636 1.00 28.91 ? 210 ALA A CB  1 
ATOM   1546 N N   . LEU A 1 211 ? 6.438   -9.653  -11.120 1.00 28.43 ? 211 LEU A N   1 
ATOM   1547 C CA  . LEU A 1 211 ? 6.482   -8.477  -11.930 1.00 25.80 ? 211 LEU A CA  1 
ATOM   1548 C C   . LEU A 1 211 ? 7.682   -8.523  -12.849 1.00 30.23 ? 211 LEU A C   1 
ATOM   1549 O O   . LEU A 1 211 ? 8.654   -9.168  -12.556 1.00 28.32 ? 211 LEU A O   1 
ATOM   1550 C CB  . LEU A 1 211 ? 6.495   -7.225  -11.067 1.00 26.25 ? 211 LEU A CB  1 
ATOM   1551 C CG  . LEU A 1 211 ? 5.364   -7.077  -10.071 1.00 27.49 ? 211 LEU A CG  1 
ATOM   1552 C CD1 . LEU A 1 211 ? 5.556   -5.986  -9.121  1.00 25.62 ? 211 LEU A CD1 1 
ATOM   1553 C CD2 . LEU A 1 211 ? 4.074   -6.944  -10.740 1.00 30.28 ? 211 LEU A CD2 1 
ATOM   1554 N N   . PRO A 1 212 ? 7.595   -7.807  -13.952 1.00 31.55 ? 212 PRO A N   1 
ATOM   1555 C CA  . PRO A 1 212 ? 8.725   -7.669  -14.856 1.00 34.98 ? 212 PRO A CA  1 
ATOM   1556 C C   . PRO A 1 212 ? 9.922   -7.027  -14.138 1.00 36.79 ? 212 PRO A C   1 
ATOM   1557 O O   . PRO A 1 212 ? 9.729   -6.118  -13.412 1.00 36.51 ? 212 PRO A O   1 
ATOM   1558 C CB  . PRO A 1 212 ? 8.171   -6.733  -15.916 1.00 34.13 ? 212 PRO A CB  1 
ATOM   1559 C CG  . PRO A 1 212 ? 7.189   -5.882  -15.204 1.00 35.06 ? 212 PRO A CG  1 
ATOM   1560 C CD  . PRO A 1 212 ? 6.576   -6.780  -14.177 1.00 35.13 ? 212 PRO A CD  1 
ATOM   1561 N N   . VAL A 1 213 ? 11.139  -7.533  -14.328 1.00 40.23 ? 213 VAL A N   1 
ATOM   1562 C CA  . VAL A 1 213 ? 12.322  -6.945  -13.682 1.00 41.01 ? 213 VAL A CA  1 
ATOM   1563 C C   . VAL A 1 213 ? 12.637  -5.792  -14.580 1.00 40.60 ? 213 VAL A C   1 
ATOM   1564 O O   . VAL A 1 213 ? 12.879  -5.987  -15.717 1.00 40.79 ? 213 VAL A O   1 
ATOM   1565 C CB  . VAL A 1 213 ? 13.526  -7.912  -13.659 1.00 41.37 ? 213 VAL A CB  1 
ATOM   1566 C CG1 . VAL A 1 213 ? 14.783  -7.231  -13.127 1.00 42.84 ? 213 VAL A CG1 1 
ATOM   1567 C CG2 . VAL A 1 213 ? 13.195  -9.127  -12.893 1.00 42.88 ? 213 VAL A CG2 1 
ATOM   1568 N N   . VAL A 1 214 ? 12.612  -4.591  -14.042 1.00 41.55 ? 214 VAL A N   1 
ATOM   1569 C CA  . VAL A 1 214 ? 12.686  -3.382  -14.813 1.00 41.56 ? 214 VAL A CA  1 
ATOM   1570 C C   . VAL A 1 214 ? 14.007  -3.246  -15.572 1.00 44.51 ? 214 VAL A C   1 
ATOM   1571 O O   . VAL A 1 214 ? 15.069  -3.589  -15.076 1.00 45.69 ? 214 VAL A O   1 
ATOM   1572 C CB  . VAL A 1 214 ? 12.562  -2.144  -13.903 1.00 41.89 ? 214 VAL A CB  1 
ATOM   1573 C CG1 . VAL A 1 214 ? 11.401  -2.282  -12.937 1.00 39.80 ? 214 VAL A CG1 1 
ATOM   1574 C CG2 . VAL A 1 214 ? 13.807  -2.027  -13.104 1.00 43.64 ? 214 VAL A CG2 1 
ATOM   1575 N N   . ALA A 1 215 ? 13.907  -2.703  -16.767 1.00 45.64 ? 215 ALA A N   1 
ATOM   1576 C CA  . ALA A 1 215 ? 15.055  -2.366  -17.579 1.00 47.89 ? 215 ALA A CA  1 
ATOM   1577 C C   . ALA A 1 215 ? 15.648  -0.968  -17.224 1.00 47.93 ? 215 ALA A C   1 
ATOM   1578 O O   . ALA A 1 215 ? 15.455  0.026   -17.895 1.00 48.10 ? 215 ALA A O   1 
ATOM   1579 C CB  . ALA A 1 215 ? 14.656  -2.423  -18.982 1.00 48.25 ? 215 ALA A CB  1 
ATOM   1580 N N   . ALA A 1 216 ? 16.399  -0.929  -16.154 1.00 46.29 ? 216 ALA A N   1 
ATOM   1581 C CA  . ALA A 1 216 ? 16.920  0.307   -15.656 1.00 43.63 ? 216 ALA A CA  1 
ATOM   1582 C C   . ALA A 1 216 ? 17.864  0.983   -16.628 1.00 41.85 ? 216 ALA A C   1 
ATOM   1583 O O   . ALA A 1 216 ? 18.620  0.366   -17.304 1.00 41.50 ? 216 ALA A O   1 
ATOM   1584 C CB  . ALA A 1 216 ? 17.601  0.074   -14.370 1.00 45.27 ? 216 ALA A CB  1 
ATOM   1585 N N   . GLY A 1 217 ? 17.769  2.293   -16.679 1.00 41.03 ? 217 GLY A N   1 
ATOM   1586 C CA  . GLY A 1 217 ? 18.717  3.114   -17.405 1.00 38.77 ? 217 GLY A CA  1 
ATOM   1587 C C   . GLY A 1 217 ? 18.470  3.481   -18.846 1.00 36.80 ? 217 GLY A C   1 
ATOM   1588 O O   . GLY A 1 217 ? 19.185  4.266   -19.384 1.00 37.80 ? 217 GLY A O   1 
ATOM   1589 N N   . ARG A 1 218 ? 17.437  2.927   -19.439 1.00 33.74 ? 218 ARG A N   1 
ATOM   1590 C CA  . ARG A 1 218 ? 17.013  3.328   -20.758 1.00 31.45 ? 218 ARG A CA  1 
ATOM   1591 C C   . ARG A 1 218 ? 16.164  4.582   -20.765 1.00 32.82 ? 218 ARG A C   1 
ATOM   1592 O O   . ARG A 1 218 ? 15.457  4.853   -19.831 1.00 31.27 ? 218 ARG A O   1 
ATOM   1593 C CB  . ARG A 1 218 ? 16.224  2.214   -21.395 1.00 34.56 ? 218 ARG A CB  1 
ATOM   1594 C CG  . ARG A 1 218 ? 16.882  0.893   -21.211 1.00 37.93 ? 218 ARG A CG  1 
ATOM   1595 C CD  . ARG A 1 218 ? 17.855  0.690   -22.273 1.00 45.25 ? 218 ARG A CD  1 
ATOM   1596 N NE  . ARG A 1 218 ? 18.177  -0.676  -22.623 1.00 44.40 ? 218 ARG A NE  1 
ATOM   1597 C CZ  . ARG A 1 218 ? 17.977  -1.206  -23.817 1.00 40.80 ? 218 ARG A CZ  1 
ATOM   1598 N NH1 . ARG A 1 218 ? 17.419  -0.532  -24.770 1.00 35.72 ? 218 ARG A NH1 1 
ATOM   1599 N NH2 . ARG A 1 218 ? 18.373  -2.429  -24.042 1.00 46.01 ? 218 ARG A NH2 1 
ATOM   1600 N N   . PRO A 1 219 ? 16.234  5.328   -21.849 1.00 30.05 ? 219 PRO A N   1 
ATOM   1601 C CA  . PRO A 1 219 ? 15.536  6.594   -21.920 1.00 30.38 ? 219 PRO A CA  1 
ATOM   1602 C C   . PRO A 1 219 ? 14.064  6.361   -22.033 1.00 29.83 ? 219 PRO A C   1 
ATOM   1603 O O   . PRO A 1 219 ? 13.680  5.348   -22.530 1.00 28.93 ? 219 PRO A O   1 
ATOM   1604 C CB  . PRO A 1 219 ? 16.056  7.183   -23.210 1.00 30.97 ? 219 PRO A CB  1 
ATOM   1605 C CG  . PRO A 1 219 ? 16.541  6.050   -23.956 1.00 32.50 ? 219 PRO A CG  1 
ATOM   1606 C CD  . PRO A 1 219 ? 17.082  5.130   -23.022 1.00 30.70 ? 219 PRO A CD  1 
ATOM   1607 N N   . SER A 1 220 ? 13.270  7.312   -21.579 1.00 27.74 ? 220 SER A N   1 
ATOM   1608 C CA  . SER A 1 220 ? 11.835  7.222   -21.705 1.00 30.51 ? 220 SER A CA  1 
ATOM   1609 C C   . SER A 1 220 ? 11.397  7.407   -23.168 1.00 31.47 ? 220 SER A C   1 
ATOM   1610 O O   . SER A 1 220 ? 12.216  7.686   -24.013 1.00 31.23 ? 220 SER A O   1 
ATOM   1611 C CB  . SER A 1 220 ? 11.188  8.273   -20.835 1.00 31.06 ? 220 SER A CB  1 
ATOM   1612 O OG  . SER A 1 220 ? 11.568  9.568   -21.239 1.00 31.69 ? 220 SER A OG  1 
ATOM   1613 O OXT . SER A 1 220 ? 10.219  7.272   -23.492 1.00 30.56 ? 220 SER A OXT 1 
HETATM 1614 O O   . HOH B 2 .   ? -4.912  -7.105  2.964   1.00 17.92 ? 301 HOH A O   1 
HETATM 1615 O O   . HOH B 2 .   ? 5.002   15.576  -5.541  1.00 27.05 ? 302 HOH A O   1 
HETATM 1616 O O   . HOH B 2 .   ? -13.892 1.376   3.036   1.00 18.93 ? 303 HOH A O   1 
HETATM 1617 O O   . HOH B 2 .   ? -7.867  -8.666  11.353  1.00 20.25 ? 304 HOH A O   1 
HETATM 1618 O O   . HOH B 2 .   ? -19.116 3.041   -2.037  1.00 20.04 ? 305 HOH A O   1 
HETATM 1619 O O   . HOH B 2 .   ? -9.829  -7.086  -6.051  1.00 25.62 ? 306 HOH A O   1 
HETATM 1620 O O   . HOH B 2 .   ? -3.036  17.612  -5.843  1.00 27.09 ? 307 HOH A O   1 
HETATM 1621 O O   . HOH B 2 .   ? -11.655 -3.502  15.349  1.00 19.42 ? 308 HOH A O   1 
HETATM 1622 O O   . HOH B 2 .   ? -16.552 4.575   -2.138  1.00 24.18 ? 309 HOH A O   1 
HETATM 1623 O O   . HOH B 2 .   ? 12.396  -16.848 4.065   1.00 21.18 ? 310 HOH A O   1 
HETATM 1624 O O   . HOH B 2 .   ? -7.000  -0.292  2.339   1.00 20.49 ? 311 HOH A O   1 
HETATM 1625 O O   . HOH B 2 .   ? -6.448  -9.064  17.784  1.00 29.21 ? 312 HOH A O   1 
HETATM 1626 O O   . HOH B 2 .   ? 3.422   -11.854 -6.610  1.00 22.74 ? 313 HOH A O   1 
HETATM 1627 O O   . HOH B 2 .   ? 0.857   12.420  -10.743 1.00 27.06 ? 314 HOH A O   1 
HETATM 1628 O O   . HOH B 2 .   ? -10.350 5.843   1.095   1.00 28.00 ? 315 HOH A O   1 
HETATM 1629 O O   . HOH B 2 .   ? -8.649  -8.048  1.652   1.00 29.83 ? 316 HOH A O   1 
HETATM 1630 O O   . HOH B 2 .   ? 1.321   -19.828 0.322   1.00 32.85 ? 317 HOH A O   1 
HETATM 1631 O O   . HOH B 2 .   ? -11.325 8.304   11.320  1.00 25.76 ? 318 HOH A O   1 
HETATM 1632 O O   . HOH B 2 .   ? -6.932  -8.847  8.032   1.00 22.55 ? 319 HOH A O   1 
HETATM 1633 O O   . HOH B 2 .   ? 1.264   -9.248  -11.721 1.00 25.61 ? 320 HOH A O   1 
HETATM 1634 O O   . HOH B 2 .   ? -11.478 4.977   3.397   1.00 25.34 ? 321 HOH A O   1 
HETATM 1635 O O   . HOH B 2 .   ? -5.480  16.595  -5.454  1.00 29.32 ? 322 HOH A O   1 
HETATM 1636 O O   . HOH B 2 .   ? -3.508  11.603  -9.142  1.00 25.10 ? 323 HOH A O   1 
HETATM 1637 O O   . HOH B 2 .   ? 2.708   -9.078  -8.065  1.00 24.88 ? 324 HOH A O   1 
HETATM 1638 O O   . HOH B 2 .   ? -12.599 6.658   5.390   1.00 32.17 ? 325 HOH A O   1 
HETATM 1639 O O   . HOH B 2 .   ? -3.088  2.697   -1.593  1.00 24.54 ? 326 HOH A O   1 
HETATM 1640 O O   . HOH B 2 .   ? -8.453  -7.602  15.666  1.00 26.41 ? 327 HOH A O   1 
HETATM 1641 O O   . HOH B 2 .   ? 11.472  -5.161  -0.299  1.00 25.65 ? 328 HOH A O   1 
HETATM 1642 O O   . HOH B 2 .   ? -11.207 7.246   8.511   1.00 28.16 ? 329 HOH A O   1 
HETATM 1643 O O   . HOH B 2 .   ? -17.216 0.826   13.847  1.00 24.97 ? 330 HOH A O   1 
HETATM 1644 O O   . HOH B 2 .   ? 5.450   -7.747  -19.782 1.00 27.11 ? 331 HOH A O   1 
HETATM 1645 O O   . HOH B 2 .   ? 3.382   15.540  -7.747  1.00 30.11 ? 332 HOH A O   1 
HETATM 1646 O O   . HOH B 2 .   ? 7.171   9.384   -11.253 1.00 25.65 ? 333 HOH A O   1 
HETATM 1647 O O   . HOH B 2 .   ? -3.259  -11.263 -11.002 1.00 27.88 ? 334 HOH A O   1 
HETATM 1648 O O   . HOH B 2 .   ? 5.185   11.156  -10.263 1.00 32.12 ? 335 HOH A O   1 
HETATM 1649 O O   . HOH B 2 .   ? -3.829  11.668  13.899  1.00 29.11 ? 336 HOH A O   1 
HETATM 1650 O O   . HOH B 2 .   ? -2.190  -9.292  -16.831 1.00 24.51 ? 337 HOH A O   1 
HETATM 1651 O O   . HOH B 2 .   ? 12.242  0.609   -4.490  1.00 30.28 ? 338 HOH A O   1 
HETATM 1652 O O   . HOH B 2 .   ? 12.405  3.301   -20.810 1.00 29.25 ? 339 HOH A O   1 
HETATM 1653 O O   . HOH B 2 .   ? 7.219   -9.685  -8.292  1.00 27.72 ? 340 HOH A O   1 
HETATM 1654 O O   . HOH B 2 .   ? 13.124  -15.464 1.798   1.00 28.71 ? 341 HOH A O   1 
HETATM 1655 O O   . HOH B 2 .   ? -0.071  9.021   9.907   1.00 30.41 ? 342 HOH A O   1 
HETATM 1656 O O   . HOH B 2 .   ? -7.385  12.625  -2.076  1.00 34.22 ? 343 HOH A O   1 
HETATM 1657 O O   . HOH B 2 .   ? 12.303  -8.748  4.991   1.00 32.27 ? 344 HOH A O   1 
HETATM 1658 O O   . HOH B 2 .   ? -9.284  11.051  1.785   1.00 32.60 ? 345 HOH A O   1 
HETATM 1659 O O   . HOH B 2 .   ? -0.624  20.000  5.228   1.00 29.84 ? 346 HOH A O   1 
HETATM 1660 O O   . HOH B 2 .   ? -7.795  1.193   -13.195 1.00 37.84 ? 347 HOH A O   1 
HETATM 1661 O O   . HOH B 2 .   ? 13.048  -11.861 10.167  1.00 30.28 ? 348 HOH A O   1 
HETATM 1662 O O   . HOH B 2 .   ? -10.842 -6.961  -10.930 1.00 36.04 ? 349 HOH A O   1 
HETATM 1663 O O   . HOH B 2 .   ? -3.307  6.499   14.435  1.00 30.94 ? 350 HOH A O   1 
HETATM 1664 O O   . HOH B 2 .   ? -7.184  7.881   16.208  1.00 29.57 ? 351 HOH A O   1 
HETATM 1665 O O   . HOH B 2 .   ? -4.617  14.105  -7.126  1.00 31.49 ? 352 HOH A O   1 
HETATM 1666 O O   . HOH B 2 .   ? -7.688  7.333   -0.943  1.00 25.50 ? 353 HOH A O   1 
HETATM 1667 O O   . HOH B 2 .   ? -2.019  -10.766 -13.387 1.00 31.14 ? 354 HOH A O   1 
HETATM 1668 O O   . HOH B 2 .   ? -5.040  5.969   16.786  1.00 29.75 ? 355 HOH A O   1 
HETATM 1669 O O   . HOH B 2 .   ? -14.653 11.968  4.613   1.00 34.16 ? 356 HOH A O   1 
HETATM 1670 O O   . HOH B 2 .   ? 0.444   -4.161  17.851  1.00 32.32 ? 357 HOH A O   1 
HETATM 1671 O O   . HOH B 2 .   ? 15.951  -3.281  -12.060 1.00 36.39 ? 358 HOH A O   1 
HETATM 1672 O O   . HOH B 2 .   ? 8.189   13.183  10.750  1.00 30.23 ? 359 HOH A O   1 
HETATM 1673 O O   . HOH B 2 .   ? 10.831  -4.259  -23.253 1.00 32.31 ? 360 HOH A O   1 
HETATM 1674 O O   . HOH B 2 .   ? 3.545   18.310  -7.737  1.00 34.95 ? 361 HOH A O   1 
HETATM 1675 O O   . HOH B 2 .   ? -6.691  -6.107  -12.647 1.00 30.50 ? 362 HOH A O   1 
HETATM 1676 O O   . HOH B 2 .   ? -1.163  12.326  15.254  1.00 29.63 ? 363 HOH A O   1 
HETATM 1677 O O   . HOH B 2 .   ? -21.281 -2.792  9.893   1.00 35.89 ? 364 HOH A O   1 
HETATM 1678 O O   . HOH B 2 .   ? -5.160  6.088   -6.728  1.00 34.21 ? 365 HOH A O   1 
HETATM 1679 O O   . HOH B 2 .   ? -16.734 -8.219  7.720   1.00 31.57 ? 366 HOH A O   1 
HETATM 1680 O O   . HOH B 2 .   ? 8.098   6.681   6.535   1.00 33.05 ? 367 HOH A O   1 
HETATM 1681 O O   . HOH B 2 .   ? 9.172   2.312   4.615   1.00 32.21 ? 368 HOH A O   1 
HETATM 1682 O O   . HOH B 2 .   ? 8.889   7.708   -25.671 1.00 32.61 ? 369 HOH A O   1 
HETATM 1683 O O   . HOH B 2 .   ? -0.667  -1.185  20.769  1.00 32.72 ? 370 HOH A O   1 
HETATM 1684 O O   . HOH B 2 .   ? 4.508   9.552   -18.750 1.00 30.23 ? 371 HOH A O   1 
HETATM 1685 O O   . HOH B 2 .   ? 14.481  -17.581 5.711   1.00 28.11 ? 372 HOH A O   1 
HETATM 1686 O O   . HOH B 2 .   ? -9.831  3.636   -7.352  1.00 28.71 ? 373 HOH A O   1 
HETATM 1687 O O   . HOH B 2 .   ? -6.748  -9.212  3.978   1.00 28.09 ? 374 HOH A O   1 
HETATM 1688 O O   . HOH B 2 .   ? 8.164   6.042   -1.647  1.00 31.03 ? 375 HOH A O   1 
HETATM 1689 O O   . HOH B 2 .   ? 6.928   -19.504 1.644   1.00 31.07 ? 376 HOH A O   1 
HETATM 1690 O O   . HOH B 2 .   ? 7.109   1.958   17.585  1.00 35.20 ? 377 HOH A O   1 
HETATM 1691 O O   . HOH B 2 .   ? -3.725  1.456   19.501  1.00 33.75 ? 378 HOH A O   1 
HETATM 1692 O O   . HOH B 2 .   ? -4.873  -6.282  -19.677 1.00 33.48 ? 379 HOH A O   1 
HETATM 1693 O O   . HOH B 2 .   ? -7.122  19.175  -8.394  1.00 29.55 ? 380 HOH A O   1 
HETATM 1694 O O   . HOH B 2 .   ? -7.994  -14.771 -2.601  1.00 35.97 ? 381 HOH A O   1 
HETATM 1695 O O   . HOH B 2 .   ? 12.791  4.734   -10.917 1.00 30.22 ? 382 HOH A O   1 
HETATM 1696 O O   . HOH B 2 .   ? -2.029  -16.306 15.765  1.00 37.83 ? 383 HOH A O   1 
HETATM 1697 O O   . HOH B 2 .   ? -3.466  -17.206 8.580   1.00 44.35 ? 384 HOH A O   1 
HETATM 1698 O O   . HOH B 2 .   ? -0.011  5.826   14.090  1.00 36.42 ? 385 HOH A O   1 
HETATM 1699 O O   . HOH B 2 .   ? -15.689 2.195   18.840  1.00 36.67 ? 386 HOH A O   1 
HETATM 1700 O O   . HOH B 2 .   ? -6.268  -6.448  18.585  1.00 36.09 ? 387 HOH A O   1 
HETATM 1701 O O   . HOH B 2 .   ? -4.570  25.883  -7.835  1.00 33.45 ? 388 HOH A O   1 
HETATM 1702 O O   . HOH B 2 .   ? -8.489  -11.544 4.757   1.00 27.09 ? 389 HOH A O   1 
HETATM 1703 O O   . HOH B 2 .   ? 5.705   -13.793 -6.838  1.00 38.36 ? 390 HOH A O   1 
HETATM 1704 O O   . HOH B 2 .   ? -4.246  -3.744  -19.290 1.00 41.54 ? 391 HOH A O   1 
HETATM 1705 O O   . HOH B 2 .   ? 1.629   22.101  1.393   1.00 31.81 ? 392 HOH A O   1 
HETATM 1706 O O   . HOH B 2 .   ? -7.072  -1.548  -17.039 1.00 37.36 ? 393 HOH A O   1 
HETATM 1707 O O   . HOH B 2 .   ? 3.123   17.716  12.577  1.00 37.03 ? 394 HOH A O   1 
HETATM 1708 O O   . HOH B 2 .   ? 13.634  0.580   -23.131 1.00 37.55 ? 395 HOH A O   1 
HETATM 1709 O O   . HOH B 2 .   ? -2.397  -17.405 -7.351  1.00 37.02 ? 396 HOH A O   1 
HETATM 1710 O O   . HOH B 2 .   ? -18.677 -9.085  5.925   1.00 39.95 ? 397 HOH A O   1 
HETATM 1711 O O   . HOH B 2 .   ? -2.496  -4.990  17.402  1.00 35.78 ? 398 HOH A O   1 
HETATM 1712 O O   . HOH B 2 .   ? -8.518  26.241  -5.645  1.00 39.72 ? 399 HOH A O   1 
HETATM 1713 O O   . HOH B 2 .   ? -4.066  22.859  -1.338  1.00 34.37 ? 400 HOH A O   1 
HETATM 1714 O O   . HOH B 2 .   ? -3.451  -10.875 -6.979  1.00 38.11 ? 401 HOH A O   1 
HETATM 1715 O O   . HOH B 2 .   ? -8.765  -5.438  19.018  1.00 36.08 ? 402 HOH A O   1 
HETATM 1716 O O   . HOH B 2 .   ? -0.175  22.894  -12.651 1.00 38.31 ? 403 HOH A O   1 
HETATM 1717 O O   . HOH B 2 .   ? -7.482  4.657   -8.469  1.00 33.83 ? 404 HOH A O   1 
HETATM 1718 O O   . HOH B 2 .   ? 9.155   -7.165  -8.750  1.00 34.72 ? 405 HOH A O   1 
HETATM 1719 O O   . HOH B 2 .   ? -13.642 12.279  16.230  1.00 32.06 ? 406 HOH A O   1 
HETATM 1720 O O   . HOH B 2 .   ? -4.627  21.723  2.179   1.00 35.34 ? 407 HOH A O   1 
HETATM 1721 O O   . HOH B 2 .   ? -1.695  -8.159  19.820  1.00 40.57 ? 408 HOH A O   1 
HETATM 1722 O O   . HOH B 2 .   ? 13.924  6.957   -10.306 1.00 52.19 ? 409 HOH A O   1 
HETATM 1723 O O   . HOH B 2 .   ? 3.228   -5.851  19.381  1.00 40.50 ? 410 HOH A O   1 
HETATM 1724 O O   . HOH B 2 .   ? 0.814   10.468  14.011  1.00 41.63 ? 411 HOH A O   1 
HETATM 1725 O O   . HOH B 2 .   ? -19.550 -2.395  13.793  1.00 34.90 ? 412 HOH A O   1 
HETATM 1726 O O   . HOH B 2 .   ? 10.853  7.323   2.005   1.00 39.37 ? 413 HOH A O   1 
HETATM 1727 O O   . HOH B 2 .   ? -1.082  -13.770 16.831  1.00 34.98 ? 414 HOH A O   1 
HETATM 1728 O O   . HOH B 2 .   ? 0.358   -12.047 19.181  1.00 37.84 ? 415 HOH A O   1 
HETATM 1729 O O   . HOH B 2 .   ? -23.191 3.741   9.440   1.00 46.65 ? 416 HOH A O   1 
HETATM 1730 O O   . HOH B 2 .   ? 10.617  -0.291  9.198   1.00 39.16 ? 417 HOH A O   1 
HETATM 1731 O O   . HOH B 2 .   ? -18.846 8.958   13.007  1.00 36.13 ? 418 HOH A O   1 
HETATM 1732 O O   . HOH B 2 .   ? -6.523  24.045  -0.869  1.00 36.27 ? 419 HOH A O   1 
HETATM 1733 O O   . HOH B 2 .   ? 6.236   13.882  -22.833 1.00 39.30 ? 420 HOH A O   1 
HETATM 1734 O O   . HOH B 2 .   ? -0.393  8.652   12.916  1.00 35.53 ? 421 HOH A O   1 
HETATM 1735 O O   . HOH B 2 .   ? 5.552   -9.295  -17.707 1.00 33.62 ? 422 HOH A O   1 
HETATM 1736 O O   . HOH B 2 .   ? -19.377 4.915   0.132   1.00 40.67 ? 423 HOH A O   1 
HETATM 1737 O O   . HOH B 2 .   ? -2.036  -20.501 13.240  1.00 44.08 ? 424 HOH A O   1 
HETATM 1738 O O   . HOH B 2 .   ? -11.491 19.809  -2.721  1.00 44.26 ? 425 HOH A O   1 
HETATM 1739 O O   . HOH B 2 .   ? 13.644  5.923   -14.428 1.00 38.32 ? 426 HOH A O   1 
HETATM 1740 O O   . HOH B 2 .   ? -4.349  -13.484 -7.693  1.00 42.74 ? 427 HOH A O   1 
HETATM 1741 O O   . HOH B 2 .   ? -10.051 -1.380  20.231  1.00 41.81 ? 428 HOH A O   1 
HETATM 1742 O O   . HOH B 2 .   ? -6.238  -14.228 13.475  1.00 43.90 ? 429 HOH A O   1 
HETATM 1743 O O   . HOH B 2 .   ? 2.818   -14.134 21.066  1.00 47.13 ? 430 HOH A O   1 
HETATM 1744 O O   . HOH B 2 .   ? 14.442  -6.386  12.738  1.00 50.55 ? 431 HOH A O   1 
HETATM 1745 O O   . HOH B 2 .   ? -0.192  -16.163 -10.037 1.00 38.07 ? 432 HOH A O   1 
HETATM 1746 O O   . HOH B 2 .   ? -8.534  -22.435 5.582   1.00 44.26 ? 433 HOH A O   1 
HETATM 1747 O O   . HOH B 2 .   ? 12.309  6.389   -26.775 1.00 37.15 ? 434 HOH A O   1 
HETATM 1748 O O   . HOH B 2 .   ? 5.647   -19.747 -0.410  1.00 53.93 ? 435 HOH A O   1 
HETATM 1749 O O   . HOH B 2 .   ? -0.851  -15.183 19.310  1.00 46.34 ? 436 HOH A O   1 
HETATM 1750 O O   . HOH B 2 .   ? -6.740  -9.847  20.964  1.00 43.10 ? 437 HOH A O   1 
HETATM 1751 O O   . HOH B 2 .   ? -12.513 -6.839  -6.612  1.00 36.28 ? 438 HOH A O   1 
HETATM 1752 O O   . HOH B 2 .   ? 7.288   0.818   -27.682 1.00 50.81 ? 439 HOH A O   1 
HETATM 1753 O O   . HOH B 2 .   ? 14.325  -4.862  -6.207  1.00 44.25 ? 440 HOH A O   1 
HETATM 1754 O O   . HOH B 2 .   ? -4.183  9.636   -2.712  1.00 49.43 ? 441 HOH A O   1 
HETATM 1755 O O   . HOH B 2 .   ? -21.761 3.657   18.261  1.00 47.11 ? 442 HOH A O   1 
HETATM 1756 O O   . HOH B 2 .   ? -6.635  16.516  -8.071  1.00 39.07 ? 443 HOH A O   1 
# 
loop_
_pdbx_poly_seq_scheme.asym_id 
_pdbx_poly_seq_scheme.entity_id 
_pdbx_poly_seq_scheme.seq_id 
_pdbx_poly_seq_scheme.mon_id 
_pdbx_poly_seq_scheme.ndb_seq_num 
_pdbx_poly_seq_scheme.pdb_seq_num 
_pdbx_poly_seq_scheme.auth_seq_num 
_pdbx_poly_seq_scheme.pdb_mon_id 
_pdbx_poly_seq_scheme.auth_mon_id 
_pdbx_poly_seq_scheme.pdb_strand_id 
_pdbx_poly_seq_scheme.pdb_ins_code 
_pdbx_poly_seq_scheme.hetero 
A 1 1   MET 1   1   ?   ?   ?   A . n 
A 1 2   PRO 2   2   ?   ?   ?   A . n 
A 1 3   GLU 3   3   ?   ?   ?   A . n 
A 1 4   THR 4   4   ?   ?   ?   A . n 
A 1 5   ARG 5   5   ?   ?   ?   A . n 
A 1 6   ARG 6   6   ?   ?   ?   A . n 
A 1 7   SER 7   7   ?   ?   ?   A . n 
A 1 8   ALA 8   8   ?   ?   ?   A . n 
A 1 9   GLY 9   9   ?   ?   ?   A . n 
A 1 10  SER 10  10  10  SER SER A . n 
A 1 11  ASP 11  11  11  ASP ASP A . n 
A 1 12  ILE 12  12  12  ILE ILE A . n 
A 1 13  PRO 13  13  13  PRO PRO A . n 
A 1 14  THR 14  14  14  THR THR A . n 
A 1 15  PRO 15  15  15  PRO PRO A . n 
A 1 16  LEU 16  16  16  LEU LEU A . n 
A 1 17  VAL 17  17  17  VAL VAL A . n 
A 1 18  ALA 18  18  18  ALA ALA A . n 
A 1 19  VAL 19  19  19  VAL VAL A . n 
A 1 20  TYR 20  20  20  TYR TYR A . n 
A 1 21  ALA 21  21  21  ALA ALA A . n 
A 1 22  ASP 22  22  22  ASP ASP A . n 
A 1 23  GLU 23  23  23  GLU GLU A . n 
A 1 24  SER 24  24  24  SER SER A . n 
A 1 25  CYS 25  25  25  CYS CYS A . n 
A 1 26  LEU 26  26  26  LEU LEU A . n 
A 1 27  GLY 27  27  27  GLY GLY A . n 
A 1 28  ASN 28  28  28  ASN ASN A . n 
A 1 29  GLY 29  29  29  GLY GLY A . n 
A 1 30  ARG 30  30  30  ARG ARG A . n 
A 1 31  GLU 31  31  31  GLU GLU A . n 
A 1 32  GLY 32  32  32  GLY GLY A . n 
A 1 33  GLU 33  33  33  GLU GLU A . n 
A 1 34  ASN 34  34  34  ASN ASN A . n 
A 1 35  PRO 35  35  35  PRO PRO A . n 
A 1 36  GLY 36  36  36  GLY GLY A . n 
A 1 37  GLY 37  37  37  GLY GLY A . n 
A 1 38  ALA 38  38  38  ALA ALA A . n 
A 1 39  GLY 39  39  39  GLY GLY A . n 
A 1 40  VAL 40  40  40  VAL VAL A . n 
A 1 41  LEU 41  41  41  LEU LEU A . n 
A 1 42  VAL 42  42  42  VAL VAL A . n 
A 1 43  GLU 43  43  43  GLU GLU A . n 
A 1 44  TYR 44  44  44  TYR TYR A . n 
A 1 45  ALA 45  45  45  ALA ALA A . n 
A 1 46  ARG 46  46  46  ARG ARG A . n 
A 1 47  PRO 47  47  47  PRO PRO A . n 
A 1 48  GLY 48  48  48  GLY GLY A . n 
A 1 49  GLY 49  49  49  GLY GLY A . n 
A 1 50  ALA 50  50  50  ALA ALA A . n 
A 1 51  GLY 51  51  51  GLY GLY A . n 
A 1 52  ASP 52  52  52  ASP ASP A . n 
A 1 53  ILE 53  53  53  ILE ILE A . n 
A 1 54  VAL 54  54  54  VAL VAL A . n 
A 1 55  ARG 55  55  55  ARG ARG A . n 
A 1 56  ARG 56  56  56  ARG ARG A . n 
A 1 57  ASP 57  57  57  ASP ASP A . n 
A 1 58  VAL 58  58  58  VAL VAL A . n 
A 1 59  TRP 59  59  59  TRP TRP A . n 
A 1 60  VAL 60  60  60  VAL VAL A . n 
A 1 61  SER 61  61  61  SER SER A . n 
A 1 62  GLU 62  62  62  GLU GLU A . n 
A 1 63  PRO 63  63  63  PRO PRO A . n 
A 1 64  ALA 64  64  64  ALA ALA A . n 
A 1 65  THR 65  65  65  THR THR A . n 
A 1 66  THR 66  66  66  THR THR A . n 
A 1 67  ASN 67  67  67  ASN ASN A . n 
A 1 68  ASN 68  68  68  ASN ASN A . n 
A 1 69  ARG 69  69  69  ARG ARG A . n 
A 1 70  MET 70  70  70  MET MET A . n 
A 1 71  ALA 71  71  71  ALA ALA A . n 
A 1 72  LEU 72  72  72  LEU LEU A . n 
A 1 73  ARG 73  73  73  ARG ARG A . n 
A 1 74  SER 74  74  74  SER SER A . n 
A 1 75  VAL 75  75  75  VAL VAL A . n 
A 1 76  ILE 76  76  76  ILE ILE A . n 
A 1 77  GLU 77  77  77  GLU GLU A . n 
A 1 78  ALA 78  78  78  ALA ALA A . n 
A 1 79  PHE 79  79  79  PHE PHE A . n 
A 1 80  ARG 80  80  80  ARG ARG A . n 
A 1 81  ALA 81  81  81  ALA ALA A . n 
A 1 82  ILE 82  82  82  ILE ILE A . n 
A 1 83  GLY 83  83  83  GLY GLY A . n 
A 1 84  HIS 84  84  84  HIS HIS A . n 
A 1 85  LYS 85  85  85  LYS LYS A . n 
A 1 86  GLY 86  86  86  GLY GLY A . n 
A 1 87  THR 87  87  87  THR THR A . n 
A 1 88  ARG 88  88  88  ARG ARG A . n 
A 1 89  PHE 89  89  89  PHE PHE A . n 
A 1 90  ARG 90  90  90  ARG ARG A . n 
A 1 91  VAL 91  91  91  VAL VAL A . n 
A 1 92  VAL 92  92  92  VAL VAL A . n 
A 1 93  PHE 93  93  93  PHE PHE A . n 
A 1 94  THR 94  94  94  THR THR A . n 
A 1 95  THR 95  95  95  THR THR A . n 
A 1 96  ASP 96  96  96  ASP ASP A . n 
A 1 97  SER 97  97  97  SER SER A . n 
A 1 98  ARG 98  98  98  ARG ARG A . n 
A 1 99  TYR 99  99  99  TYR TYR A . n 
A 1 100 ILE 100 100 100 ILE ILE A . n 
A 1 101 VAL 101 101 101 VAL VAL A . n 
A 1 102 ASP 102 102 102 ASP ASP A . n 
A 1 103 GLY 103 103 103 GLY GLY A . n 
A 1 104 MET 104 104 104 MET MET A . n 
A 1 105 THR 105 105 105 THR THR A . n 
A 1 106 ARG 106 106 106 ARG ARG A . n 
A 1 107 TRP 107 107 107 TRP TRP A . n 
A 1 108 VAL 108 108 108 VAL VAL A . n 
A 1 109 HIS 109 109 109 HIS HIS A . n 
A 1 110 ASP 110 110 110 ASP ASP A . n 
A 1 111 TRP 111 111 111 TRP TRP A . n 
A 1 112 ALA 112 112 112 ALA ALA A . n 
A 1 113 GLN 113 113 113 GLN GLN A . n 
A 1 114 ARG 114 114 114 ARG ARG A . n 
A 1 115 GLY 115 115 115 GLY GLY A . n 
A 1 116 TRP 116 116 116 TRP TRP A . n 
A 1 117 LYS 117 117 117 LYS LYS A . n 
A 1 118 ARG 118 118 118 ARG ARG A . n 
A 1 119 LYS 119 119 119 LYS LYS A . n 
A 1 120 SER 120 120 120 SER SER A . n 
A 1 121 GLY 121 121 121 GLY GLY A . n 
A 1 122 ALA 122 122 122 ALA ALA A . n 
A 1 123 ILE 123 123 123 ILE ILE A . n 
A 1 124 GLU 124 124 124 GLU GLU A . n 
A 1 125 ASN 125 125 125 ASN ASN A . n 
A 1 126 LEU 126 126 126 LEU LEU A . n 
A 1 127 ALA 127 127 127 ALA ALA A . n 
A 1 128 LEU 128 128 128 LEU LEU A . n 
A 1 129 TRP 129 129 129 TRP TRP A . n 
A 1 130 GLN 130 130 130 GLN GLN A . n 
A 1 131 GLU 131 131 131 GLU GLU A . n 
A 1 132 ALA 132 132 132 ALA ALA A . n 
A 1 133 VAL 133 133 133 VAL VAL A . n 
A 1 134 GLN 134 134 134 GLN GLN A . n 
A 1 135 ALA 135 135 135 ALA ALA A . n 
A 1 136 VAL 136 136 136 VAL VAL A . n 
A 1 137 ASN 137 137 137 ASN ASN A . n 
A 1 138 GLY 138 138 138 GLY GLY A . n 
A 1 139 HIS 139 139 139 HIS HIS A . n 
A 1 140 ALA 140 140 140 ALA ALA A . n 
A 1 141 VAL 141 141 141 VAL VAL A . n 
A 1 142 GLU 142 142 142 GLU GLU A . n 
A 1 143 TRP 143 143 143 TRP TRP A . n 
A 1 144 ARG 144 144 144 ARG ARG A . n 
A 1 145 TRP 145 145 145 TRP TRP A . n 
A 1 146 VAL 146 146 146 VAL VAL A . n 
A 1 147 ARG 147 147 147 ARG ARG A . n 
A 1 148 GLY 148 148 148 GLY GLY A . n 
A 1 149 HIS 149 149 149 HIS HIS A . n 
A 1 150 ALA 150 150 150 ALA ALA A . n 
A 1 151 GLY 151 151 151 GLY GLY A . n 
A 1 152 HIS 152 152 152 HIS HIS A . n 
A 1 153 ALA 153 153 153 ALA ALA A . n 
A 1 154 GLN 154 154 154 GLN GLN A . n 
A 1 155 ASN 155 155 155 ASN ASN A . n 
A 1 156 GLU 156 156 156 GLU GLU A . n 
A 1 157 TYR 157 157 157 TYR TYR A . n 
A 1 158 ALA 158 158 158 ALA ALA A . n 
A 1 159 ASN 159 159 159 ASN ASN A . n 
A 1 160 HIS 160 160 160 HIS HIS A . n 
A 1 161 LEU 161 161 161 LEU LEU A . n 
A 1 162 ALA 162 162 162 ALA ALA A . n 
A 1 163 VAL 163 163 163 VAL VAL A . n 
A 1 164 THR 164 164 164 THR THR A . n 
A 1 165 ALA 165 165 165 ALA ALA A . n 
A 1 166 ALA 166 166 166 ALA ALA A . n 
A 1 167 GLY 167 167 167 GLY GLY A . n 
A 1 168 GLY 168 168 168 GLY GLY A . n 
A 1 169 GLN 169 169 169 GLN GLN A . n 
A 1 170 THR 170 170 170 THR THR A . n 
A 1 171 GLN 171 171 171 GLN GLN A . n 
A 1 172 SER 172 172 172 SER SER A . n 
A 1 173 GLY 173 173 173 GLY GLY A . n 
A 1 174 GLY 174 174 174 GLY GLY A . n 
A 1 175 LEU 175 175 175 LEU LEU A . n 
A 1 176 VAL 176 176 176 VAL VAL A . n 
A 1 177 ASP 177 177 177 ASP ASP A . n 
A 1 178 SER 178 178 178 SER SER A . n 
A 1 179 GLY 179 179 179 GLY GLY A . n 
A 1 180 TYR 180 180 180 TYR TYR A . n 
A 1 181 GLU 181 181 181 GLU GLU A . n 
A 1 182 GLU 182 182 182 GLU GLU A . n 
A 1 183 TRP 183 183 183 TRP TRP A . n 
A 1 184 ALA 184 184 184 ALA ALA A . n 
A 1 185 ALA 185 185 185 ALA ALA A . n 
A 1 186 ARG 186 186 186 ARG ARG A . n 
A 1 187 VAL 187 187 187 VAL VAL A . n 
A 1 188 SER 188 188 188 SER SER A . n 
A 1 189 THR 189 189 189 THR THR A . n 
A 1 190 ALA 190 190 190 ALA ALA A . n 
A 1 191 ALA 191 191 191 ALA ALA A . n 
A 1 192 SER 192 192 192 SER SER A . n 
A 1 193 ARG 193 193 193 ARG ARG A . n 
A 1 194 MET 194 194 194 MET MET A . n 
A 1 195 ARG 195 195 195 ARG ARG A . n 
A 1 196 LEU 196 196 196 LEU LEU A . n 
A 1 197 GLU 197 197 197 GLU GLU A . n 
A 1 198 PRO 198 198 198 PRO PRO A . n 
A 1 199 PHE 199 199 199 PHE PHE A . n 
A 1 200 PRO 200 200 200 PRO PRO A . n 
A 1 201 ASP 201 201 201 ASP ASP A . n 
A 1 202 ALA 202 202 202 ALA ALA A . n 
A 1 203 ALA 203 203 203 ALA ALA A . n 
A 1 204 ALA 204 204 204 ALA ALA A . n 
A 1 205 PHE 205 205 205 PHE PHE A . n 
A 1 206 ARG 206 206 206 ARG ARG A . n 
A 1 207 PRO 207 207 207 PRO PRO A . n 
A 1 208 SER 208 208 208 SER SER A . n 
A 1 209 PRO 209 209 209 PRO PRO A . n 
A 1 210 ALA 210 210 210 ALA ALA A . n 
A 1 211 LEU 211 211 211 LEU LEU A . n 
A 1 212 PRO 212 212 212 PRO PRO A . n 
A 1 213 VAL 213 213 213 VAL VAL A . n 
A 1 214 VAL 214 214 214 VAL VAL A . n 
A 1 215 ALA 215 215 215 ALA ALA A . n 
A 1 216 ALA 216 216 216 ALA ALA A . n 
A 1 217 GLY 217 217 217 GLY GLY A . n 
A 1 218 ARG 218 218 218 ARG ARG A . n 
A 1 219 PRO 219 219 219 PRO PRO A . n 
A 1 220 SER 220 220 220 SER SER A . n 
# 
loop_
_pdbx_nonpoly_scheme.asym_id 
_pdbx_nonpoly_scheme.entity_id 
_pdbx_nonpoly_scheme.mon_id 
_pdbx_nonpoly_scheme.ndb_seq_num 
_pdbx_nonpoly_scheme.pdb_seq_num 
_pdbx_nonpoly_scheme.auth_seq_num 
_pdbx_nonpoly_scheme.pdb_mon_id 
_pdbx_nonpoly_scheme.auth_mon_id 
_pdbx_nonpoly_scheme.pdb_strand_id 
_pdbx_nonpoly_scheme.pdb_ins_code 
B 2 HOH 1   301 1   HOH HOH A . 
B 2 HOH 2   302 2   HOH HOH A . 
B 2 HOH 3   303 3   HOH HOH A . 
B 2 HOH 4   304 4   HOH HOH A . 
B 2 HOH 5   305 5   HOH HOH A . 
B 2 HOH 6   306 6   HOH HOH A . 
B 2 HOH 7   307 7   HOH HOH A . 
B 2 HOH 8   308 8   HOH HOH A . 
B 2 HOH 9   309 9   HOH HOH A . 
B 2 HOH 10  310 10  HOH HOH A . 
B 2 HOH 11  311 11  HOH HOH A . 
B 2 HOH 12  312 12  HOH HOH A . 
B 2 HOH 13  313 13  HOH HOH A . 
B 2 HOH 14  314 14  HOH HOH A . 
B 2 HOH 15  315 15  HOH HOH A . 
B 2 HOH 16  316 16  HOH HOH A . 
B 2 HOH 17  317 17  HOH HOH A . 
B 2 HOH 18  318 18  HOH HOH A . 
B 2 HOH 19  319 19  HOH HOH A . 
B 2 HOH 20  320 20  HOH HOH A . 
B 2 HOH 21  321 21  HOH HOH A . 
B 2 HOH 22  322 22  HOH HOH A . 
B 2 HOH 23  323 23  HOH HOH A . 
B 2 HOH 24  324 24  HOH HOH A . 
B 2 HOH 25  325 25  HOH HOH A . 
B 2 HOH 26  326 26  HOH HOH A . 
B 2 HOH 27  327 27  HOH HOH A . 
B 2 HOH 28  328 28  HOH HOH A . 
B 2 HOH 29  329 29  HOH HOH A . 
B 2 HOH 30  330 30  HOH HOH A . 
B 2 HOH 31  331 31  HOH HOH A . 
B 2 HOH 32  332 32  HOH HOH A . 
B 2 HOH 33  333 33  HOH HOH A . 
B 2 HOH 34  334 34  HOH HOH A . 
B 2 HOH 35  335 35  HOH HOH A . 
B 2 HOH 36  336 37  HOH HOH A . 
B 2 HOH 37  337 38  HOH HOH A . 
B 2 HOH 38  338 39  HOH HOH A . 
B 2 HOH 39  339 40  HOH HOH A . 
B 2 HOH 40  340 41  HOH HOH A . 
B 2 HOH 41  341 42  HOH HOH A . 
B 2 HOH 42  342 43  HOH HOH A . 
B 2 HOH 43  343 44  HOH HOH A . 
B 2 HOH 44  344 45  HOH HOH A . 
B 2 HOH 45  345 46  HOH HOH A . 
B 2 HOH 46  346 47  HOH HOH A . 
B 2 HOH 47  347 48  HOH HOH A . 
B 2 HOH 48  348 49  HOH HOH A . 
B 2 HOH 49  349 50  HOH HOH A . 
B 2 HOH 50  350 51  HOH HOH A . 
B 2 HOH 51  351 52  HOH HOH A . 
B 2 HOH 52  352 53  HOH HOH A . 
B 2 HOH 53  353 54  HOH HOH A . 
B 2 HOH 54  354 55  HOH HOH A . 
B 2 HOH 55  355 56  HOH HOH A . 
B 2 HOH 56  356 57  HOH HOH A . 
B 2 HOH 57  357 58  HOH HOH A . 
B 2 HOH 58  358 59  HOH HOH A . 
B 2 HOH 59  359 60  HOH HOH A . 
B 2 HOH 60  360 61  HOH HOH A . 
B 2 HOH 61  361 62  HOH HOH A . 
B 2 HOH 62  362 63  HOH HOH A . 
B 2 HOH 63  363 65  HOH HOH A . 
B 2 HOH 64  364 66  HOH HOH A . 
B 2 HOH 65  365 67  HOH HOH A . 
B 2 HOH 66  366 68  HOH HOH A . 
B 2 HOH 67  367 69  HOH HOH A . 
B 2 HOH 68  368 70  HOH HOH A . 
B 2 HOH 69  369 71  HOH HOH A . 
B 2 HOH 70  370 72  HOH HOH A . 
B 2 HOH 71  371 73  HOH HOH A . 
B 2 HOH 72  372 74  HOH HOH A . 
B 2 HOH 73  373 75  HOH HOH A . 
B 2 HOH 74  374 76  HOH HOH A . 
B 2 HOH 75  375 77  HOH HOH A . 
B 2 HOH 76  376 78  HOH HOH A . 
B 2 HOH 77  377 79  HOH HOH A . 
B 2 HOH 78  378 80  HOH HOH A . 
B 2 HOH 79  379 81  HOH HOH A . 
B 2 HOH 80  380 82  HOH HOH A . 
B 2 HOH 81  381 83  HOH HOH A . 
B 2 HOH 82  382 84  HOH HOH A . 
B 2 HOH 83  383 85  HOH HOH A . 
B 2 HOH 84  384 86  HOH HOH A . 
B 2 HOH 85  385 87  HOH HOH A . 
B 2 HOH 86  386 88  HOH HOH A . 
B 2 HOH 87  387 89  HOH HOH A . 
B 2 HOH 88  388 90  HOH HOH A . 
B 2 HOH 89  389 91  HOH HOH A . 
B 2 HOH 90  390 93  HOH HOH A . 
B 2 HOH 91  391 94  HOH HOH A . 
B 2 HOH 92  392 95  HOH HOH A . 
B 2 HOH 93  393 96  HOH HOH A . 
B 2 HOH 94  394 97  HOH HOH A . 
B 2 HOH 95  395 98  HOH HOH A . 
B 2 HOH 96  396 99  HOH HOH A . 
B 2 HOH 97  397 101 HOH HOH A . 
B 2 HOH 98  398 102 HOH HOH A . 
B 2 HOH 99  399 103 HOH HOH A . 
B 2 HOH 100 400 104 HOH HOH A . 
B 2 HOH 101 401 105 HOH HOH A . 
B 2 HOH 102 402 106 HOH HOH A . 
B 2 HOH 103 403 107 HOH HOH A . 
B 2 HOH 104 404 108 HOH HOH A . 
B 2 HOH 105 405 109 HOH HOH A . 
B 2 HOH 106 406 110 HOH HOH A . 
B 2 HOH 107 407 111 HOH HOH A . 
B 2 HOH 108 408 112 HOH HOH A . 
B 2 HOH 109 409 113 HOH HOH A . 
B 2 HOH 110 410 114 HOH HOH A . 
B 2 HOH 111 411 115 HOH HOH A . 
B 2 HOH 112 412 116 HOH HOH A . 
B 2 HOH 113 413 117 HOH HOH A . 
B 2 HOH 114 414 118 HOH HOH A . 
B 2 HOH 115 415 119 HOH HOH A . 
B 2 HOH 116 416 120 HOH HOH A . 
B 2 HOH 117 417 121 HOH HOH A . 
B 2 HOH 118 418 123 HOH HOH A . 
B 2 HOH 119 419 124 HOH HOH A . 
B 2 HOH 120 420 125 HOH HOH A . 
B 2 HOH 121 421 126 HOH HOH A . 
B 2 HOH 122 422 127 HOH HOH A . 
B 2 HOH 123 423 128 HOH HOH A . 
B 2 HOH 124 424 129 HOH HOH A . 
B 2 HOH 125 425 130 HOH HOH A . 
B 2 HOH 126 426 132 HOH HOH A . 
B 2 HOH 127 427 133 HOH HOH A . 
B 2 HOH 128 428 134 HOH HOH A . 
B 2 HOH 129 429 135 HOH HOH A . 
B 2 HOH 130 430 136 HOH HOH A . 
B 2 HOH 131 431 138 HOH HOH A . 
B 2 HOH 132 432 139 HOH HOH A . 
B 2 HOH 133 433 141 HOH HOH A . 
B 2 HOH 134 434 143 HOH HOH A . 
B 2 HOH 135 435 144 HOH HOH A . 
B 2 HOH 136 436 145 HOH HOH A . 
B 2 HOH 137 437 146 HOH HOH A . 
B 2 HOH 138 438 147 HOH HOH A . 
B 2 HOH 139 439 148 HOH HOH A . 
B 2 HOH 140 440 149 HOH HOH A . 
B 2 HOH 141 441 150 HOH HOH A . 
B 2 HOH 142 442 151 HOH HOH A . 
B 2 HOH 143 443 154 HOH HOH A . 
# 
_pdbx_struct_assembly.id                   1 
_pdbx_struct_assembly.details              author_and_software_defined_assembly 
_pdbx_struct_assembly.method_details       PISA 
_pdbx_struct_assembly.oligomeric_details   monomeric 
_pdbx_struct_assembly.oligomeric_count     1 
# 
_pdbx_struct_assembly_gen.assembly_id       1 
_pdbx_struct_assembly_gen.oper_expression   1 
_pdbx_struct_assembly_gen.asym_id_list      A,B 
# 
_pdbx_struct_oper_list.id                   1 
_pdbx_struct_oper_list.type                 'identity operation' 
_pdbx_struct_oper_list.name                 1_555 
_pdbx_struct_oper_list.symmetry_operation   x,y,z 
_pdbx_struct_oper_list.matrix[1][1]         1.0000000000 
_pdbx_struct_oper_list.matrix[1][2]         0.0000000000 
_pdbx_struct_oper_list.matrix[1][3]         0.0000000000 
_pdbx_struct_oper_list.vector[1]            0.0000000000 
_pdbx_struct_oper_list.matrix[2][1]         0.0000000000 
_pdbx_struct_oper_list.matrix[2][2]         1.0000000000 
_pdbx_struct_oper_list.matrix[2][3]         0.0000000000 
_pdbx_struct_oper_list.vector[2]            0.0000000000 
_pdbx_struct_oper_list.matrix[3][1]         0.0000000000 
_pdbx_struct_oper_list.matrix[3][2]         0.0000000000 
_pdbx_struct_oper_list.matrix[3][3]         1.0000000000 
_pdbx_struct_oper_list.vector[3]            0.0000000000 
# 
loop_
_pdbx_audit_revision_history.ordinal 
_pdbx_audit_revision_history.data_content_type 
_pdbx_audit_revision_history.major_revision 
_pdbx_audit_revision_history.minor_revision 
_pdbx_audit_revision_history.revision_date 
1 'Structure model' 1 0 2013-03-20 
2 'Structure model' 1 1 2013-07-10 
3 'Structure model' 1 2 2017-11-15 
4 'Structure model' 1 3 2023-11-08 
# 
_pdbx_audit_revision_details.ordinal             1 
_pdbx_audit_revision_details.revision_ordinal    1 
_pdbx_audit_revision_details.data_content_type   'Structure model' 
_pdbx_audit_revision_details.provider            repository 
_pdbx_audit_revision_details.type                'Initial release' 
_pdbx_audit_revision_details.description         ? 
_pdbx_audit_revision_details.details             ? 
# 
loop_
_pdbx_audit_revision_group.ordinal 
_pdbx_audit_revision_group.revision_ordinal 
_pdbx_audit_revision_group.data_content_type 
_pdbx_audit_revision_group.group 
1 2 'Structure model' 'Database references'    
2 3 'Structure model' 'Refinement description' 
3 4 'Structure model' 'Data collection'        
4 4 'Structure model' 'Database references'    
5 4 'Structure model' 'Refinement description' 
# 
loop_
_pdbx_audit_revision_category.ordinal 
_pdbx_audit_revision_category.revision_ordinal 
_pdbx_audit_revision_category.data_content_type 
_pdbx_audit_revision_category.category 
1 3 'Structure model' software                      
2 4 'Structure model' chem_comp_atom                
3 4 'Structure model' chem_comp_bond                
4 4 'Structure model' database_2                    
5 4 'Structure model' pdbx_initial_refinement_model 
# 
loop_
_pdbx_audit_revision_item.ordinal 
_pdbx_audit_revision_item.revision_ordinal 
_pdbx_audit_revision_item.data_content_type 
_pdbx_audit_revision_item.item 
1  3 'Structure model' '_software.classification'            
2  3 'Structure model' '_software.contact_author'            
3  3 'Structure model' '_software.contact_author_email'      
4  3 'Structure model' '_software.date'                      
5  3 'Structure model' '_software.language'                  
6  3 'Structure model' '_software.location'                  
7  3 'Structure model' '_software.name'                      
8  3 'Structure model' '_software.type'                      
9  3 'Structure model' '_software.version'                   
10 4 'Structure model' '_database_2.pdbx_DOI'                
11 4 'Structure model' '_database_2.pdbx_database_accession' 
# 
_pdbx_phasing_MR.entry_id                     4IBN 
_pdbx_phasing_MR.method_rotation              ? 
_pdbx_phasing_MR.method_translation           ? 
_pdbx_phasing_MR.model_details                ? 
_pdbx_phasing_MR.R_factor                     ? 
_pdbx_phasing_MR.R_rigid_body                 ? 
_pdbx_phasing_MR.correlation_coeff_Fo_to_Fc   ? 
_pdbx_phasing_MR.correlation_coeff_Io_to_Ic   ? 
_pdbx_phasing_MR.d_res_high_rotation          1.880 
_pdbx_phasing_MR.d_res_low_rotation           40.630 
_pdbx_phasing_MR.d_res_high_translation       1.880 
_pdbx_phasing_MR.d_res_low_translation        40.630 
_pdbx_phasing_MR.packing                      ? 
_pdbx_phasing_MR.reflns_percent_rotation      ? 
_pdbx_phasing_MR.reflns_percent_translation   ? 
_pdbx_phasing_MR.sigma_F_rotation             ? 
_pdbx_phasing_MR.sigma_F_translation          ? 
_pdbx_phasing_MR.sigma_I_rotation             ? 
_pdbx_phasing_MR.sigma_I_translation          ? 
# 
_phasing.method   MR 
# 
loop_
_software.pdbx_ordinal 
_software.name 
_software.version 
_software.date 
_software.type 
_software.contact_author 
_software.contact_author_email 
_software.classification 
_software.location 
_software.language 
_software.citation_id 
1 DENZO       .    ?                package 'Zbyszek Otwinowski' hkl@hkl-xray.com         'data reduction'  
http://www.hkl-xray.com/                     ?          ? 
2 SCALEPACK   .    ?                package 'Zbyszek Otwinowski' hkl@hkl-xray.com         'data scaling'    
http://www.hkl-xray.com/                     ?          ? 
3 MOLREP      .    ?                program 'Alexei Vaguine'     alexei@ysbl.york.ac.uk   phasing           
http://www.ccp4.ac.uk/dist/html/molrep.html  Fortran_77 ? 
4 REFMAC      .    ?                program 'Garib N. Murshudov' garib@ysbl.york.ac.uk    refinement        
http://www.ccp4.ac.uk/dist/html/refmac5.html Fortran_77 ? 
5 PDB_EXTRACT 3.11 'April 22, 2011' package PDB                  deposit@deposit.rcsb.org 'data extraction' 
http://sw-tools.pdb.org/apps/PDB_EXTRACT/    C++        ? 
6 HKL-2000    .    ?                ?       ?                    ?                        'data collection' ? ?          ? 
# 
loop_
_pdbx_validate_torsion.id 
_pdbx_validate_torsion.PDB_model_num 
_pdbx_validate_torsion.auth_comp_id 
_pdbx_validate_torsion.auth_asym_id 
_pdbx_validate_torsion.auth_seq_id 
_pdbx_validate_torsion.PDB_ins_code 
_pdbx_validate_torsion.label_alt_id 
_pdbx_validate_torsion.phi 
_pdbx_validate_torsion.psi 
1 1 ARG A 106 ? ? -129.55 -61.88  
2 1 ASN A 137 ? ? 53.19   -123.69 
# 
loop_
_pdbx_unobs_or_zero_occ_residues.id 
_pdbx_unobs_or_zero_occ_residues.PDB_model_num 
_pdbx_unobs_or_zero_occ_residues.polymer_flag 
_pdbx_unobs_or_zero_occ_residues.occupancy_flag 
_pdbx_unobs_or_zero_occ_residues.auth_asym_id 
_pdbx_unobs_or_zero_occ_residues.auth_comp_id 
_pdbx_unobs_or_zero_occ_residues.auth_seq_id 
_pdbx_unobs_or_zero_occ_residues.PDB_ins_code 
_pdbx_unobs_or_zero_occ_residues.label_asym_id 
_pdbx_unobs_or_zero_occ_residues.label_comp_id 
_pdbx_unobs_or_zero_occ_residues.label_seq_id 
1 1 Y 1 A MET 1 ? A MET 1 
2 1 Y 1 A PRO 2 ? A PRO 2 
3 1 Y 1 A GLU 3 ? A GLU 3 
4 1 Y 1 A THR 4 ? A THR 4 
5 1 Y 1 A ARG 5 ? A ARG 5 
6 1 Y 1 A ARG 6 ? A ARG 6 
7 1 Y 1 A SER 7 ? A SER 7 
8 1 Y 1 A ALA 8 ? A ALA 8 
9 1 Y 1 A GLY 9 ? A GLY 9 
# 
loop_
_chem_comp_atom.comp_id 
_chem_comp_atom.atom_id 
_chem_comp_atom.type_symbol 
_chem_comp_atom.pdbx_aromatic_flag 
_chem_comp_atom.pdbx_stereo_config 
_chem_comp_atom.pdbx_ordinal 
ALA N    N N N 1   
ALA CA   C N S 2   
ALA C    C N N 3   
ALA O    O N N 4   
ALA CB   C N N 5   
ALA OXT  O N N 6   
ALA H    H N N 7   
ALA H2   H N N 8   
ALA HA   H N N 9   
ALA HB1  H N N 10  
ALA HB2  H N N 11  
ALA HB3  H N N 12  
ALA HXT  H N N 13  
ARG N    N N N 14  
ARG CA   C N S 15  
ARG C    C N N 16  
ARG O    O N N 17  
ARG CB   C N N 18  
ARG CG   C N N 19  
ARG CD   C N N 20  
ARG NE   N N N 21  
ARG CZ   C N N 22  
ARG NH1  N N N 23  
ARG NH2  N N N 24  
ARG OXT  O N N 25  
ARG H    H N N 26  
ARG H2   H N N 27  
ARG HA   H N N 28  
ARG HB2  H N N 29  
ARG HB3  H N N 30  
ARG HG2  H N N 31  
ARG HG3  H N N 32  
ARG HD2  H N N 33  
ARG HD3  H N N 34  
ARG HE   H N N 35  
ARG HH11 H N N 36  
ARG HH12 H N N 37  
ARG HH21 H N N 38  
ARG HH22 H N N 39  
ARG HXT  H N N 40  
ASN N    N N N 41  
ASN CA   C N S 42  
ASN C    C N N 43  
ASN O    O N N 44  
ASN CB   C N N 45  
ASN CG   C N N 46  
ASN OD1  O N N 47  
ASN ND2  N N N 48  
ASN OXT  O N N 49  
ASN H    H N N 50  
ASN H2   H N N 51  
ASN HA   H N N 52  
ASN HB2  H N N 53  
ASN HB3  H N N 54  
ASN HD21 H N N 55  
ASN HD22 H N N 56  
ASN HXT  H N N 57  
ASP N    N N N 58  
ASP CA   C N S 59  
ASP C    C N N 60  
ASP O    O N N 61  
ASP CB   C N N 62  
ASP CG   C N N 63  
ASP OD1  O N N 64  
ASP OD2  O N N 65  
ASP OXT  O N N 66  
ASP H    H N N 67  
ASP H2   H N N 68  
ASP HA   H N N 69  
ASP HB2  H N N 70  
ASP HB3  H N N 71  
ASP HD2  H N N 72  
ASP HXT  H N N 73  
CYS N    N N N 74  
CYS CA   C N R 75  
CYS C    C N N 76  
CYS O    O N N 77  
CYS CB   C N N 78  
CYS SG   S N N 79  
CYS OXT  O N N 80  
CYS H    H N N 81  
CYS H2   H N N 82  
CYS HA   H N N 83  
CYS HB2  H N N 84  
CYS HB3  H N N 85  
CYS HG   H N N 86  
CYS HXT  H N N 87  
GLN N    N N N 88  
GLN CA   C N S 89  
GLN C    C N N 90  
GLN O    O N N 91  
GLN CB   C N N 92  
GLN CG   C N N 93  
GLN CD   C N N 94  
GLN OE1  O N N 95  
GLN NE2  N N N 96  
GLN OXT  O N N 97  
GLN H    H N N 98  
GLN H2   H N N 99  
GLN HA   H N N 100 
GLN HB2  H N N 101 
GLN HB3  H N N 102 
GLN HG2  H N N 103 
GLN HG3  H N N 104 
GLN HE21 H N N 105 
GLN HE22 H N N 106 
GLN HXT  H N N 107 
GLU N    N N N 108 
GLU CA   C N S 109 
GLU C    C N N 110 
GLU O    O N N 111 
GLU CB   C N N 112 
GLU CG   C N N 113 
GLU CD   C N N 114 
GLU OE1  O N N 115 
GLU OE2  O N N 116 
GLU OXT  O N N 117 
GLU H    H N N 118 
GLU H2   H N N 119 
GLU HA   H N N 120 
GLU HB2  H N N 121 
GLU HB3  H N N 122 
GLU HG2  H N N 123 
GLU HG3  H N N 124 
GLU HE2  H N N 125 
GLU HXT  H N N 126 
GLY N    N N N 127 
GLY CA   C N N 128 
GLY C    C N N 129 
GLY O    O N N 130 
GLY OXT  O N N 131 
GLY H    H N N 132 
GLY H2   H N N 133 
GLY HA2  H N N 134 
GLY HA3  H N N 135 
GLY HXT  H N N 136 
HIS N    N N N 137 
HIS CA   C N S 138 
HIS C    C N N 139 
HIS O    O N N 140 
HIS CB   C N N 141 
HIS CG   C Y N 142 
HIS ND1  N Y N 143 
HIS CD2  C Y N 144 
HIS CE1  C Y N 145 
HIS NE2  N Y N 146 
HIS OXT  O N N 147 
HIS H    H N N 148 
HIS H2   H N N 149 
HIS HA   H N N 150 
HIS HB2  H N N 151 
HIS HB3  H N N 152 
HIS HD1  H N N 153 
HIS HD2  H N N 154 
HIS HE1  H N N 155 
HIS HE2  H N N 156 
HIS HXT  H N N 157 
HOH O    O N N 158 
HOH H1   H N N 159 
HOH H2   H N N 160 
ILE N    N N N 161 
ILE CA   C N S 162 
ILE C    C N N 163 
ILE O    O N N 164 
ILE CB   C N S 165 
ILE CG1  C N N 166 
ILE CG2  C N N 167 
ILE CD1  C N N 168 
ILE OXT  O N N 169 
ILE H    H N N 170 
ILE H2   H N N 171 
ILE HA   H N N 172 
ILE HB   H N N 173 
ILE HG12 H N N 174 
ILE HG13 H N N 175 
ILE HG21 H N N 176 
ILE HG22 H N N 177 
ILE HG23 H N N 178 
ILE HD11 H N N 179 
ILE HD12 H N N 180 
ILE HD13 H N N 181 
ILE HXT  H N N 182 
LEU N    N N N 183 
LEU CA   C N S 184 
LEU C    C N N 185 
LEU O    O N N 186 
LEU CB   C N N 187 
LEU CG   C N N 188 
LEU CD1  C N N 189 
LEU CD2  C N N 190 
LEU OXT  O N N 191 
LEU H    H N N 192 
LEU H2   H N N 193 
LEU HA   H N N 194 
LEU HB2  H N N 195 
LEU HB3  H N N 196 
LEU HG   H N N 197 
LEU HD11 H N N 198 
LEU HD12 H N N 199 
LEU HD13 H N N 200 
LEU HD21 H N N 201 
LEU HD22 H N N 202 
LEU HD23 H N N 203 
LEU HXT  H N N 204 
LYS N    N N N 205 
LYS CA   C N S 206 
LYS C    C N N 207 
LYS O    O N N 208 
LYS CB   C N N 209 
LYS CG   C N N 210 
LYS CD   C N N 211 
LYS CE   C N N 212 
LYS NZ   N N N 213 
LYS OXT  O N N 214 
LYS H    H N N 215 
LYS H2   H N N 216 
LYS HA   H N N 217 
LYS HB2  H N N 218 
LYS HB3  H N N 219 
LYS HG2  H N N 220 
LYS HG3  H N N 221 
LYS HD2  H N N 222 
LYS HD3  H N N 223 
LYS HE2  H N N 224 
LYS HE3  H N N 225 
LYS HZ1  H N N 226 
LYS HZ2  H N N 227 
LYS HZ3  H N N 228 
LYS HXT  H N N 229 
MET N    N N N 230 
MET CA   C N S 231 
MET C    C N N 232 
MET O    O N N 233 
MET CB   C N N 234 
MET CG   C N N 235 
MET SD   S N N 236 
MET CE   C N N 237 
MET OXT  O N N 238 
MET H    H N N 239 
MET H2   H N N 240 
MET HA   H N N 241 
MET HB2  H N N 242 
MET HB3  H N N 243 
MET HG2  H N N 244 
MET HG3  H N N 245 
MET HE1  H N N 246 
MET HE2  H N N 247 
MET HE3  H N N 248 
MET HXT  H N N 249 
PHE N    N N N 250 
PHE CA   C N S 251 
PHE C    C N N 252 
PHE O    O N N 253 
PHE CB   C N N 254 
PHE CG   C Y N 255 
PHE CD1  C Y N 256 
PHE CD2  C Y N 257 
PHE CE1  C Y N 258 
PHE CE2  C Y N 259 
PHE CZ   C Y N 260 
PHE OXT  O N N 261 
PHE H    H N N 262 
PHE H2   H N N 263 
PHE HA   H N N 264 
PHE HB2  H N N 265 
PHE HB3  H N N 266 
PHE HD1  H N N 267 
PHE HD2  H N N 268 
PHE HE1  H N N 269 
PHE HE2  H N N 270 
PHE HZ   H N N 271 
PHE HXT  H N N 272 
PRO N    N N N 273 
PRO CA   C N S 274 
PRO C    C N N 275 
PRO O    O N N 276 
PRO CB   C N N 277 
PRO CG   C N N 278 
PRO CD   C N N 279 
PRO OXT  O N N 280 
PRO H    H N N 281 
PRO HA   H N N 282 
PRO HB2  H N N 283 
PRO HB3  H N N 284 
PRO HG2  H N N 285 
PRO HG3  H N N 286 
PRO HD2  H N N 287 
PRO HD3  H N N 288 
PRO HXT  H N N 289 
SER N    N N N 290 
SER CA   C N S 291 
SER C    C N N 292 
SER O    O N N 293 
SER CB   C N N 294 
SER OG   O N N 295 
SER OXT  O N N 296 
SER H    H N N 297 
SER H2   H N N 298 
SER HA   H N N 299 
SER HB2  H N N 300 
SER HB3  H N N 301 
SER HG   H N N 302 
SER HXT  H N N 303 
THR N    N N N 304 
THR CA   C N S 305 
THR C    C N N 306 
THR O    O N N 307 
THR CB   C N R 308 
THR OG1  O N N 309 
THR CG2  C N N 310 
THR OXT  O N N 311 
THR H    H N N 312 
THR H2   H N N 313 
THR HA   H N N 314 
THR HB   H N N 315 
THR HG1  H N N 316 
THR HG21 H N N 317 
THR HG22 H N N 318 
THR HG23 H N N 319 
THR HXT  H N N 320 
TRP N    N N N 321 
TRP CA   C N S 322 
TRP C    C N N 323 
TRP O    O N N 324 
TRP CB   C N N 325 
TRP CG   C Y N 326 
TRP CD1  C Y N 327 
TRP CD2  C Y N 328 
TRP NE1  N Y N 329 
TRP CE2  C Y N 330 
TRP CE3  C Y N 331 
TRP CZ2  C Y N 332 
TRP CZ3  C Y N 333 
TRP CH2  C Y N 334 
TRP OXT  O N N 335 
TRP H    H N N 336 
TRP H2   H N N 337 
TRP HA   H N N 338 
TRP HB2  H N N 339 
TRP HB3  H N N 340 
TRP HD1  H N N 341 
TRP HE1  H N N 342 
TRP HE3  H N N 343 
TRP HZ2  H N N 344 
TRP HZ3  H N N 345 
TRP HH2  H N N 346 
TRP HXT  H N N 347 
TYR N    N N N 348 
TYR CA   C N S 349 
TYR C    C N N 350 
TYR O    O N N 351 
TYR CB   C N N 352 
TYR CG   C Y N 353 
TYR CD1  C Y N 354 
TYR CD2  C Y N 355 
TYR CE1  C Y N 356 
TYR CE2  C Y N 357 
TYR CZ   C Y N 358 
TYR OH   O N N 359 
TYR OXT  O N N 360 
TYR H    H N N 361 
TYR H2   H N N 362 
TYR HA   H N N 363 
TYR HB2  H N N 364 
TYR HB3  H N N 365 
TYR HD1  H N N 366 
TYR HD2  H N N 367 
TYR HE1  H N N 368 
TYR HE2  H N N 369 
TYR HH   H N N 370 
TYR HXT  H N N 371 
VAL N    N N N 372 
VAL CA   C N S 373 
VAL C    C N N 374 
VAL O    O N N 375 
VAL CB   C N N 376 
VAL CG1  C N N 377 
VAL CG2  C N N 378 
VAL OXT  O N N 379 
VAL H    H N N 380 
VAL H2   H N N 381 
VAL HA   H N N 382 
VAL HB   H N N 383 
VAL HG11 H N N 384 
VAL HG12 H N N 385 
VAL HG13 H N N 386 
VAL HG21 H N N 387 
VAL HG22 H N N 388 
VAL HG23 H N N 389 
VAL HXT  H N N 390 
# 
loop_
_chem_comp_bond.comp_id 
_chem_comp_bond.atom_id_1 
_chem_comp_bond.atom_id_2 
_chem_comp_bond.value_order 
_chem_comp_bond.pdbx_aromatic_flag 
_chem_comp_bond.pdbx_stereo_config 
_chem_comp_bond.pdbx_ordinal 
ALA N   CA   sing N N 1   
ALA N   H    sing N N 2   
ALA N   H2   sing N N 3   
ALA CA  C    sing N N 4   
ALA CA  CB   sing N N 5   
ALA CA  HA   sing N N 6   
ALA C   O    doub N N 7   
ALA C   OXT  sing N N 8   
ALA CB  HB1  sing N N 9   
ALA CB  HB2  sing N N 10  
ALA CB  HB3  sing N N 11  
ALA OXT HXT  sing N N 12  
ARG N   CA   sing N N 13  
ARG N   H    sing N N 14  
ARG N   H2   sing N N 15  
ARG CA  C    sing N N 16  
ARG CA  CB   sing N N 17  
ARG CA  HA   sing N N 18  
ARG C   O    doub N N 19  
ARG C   OXT  sing N N 20  
ARG CB  CG   sing N N 21  
ARG CB  HB2  sing N N 22  
ARG CB  HB3  sing N N 23  
ARG CG  CD   sing N N 24  
ARG CG  HG2  sing N N 25  
ARG CG  HG3  sing N N 26  
ARG CD  NE   sing N N 27  
ARG CD  HD2  sing N N 28  
ARG CD  HD3  sing N N 29  
ARG NE  CZ   sing N N 30  
ARG NE  HE   sing N N 31  
ARG CZ  NH1  sing N N 32  
ARG CZ  NH2  doub N N 33  
ARG NH1 HH11 sing N N 34  
ARG NH1 HH12 sing N N 35  
ARG NH2 HH21 sing N N 36  
ARG NH2 HH22 sing N N 37  
ARG OXT HXT  sing N N 38  
ASN N   CA   sing N N 39  
ASN N   H    sing N N 40  
ASN N   H2   sing N N 41  
ASN CA  C    sing N N 42  
ASN CA  CB   sing N N 43  
ASN CA  HA   sing N N 44  
ASN C   O    doub N N 45  
ASN C   OXT  sing N N 46  
ASN CB  CG   sing N N 47  
ASN CB  HB2  sing N N 48  
ASN CB  HB3  sing N N 49  
ASN CG  OD1  doub N N 50  
ASN CG  ND2  sing N N 51  
ASN ND2 HD21 sing N N 52  
ASN ND2 HD22 sing N N 53  
ASN OXT HXT  sing N N 54  
ASP N   CA   sing N N 55  
ASP N   H    sing N N 56  
ASP N   H2   sing N N 57  
ASP CA  C    sing N N 58  
ASP CA  CB   sing N N 59  
ASP CA  HA   sing N N 60  
ASP C   O    doub N N 61  
ASP C   OXT  sing N N 62  
ASP CB  CG   sing N N 63  
ASP CB  HB2  sing N N 64  
ASP CB  HB3  sing N N 65  
ASP CG  OD1  doub N N 66  
ASP CG  OD2  sing N N 67  
ASP OD2 HD2  sing N N 68  
ASP OXT HXT  sing N N 69  
CYS N   CA   sing N N 70  
CYS N   H    sing N N 71  
CYS N   H2   sing N N 72  
CYS CA  C    sing N N 73  
CYS CA  CB   sing N N 74  
CYS CA  HA   sing N N 75  
CYS C   O    doub N N 76  
CYS C   OXT  sing N N 77  
CYS CB  SG   sing N N 78  
CYS CB  HB2  sing N N 79  
CYS CB  HB3  sing N N 80  
CYS SG  HG   sing N N 81  
CYS OXT HXT  sing N N 82  
GLN N   CA   sing N N 83  
GLN N   H    sing N N 84  
GLN N   H2   sing N N 85  
GLN CA  C    sing N N 86  
GLN CA  CB   sing N N 87  
GLN CA  HA   sing N N 88  
GLN C   O    doub N N 89  
GLN C   OXT  sing N N 90  
GLN CB  CG   sing N N 91  
GLN CB  HB2  sing N N 92  
GLN CB  HB3  sing N N 93  
GLN CG  CD   sing N N 94  
GLN CG  HG2  sing N N 95  
GLN CG  HG3  sing N N 96  
GLN CD  OE1  doub N N 97  
GLN CD  NE2  sing N N 98  
GLN NE2 HE21 sing N N 99  
GLN NE2 HE22 sing N N 100 
GLN OXT HXT  sing N N 101 
GLU N   CA   sing N N 102 
GLU N   H    sing N N 103 
GLU N   H2   sing N N 104 
GLU CA  C    sing N N 105 
GLU CA  CB   sing N N 106 
GLU CA  HA   sing N N 107 
GLU C   O    doub N N 108 
GLU C   OXT  sing N N 109 
GLU CB  CG   sing N N 110 
GLU CB  HB2  sing N N 111 
GLU CB  HB3  sing N N 112 
GLU CG  CD   sing N N 113 
GLU CG  HG2  sing N N 114 
GLU CG  HG3  sing N N 115 
GLU CD  OE1  doub N N 116 
GLU CD  OE2  sing N N 117 
GLU OE2 HE2  sing N N 118 
GLU OXT HXT  sing N N 119 
GLY N   CA   sing N N 120 
GLY N   H    sing N N 121 
GLY N   H2   sing N N 122 
GLY CA  C    sing N N 123 
GLY CA  HA2  sing N N 124 
GLY CA  HA3  sing N N 125 
GLY C   O    doub N N 126 
GLY C   OXT  sing N N 127 
GLY OXT HXT  sing N N 128 
HIS N   CA   sing N N 129 
HIS N   H    sing N N 130 
HIS N   H2   sing N N 131 
HIS CA  C    sing N N 132 
HIS CA  CB   sing N N 133 
HIS CA  HA   sing N N 134 
HIS C   O    doub N N 135 
HIS C   OXT  sing N N 136 
HIS CB  CG   sing N N 137 
HIS CB  HB2  sing N N 138 
HIS CB  HB3  sing N N 139 
HIS CG  ND1  sing Y N 140 
HIS CG  CD2  doub Y N 141 
HIS ND1 CE1  doub Y N 142 
HIS ND1 HD1  sing N N 143 
HIS CD2 NE2  sing Y N 144 
HIS CD2 HD2  sing N N 145 
HIS CE1 NE2  sing Y N 146 
HIS CE1 HE1  sing N N 147 
HIS NE2 HE2  sing N N 148 
HIS OXT HXT  sing N N 149 
HOH O   H1   sing N N 150 
HOH O   H2   sing N N 151 
ILE N   CA   sing N N 152 
ILE N   H    sing N N 153 
ILE N   H2   sing N N 154 
ILE CA  C    sing N N 155 
ILE CA  CB   sing N N 156 
ILE CA  HA   sing N N 157 
ILE C   O    doub N N 158 
ILE C   OXT  sing N N 159 
ILE CB  CG1  sing N N 160 
ILE CB  CG2  sing N N 161 
ILE CB  HB   sing N N 162 
ILE CG1 CD1  sing N N 163 
ILE CG1 HG12 sing N N 164 
ILE CG1 HG13 sing N N 165 
ILE CG2 HG21 sing N N 166 
ILE CG2 HG22 sing N N 167 
ILE CG2 HG23 sing N N 168 
ILE CD1 HD11 sing N N 169 
ILE CD1 HD12 sing N N 170 
ILE CD1 HD13 sing N N 171 
ILE OXT HXT  sing N N 172 
LEU N   CA   sing N N 173 
LEU N   H    sing N N 174 
LEU N   H2   sing N N 175 
LEU CA  C    sing N N 176 
LEU CA  CB   sing N N 177 
LEU CA  HA   sing N N 178 
LEU C   O    doub N N 179 
LEU C   OXT  sing N N 180 
LEU CB  CG   sing N N 181 
LEU CB  HB2  sing N N 182 
LEU CB  HB3  sing N N 183 
LEU CG  CD1  sing N N 184 
LEU CG  CD2  sing N N 185 
LEU CG  HG   sing N N 186 
LEU CD1 HD11 sing N N 187 
LEU CD1 HD12 sing N N 188 
LEU CD1 HD13 sing N N 189 
LEU CD2 HD21 sing N N 190 
LEU CD2 HD22 sing N N 191 
LEU CD2 HD23 sing N N 192 
LEU OXT HXT  sing N N 193 
LYS N   CA   sing N N 194 
LYS N   H    sing N N 195 
LYS N   H2   sing N N 196 
LYS CA  C    sing N N 197 
LYS CA  CB   sing N N 198 
LYS CA  HA   sing N N 199 
LYS C   O    doub N N 200 
LYS C   OXT  sing N N 201 
LYS CB  CG   sing N N 202 
LYS CB  HB2  sing N N 203 
LYS CB  HB3  sing N N 204 
LYS CG  CD   sing N N 205 
LYS CG  HG2  sing N N 206 
LYS CG  HG3  sing N N 207 
LYS CD  CE   sing N N 208 
LYS CD  HD2  sing N N 209 
LYS CD  HD3  sing N N 210 
LYS CE  NZ   sing N N 211 
LYS CE  HE2  sing N N 212 
LYS CE  HE3  sing N N 213 
LYS NZ  HZ1  sing N N 214 
LYS NZ  HZ2  sing N N 215 
LYS NZ  HZ3  sing N N 216 
LYS OXT HXT  sing N N 217 
MET N   CA   sing N N 218 
MET N   H    sing N N 219 
MET N   H2   sing N N 220 
MET CA  C    sing N N 221 
MET CA  CB   sing N N 222 
MET CA  HA   sing N N 223 
MET C   O    doub N N 224 
MET C   OXT  sing N N 225 
MET CB  CG   sing N N 226 
MET CB  HB2  sing N N 227 
MET CB  HB3  sing N N 228 
MET CG  SD   sing N N 229 
MET CG  HG2  sing N N 230 
MET CG  HG3  sing N N 231 
MET SD  CE   sing N N 232 
MET CE  HE1  sing N N 233 
MET CE  HE2  sing N N 234 
MET CE  HE3  sing N N 235 
MET OXT HXT  sing N N 236 
PHE N   CA   sing N N 237 
PHE N   H    sing N N 238 
PHE N   H2   sing N N 239 
PHE CA  C    sing N N 240 
PHE CA  CB   sing N N 241 
PHE CA  HA   sing N N 242 
PHE C   O    doub N N 243 
PHE C   OXT  sing N N 244 
PHE CB  CG   sing N N 245 
PHE CB  HB2  sing N N 246 
PHE CB  HB3  sing N N 247 
PHE CG  CD1  doub Y N 248 
PHE CG  CD2  sing Y N 249 
PHE CD1 CE1  sing Y N 250 
PHE CD1 HD1  sing N N 251 
PHE CD2 CE2  doub Y N 252 
PHE CD2 HD2  sing N N 253 
PHE CE1 CZ   doub Y N 254 
PHE CE1 HE1  sing N N 255 
PHE CE2 CZ   sing Y N 256 
PHE CE2 HE2  sing N N 257 
PHE CZ  HZ   sing N N 258 
PHE OXT HXT  sing N N 259 
PRO N   CA   sing N N 260 
PRO N   CD   sing N N 261 
PRO N   H    sing N N 262 
PRO CA  C    sing N N 263 
PRO CA  CB   sing N N 264 
PRO CA  HA   sing N N 265 
PRO C   O    doub N N 266 
PRO C   OXT  sing N N 267 
PRO CB  CG   sing N N 268 
PRO CB  HB2  sing N N 269 
PRO CB  HB3  sing N N 270 
PRO CG  CD   sing N N 271 
PRO CG  HG2  sing N N 272 
PRO CG  HG3  sing N N 273 
PRO CD  HD2  sing N N 274 
PRO CD  HD3  sing N N 275 
PRO OXT HXT  sing N N 276 
SER N   CA   sing N N 277 
SER N   H    sing N N 278 
SER N   H2   sing N N 279 
SER CA  C    sing N N 280 
SER CA  CB   sing N N 281 
SER CA  HA   sing N N 282 
SER C   O    doub N N 283 
SER C   OXT  sing N N 284 
SER CB  OG   sing N N 285 
SER CB  HB2  sing N N 286 
SER CB  HB3  sing N N 287 
SER OG  HG   sing N N 288 
SER OXT HXT  sing N N 289 
THR N   CA   sing N N 290 
THR N   H    sing N N 291 
THR N   H2   sing N N 292 
THR CA  C    sing N N 293 
THR CA  CB   sing N N 294 
THR CA  HA   sing N N 295 
THR C   O    doub N N 296 
THR C   OXT  sing N N 297 
THR CB  OG1  sing N N 298 
THR CB  CG2  sing N N 299 
THR CB  HB   sing N N 300 
THR OG1 HG1  sing N N 301 
THR CG2 HG21 sing N N 302 
THR CG2 HG22 sing N N 303 
THR CG2 HG23 sing N N 304 
THR OXT HXT  sing N N 305 
TRP N   CA   sing N N 306 
TRP N   H    sing N N 307 
TRP N   H2   sing N N 308 
TRP CA  C    sing N N 309 
TRP CA  CB   sing N N 310 
TRP CA  HA   sing N N 311 
TRP C   O    doub N N 312 
TRP C   OXT  sing N N 313 
TRP CB  CG   sing N N 314 
TRP CB  HB2  sing N N 315 
TRP CB  HB3  sing N N 316 
TRP CG  CD1  doub Y N 317 
TRP CG  CD2  sing Y N 318 
TRP CD1 NE1  sing Y N 319 
TRP CD1 HD1  sing N N 320 
TRP CD2 CE2  doub Y N 321 
TRP CD2 CE3  sing Y N 322 
TRP NE1 CE2  sing Y N 323 
TRP NE1 HE1  sing N N 324 
TRP CE2 CZ2  sing Y N 325 
TRP CE3 CZ3  doub Y N 326 
TRP CE3 HE3  sing N N 327 
TRP CZ2 CH2  doub Y N 328 
TRP CZ2 HZ2  sing N N 329 
TRP CZ3 CH2  sing Y N 330 
TRP CZ3 HZ3  sing N N 331 
TRP CH2 HH2  sing N N 332 
TRP OXT HXT  sing N N 333 
TYR N   CA   sing N N 334 
TYR N   H    sing N N 335 
TYR N   H2   sing N N 336 
TYR CA  C    sing N N 337 
TYR CA  CB   sing N N 338 
TYR CA  HA   sing N N 339 
TYR C   O    doub N N 340 
TYR C   OXT  sing N N 341 
TYR CB  CG   sing N N 342 
TYR CB  HB2  sing N N 343 
TYR CB  HB3  sing N N 344 
TYR CG  CD1  doub Y N 345 
TYR CG  CD2  sing Y N 346 
TYR CD1 CE1  sing Y N 347 
TYR CD1 HD1  sing N N 348 
TYR CD2 CE2  doub Y N 349 
TYR CD2 HD2  sing N N 350 
TYR CE1 CZ   doub Y N 351 
TYR CE1 HE1  sing N N 352 
TYR CE2 CZ   sing Y N 353 
TYR CE2 HE2  sing N N 354 
TYR CZ  OH   sing N N 355 
TYR OH  HH   sing N N 356 
TYR OXT HXT  sing N N 357 
VAL N   CA   sing N N 358 
VAL N   H    sing N N 359 
VAL N   H2   sing N N 360 
VAL CA  C    sing N N 361 
VAL CA  CB   sing N N 362 
VAL CA  HA   sing N N 363 
VAL C   O    doub N N 364 
VAL C   OXT  sing N N 365 
VAL CB  CG1  sing N N 366 
VAL CB  CG2  sing N N 367 
VAL CB  HB   sing N N 368 
VAL CG1 HG11 sing N N 369 
VAL CG1 HG12 sing N N 370 
VAL CG1 HG13 sing N N 371 
VAL CG2 HG21 sing N N 372 
VAL CG2 HG22 sing N N 373 
VAL CG2 HG23 sing N N 374 
VAL OXT HXT  sing N N 375 
# 
_pdbx_entity_nonpoly.entity_id   2 
_pdbx_entity_nonpoly.name        water 
_pdbx_entity_nonpoly.comp_id     HOH 
# 
_pdbx_initial_refinement_model.id               1 
_pdbx_initial_refinement_model.entity_id_list   ? 
_pdbx_initial_refinement_model.type             'experimental model' 
_pdbx_initial_refinement_model.source_name      PDB 
_pdbx_initial_refinement_model.accession_code   2EHG 
_pdbx_initial_refinement_model.details          ? 
# 
